data_9IJL
#
_entry.id   9IJL
#
_cell.length_a   67.180
_cell.length_b   79.278
_cell.length_c   92.210
_cell.angle_alpha   97.20
_cell.angle_beta   108.43
_cell.angle_gamma   113.01
#
_symmetry.space_group_name_H-M   'P 1'
#
loop_
_entity.id
_entity.type
_entity.pdbx_description
1 polymer 'Branched-chain amino acid aminotransferase'
2 water water
#
_entity_poly.entity_id   1
_entity_poly.type   'polypeptide(L)'
_entity_poly.pdbx_seq_one_letter_code
;MSTGTSNLVAVEPGAIREDTPPGSVIQYSDYELDHSSPFAGGVAWIEGEFLPAEDAKISIFDTGFGHSDLTYTVAHVWHG
NIFRLGDHLDRLLDGARKLRLDAGYTKDELADITKQCVSMSQLRESFVNLTVTRGYGKRRGEKDLSKLTHQVYIYAIPYL
WAFPPAEQIFGTTAIVPRHVRRAGRNTVDPTI(LLP)NYQWGDLTAASFEAKDRGARTAILLDSDNCVAEGPGFNVCIVK
DGKLASPSRNALPGITRKTVFEIADQMGIEATLRDVTSHELYDADELMAVTTAGGVTPINSLDGEAIGNGAPGPMTVAIR
DRFWALMDEPGPLIEAIEY
;
_entity_poly.pdbx_strand_id   A,B,C,D
#
# COMPACT_ATOMS: atom_id res chain seq x y z
N THR A 3 -17.17 -25.16 -1.61
CA THR A 3 -18.52 -25.01 -1.01
C THR A 3 -18.63 -23.62 -0.40
N GLY A 4 -19.66 -23.40 0.43
CA GLY A 4 -19.90 -22.09 1.04
C GLY A 4 -19.26 -21.98 2.41
N THR A 5 -18.51 -23.01 2.83
CA THR A 5 -17.99 -23.00 4.22
C THR A 5 -16.49 -22.78 4.27
N SER A 6 -16.05 -21.77 5.04
CA SER A 6 -14.61 -21.46 5.27
C SER A 6 -14.01 -22.38 6.33
N ASN A 7 -12.68 -22.40 6.45
CA ASN A 7 -12.04 -23.16 7.55
C ASN A 7 -12.20 -22.45 8.91
N LEU A 8 -12.89 -21.31 8.98
CA LEU A 8 -13.08 -20.64 10.26
C LEU A 8 -14.21 -21.26 11.07
N VAL A 9 -13.99 -21.34 12.37
CA VAL A 9 -15.01 -21.91 13.25
C VAL A 9 -16.25 -21.03 13.20
N ALA A 10 -17.43 -21.66 13.13
CA ALA A 10 -18.70 -20.91 13.22
C ALA A 10 -18.89 -20.42 14.65
N VAL A 11 -19.12 -19.10 14.82
CA VAL A 11 -19.37 -18.41 16.13
C VAL A 11 -20.84 -18.37 16.56
N GLU A 12 -21.27 -19.43 17.23
CA GLU A 12 -22.64 -19.66 17.63
C GLU A 12 -22.68 -20.74 18.71
N PRO A 13 -23.83 -21.01 19.30
CA PRO A 13 -23.74 -21.93 20.41
C PRO A 13 -23.53 -23.32 19.87
N GLY A 14 -22.60 -24.05 20.46
CA GLY A 14 -22.17 -25.37 20.06
C GLY A 14 -22.12 -26.38 21.19
N ALA A 15 -21.34 -27.48 21.08
CA ALA A 15 -21.47 -28.45 22.16
C ALA A 15 -20.80 -27.94 23.44
N ILE A 16 -21.09 -28.61 24.56
CA ILE A 16 -20.52 -28.23 25.85
C ILE A 16 -19.13 -28.81 26.06
N ARG A 17 -18.84 -29.95 25.44
CA ARG A 17 -17.56 -30.63 25.54
C ARG A 17 -17.17 -31.20 24.19
N GLU A 18 -15.87 -31.44 24.07
CA GLU A 18 -15.25 -31.86 22.84
C GLU A 18 -14.04 -32.71 23.24
N ASP A 19 -13.69 -33.66 22.39
CA ASP A 19 -12.56 -34.53 22.71
C ASP A 19 -11.28 -33.72 22.74
N THR A 20 -10.41 -34.03 23.70
CA THR A 20 -9.09 -33.43 23.78
C THR A 20 -8.06 -34.54 23.94
N PRO A 21 -6.82 -34.34 23.51
CA PRO A 21 -5.84 -35.46 23.55
C PRO A 21 -5.60 -35.93 24.97
N PRO A 22 -5.70 -37.24 25.23
CA PRO A 22 -5.56 -37.74 26.60
C PRO A 22 -4.18 -37.50 27.16
N GLY A 23 -4.13 -37.06 28.41
CA GLY A 23 -2.87 -36.72 29.05
C GLY A 23 -2.31 -35.37 28.67
N SER A 24 -2.93 -34.66 27.73
CA SER A 24 -2.49 -33.33 27.31
C SER A 24 -2.86 -32.27 28.34
N VAL A 25 -2.27 -31.10 28.19
CA VAL A 25 -2.53 -29.99 29.10
C VAL A 25 -3.96 -29.46 28.97
N ILE A 26 -4.69 -29.86 27.93
CA ILE A 26 -6.04 -29.37 27.69
C ILE A 26 -7.06 -30.43 28.06
N GLN A 27 -7.82 -30.16 29.13
CA GLN A 27 -8.90 -31.08 29.54
C GLN A 27 -10.12 -30.26 29.98
N TYR A 28 -11.27 -30.63 29.48
CA TYR A 28 -12.53 -30.02 29.90
C TYR A 28 -12.88 -30.48 31.33
N SER A 29 -13.84 -29.79 31.90
CA SER A 29 -14.34 -30.08 33.23
C SER A 29 -15.35 -31.21 33.12
N ASP A 30 -15.53 -31.96 34.21
CA ASP A 30 -16.53 -33.00 34.31
C ASP A 30 -17.71 -32.47 35.10
N TYR A 31 -18.84 -32.36 34.44
CA TYR A 31 -20.06 -31.84 34.95
C TYR A 31 -21.09 -32.02 33.85
N GLU A 32 -22.30 -31.60 34.29
CA GLU A 32 -23.61 -31.57 33.60
C GLU A 32 -24.40 -30.31 33.80
N LEU A 33 -25.21 -30.00 32.82
CA LEU A 33 -26.09 -28.87 32.86
C LEU A 33 -27.45 -29.31 33.35
N ASP A 34 -27.98 -28.54 34.22
CA ASP A 34 -29.33 -28.76 34.60
C ASP A 34 -30.25 -28.07 33.67
N HIS A 35 -30.84 -28.85 32.80
CA HIS A 35 -31.69 -28.35 31.74
C HIS A 35 -33.06 -27.95 32.26
N SER A 36 -33.25 -27.97 33.58
CA SER A 36 -34.44 -27.34 34.16
C SER A 36 -34.41 -25.85 33.92
N SER A 37 -33.21 -25.29 33.84
CA SER A 37 -33.07 -23.87 33.51
C SER A 37 -33.09 -23.70 31.98
N PRO A 38 -33.87 -22.74 31.47
CA PRO A 38 -33.80 -22.47 30.03
C PRO A 38 -32.44 -21.89 29.66
N PHE A 39 -31.72 -21.32 30.61
CA PHE A 39 -30.43 -20.73 30.26
C PHE A 39 -29.29 -21.72 30.10
N ALA A 40 -29.34 -22.89 30.74
CA ALA A 40 -28.15 -23.74 30.75
C ALA A 40 -27.68 -24.01 29.34
N GLY A 41 -26.36 -23.84 29.12
CA GLY A 41 -25.77 -24.07 27.82
C GLY A 41 -25.45 -22.81 27.03
N GLY A 42 -26.16 -21.70 27.25
CA GLY A 42 -25.79 -20.43 26.65
C GLY A 42 -26.68 -19.28 27.13
N VAL A 43 -26.09 -18.13 27.51
CA VAL A 43 -26.89 -16.98 27.94
C VAL A 43 -26.44 -15.77 27.11
N ALA A 44 -27.42 -14.99 26.62
CA ALA A 44 -27.16 -13.76 25.89
C ALA A 44 -27.84 -12.60 26.60
N TRP A 45 -27.13 -11.47 26.72
CA TRP A 45 -27.67 -10.26 27.31
C TRP A 45 -27.76 -9.19 26.24
N ILE A 46 -28.97 -8.89 25.79
CA ILE A 46 -29.23 -7.95 24.72
C ILE A 46 -30.30 -7.00 25.24
N GLU A 47 -30.01 -5.70 25.24
CA GLU A 47 -30.99 -4.69 25.68
C GLU A 47 -31.42 -4.88 27.13
N GLY A 48 -30.46 -5.17 28.00
CA GLY A 48 -30.72 -5.25 29.42
C GLY A 48 -31.48 -6.49 29.84
N GLU A 49 -31.85 -7.36 28.89
CA GLU A 49 -32.64 -8.55 29.17
C GLU A 49 -31.86 -9.83 28.83
N PHE A 50 -31.79 -10.80 29.71
CA PHE A 50 -31.14 -12.07 29.42
C PHE A 50 -32.04 -12.98 28.59
N LEU A 51 -31.50 -13.81 27.75
CA LEU A 51 -32.28 -14.70 26.93
C LEU A 51 -31.55 -15.98 26.59
N PRO A 52 -32.25 -17.07 26.39
CA PRO A 52 -31.55 -18.28 25.97
C PRO A 52 -30.83 -18.01 24.65
N ALA A 53 -29.61 -18.50 24.46
CA ALA A 53 -28.85 -18.08 23.33
C ALA A 53 -29.55 -18.41 22.05
N GLU A 54 -30.25 -19.53 22.03
CA GLU A 54 -31.00 -19.88 20.86
C GLU A 54 -31.90 -18.77 20.42
N ASP A 55 -32.31 -17.90 21.33
CA ASP A 55 -33.26 -16.87 20.95
C ASP A 55 -32.64 -15.51 20.71
N ALA A 56 -31.36 -15.38 21.00
CA ALA A 56 -30.65 -14.09 20.94
C ALA A 56 -30.71 -13.48 19.54
N LYS A 57 -31.30 -12.27 19.45
CA LYS A 57 -31.53 -11.58 18.20
C LYS A 57 -31.26 -10.09 18.39
N ILE A 58 -30.88 -9.42 17.30
CA ILE A 58 -30.64 -7.97 17.31
C ILE A 58 -31.41 -7.34 16.16
N SER A 59 -31.70 -6.04 16.29
CA SER A 59 -32.39 -5.34 15.23
C SER A 59 -31.54 -5.36 13.97
N ILE A 60 -32.16 -5.70 12.84
CA ILE A 60 -31.49 -5.67 11.55
C ILE A 60 -31.01 -4.26 11.21
N PHE A 61 -31.58 -3.24 11.88
CA PHE A 61 -31.24 -1.83 11.63
C PHE A 61 -30.11 -1.29 12.51
N ASP A 62 -29.54 -2.11 13.41
CA ASP A 62 -28.37 -1.71 14.20
C ASP A 62 -27.22 -1.37 13.25
N THR A 63 -26.60 -0.18 13.44
CA THR A 63 -25.47 0.25 12.60
C THR A 63 -24.28 -0.69 12.74
N GLY A 64 -24.23 -1.44 13.84
CA GLY A 64 -23.24 -2.50 13.98
C GLY A 64 -23.39 -3.59 12.93
N PHE A 65 -24.59 -3.75 12.37
CA PHE A 65 -24.75 -4.65 11.24
C PHE A 65 -24.44 -3.92 9.93
N GLY A 66 -25.24 -2.89 9.59
CA GLY A 66 -25.14 -2.32 8.26
C GLY A 66 -23.82 -1.63 7.94
N HIS A 67 -23.12 -1.11 8.96
CA HIS A 67 -21.80 -0.51 8.72
C HIS A 67 -20.73 -1.24 9.50
N SER A 68 -21.08 -2.37 10.17
CA SER A 68 -20.11 -3.05 11.04
C SER A 68 -19.43 -2.05 11.98
N ASP A 69 -20.21 -1.08 12.46
CA ASP A 69 -19.70 0.01 13.26
C ASP A 69 -19.74 -0.40 14.72
N LEU A 70 -18.65 -1.05 15.17
CA LEU A 70 -18.61 -1.63 16.51
C LEU A 70 -17.18 -2.04 16.82
N THR A 71 -16.92 -2.38 18.10
CA THR A 71 -15.77 -3.16 18.52
C THR A 71 -16.25 -4.22 19.50
N TYR A 72 -15.39 -5.18 19.82
CA TYR A 72 -15.80 -6.30 20.67
C TYR A 72 -14.58 -6.90 21.30
N THR A 73 -14.79 -7.75 22.31
CA THR A 73 -13.69 -8.55 22.82
C THR A 73 -14.25 -9.92 23.19
N VAL A 74 -13.36 -10.90 23.27
CA VAL A 74 -13.74 -12.25 23.67
C VAL A 74 -12.82 -12.66 24.80
N ALA A 75 -13.40 -13.14 25.89
CA ALA A 75 -12.66 -13.75 26.99
C ALA A 75 -13.11 -15.20 27.09
N HIS A 76 -12.23 -16.06 27.59
CA HIS A 76 -12.59 -17.45 27.81
C HIS A 76 -12.68 -17.73 29.30
N VAL A 77 -13.55 -18.69 29.63
CA VAL A 77 -13.63 -19.31 30.94
C VAL A 77 -13.10 -20.73 30.79
N TRP A 78 -12.20 -21.12 31.66
CA TRP A 78 -11.64 -22.46 31.69
C TRP A 78 -11.67 -22.94 33.13
N HIS A 79 -12.22 -24.15 33.34
CA HIS A 79 -12.25 -24.75 34.69
C HIS A 79 -12.97 -23.82 35.67
N GLY A 80 -13.98 -23.13 35.16
CA GLY A 80 -14.79 -22.20 35.93
C GLY A 80 -14.13 -20.87 36.23
N ASN A 81 -12.98 -20.59 35.65
CA ASN A 81 -12.22 -19.39 35.94
C ASN A 81 -12.19 -18.53 34.69
N ILE A 82 -12.55 -17.27 34.83
CA ILE A 82 -12.45 -16.32 33.72
C ILE A 82 -11.05 -15.75 33.69
N PHE A 83 -10.49 -15.58 32.48
CA PHE A 83 -9.09 -15.23 32.32
C PHE A 83 -8.99 -13.77 31.88
N ARG A 84 -8.27 -12.96 32.65
CA ARG A 84 -7.93 -11.56 32.30
C ARG A 84 -9.14 -10.73 31.90
N LEU A 85 -10.25 -10.90 32.63
CA LEU A 85 -11.46 -10.16 32.25
C LEU A 85 -11.21 -8.65 32.30
N GLY A 86 -10.43 -8.19 33.28
CA GLY A 86 -10.17 -6.77 33.42
C GLY A 86 -9.39 -6.21 32.25
N ASP A 87 -8.40 -6.96 31.78
CA ASP A 87 -7.63 -6.53 30.60
C ASP A 87 -8.54 -6.45 29.37
N HIS A 88 -9.47 -7.40 29.24
CA HIS A 88 -10.42 -7.39 28.12
C HIS A 88 -11.35 -6.20 28.22
N LEU A 89 -11.85 -5.91 29.42
CA LEU A 89 -12.70 -4.74 29.58
C LEU A 89 -11.92 -3.47 29.29
N ASP A 90 -10.67 -3.38 29.73
CA ASP A 90 -9.87 -2.20 29.42
C ASP A 90 -9.71 -2.02 27.91
N ARG A 91 -9.41 -3.12 27.19
CA ARG A 91 -9.22 -3.05 25.75
C ARG A 91 -10.51 -2.67 25.05
N LEU A 92 -11.62 -3.29 25.46
CA LEU A 92 -12.90 -3.04 24.83
C LEU A 92 -13.30 -1.58 24.98
N LEU A 93 -13.17 -1.06 26.20
CA LEU A 93 -13.53 0.33 26.47
C LEU A 93 -12.58 1.29 25.75
N ASP A 94 -11.30 0.95 25.66
CA ASP A 94 -10.35 1.82 24.95
C ASP A 94 -10.67 1.89 23.46
N GLY A 95 -11.00 0.73 22.86
CA GLY A 95 -11.41 0.72 21.47
C GLY A 95 -12.73 1.45 21.22
N ALA A 96 -13.69 1.29 22.12
CA ALA A 96 -14.95 2.01 21.97
C ALA A 96 -14.70 3.52 21.99
N ARG A 97 -13.80 3.96 22.87
CA ARG A 97 -13.42 5.38 22.92
C ARG A 97 -12.85 5.83 21.59
N LYS A 98 -11.96 5.02 21.00
CA LYS A 98 -11.36 5.42 19.73
C LYS A 98 -12.42 5.53 18.62
N LEU A 99 -13.47 4.72 18.70
CA LEU A 99 -14.56 4.74 17.76
C LEU A 99 -15.66 5.74 18.15
N ARG A 100 -15.47 6.49 19.23
CA ARG A 100 -16.45 7.47 19.69
C ARG A 100 -17.76 6.76 20.05
N LEU A 101 -17.62 5.56 20.59
CA LEU A 101 -18.75 4.75 21.04
C LEU A 101 -18.82 4.82 22.57
N ASP A 102 -20.03 4.94 23.11
CA ASP A 102 -20.23 4.95 24.56
C ASP A 102 -21.03 3.73 24.97
N ALA A 103 -20.41 2.83 25.71
CA ALA A 103 -21.08 1.61 26.17
C ALA A 103 -22.28 1.94 27.05
N GLY A 104 -22.21 3.06 27.78
CA GLY A 104 -23.25 3.40 28.73
C GLY A 104 -23.15 2.67 30.04
N TYR A 105 -22.17 1.79 30.19
CA TYR A 105 -21.93 1.02 31.39
C TYR A 105 -20.49 1.19 31.80
N THR A 106 -20.25 1.23 33.10
CA THR A 106 -18.90 1.25 33.59
C THR A 106 -18.26 -0.13 33.41
N LYS A 107 -16.94 -0.16 33.58
CA LYS A 107 -16.21 -1.42 33.50
C LYS A 107 -16.73 -2.43 34.52
N ASP A 108 -16.90 -1.98 35.77
CA ASP A 108 -17.42 -2.87 36.83
C ASP A 108 -18.81 -3.39 36.51
N GLU A 109 -19.70 -2.52 36.02
CA GLU A 109 -21.03 -3.00 35.66
C GLU A 109 -20.93 -4.07 34.58
N LEU A 110 -20.02 -3.87 33.62
CA LEU A 110 -19.85 -4.85 32.56
C LEU A 110 -19.30 -6.16 33.11
N ALA A 111 -18.32 -6.06 34.00
CA ALA A 111 -17.73 -7.25 34.60
C ALA A 111 -18.77 -8.06 35.35
N ASP A 112 -19.60 -7.39 36.17
CA ASP A 112 -20.65 -8.13 36.88
C ASP A 112 -21.63 -8.76 35.92
N ILE A 113 -22.02 -8.03 34.87
CA ILE A 113 -22.99 -8.57 33.92
C ILE A 113 -22.39 -9.78 33.21
N THR A 114 -21.10 -9.68 32.85
CA THR A 114 -20.47 -10.75 32.08
C THR A 114 -20.37 -12.02 32.91
N LYS A 115 -19.85 -11.89 34.14
CA LYS A 115 -19.70 -13.05 35.02
C LYS A 115 -21.06 -13.67 35.31
N GLN A 116 -22.11 -12.84 35.43
CA GLN A 116 -23.45 -13.35 35.63
C GLN A 116 -23.89 -14.19 34.45
N CYS A 117 -23.52 -13.76 33.24
CA CYS A 117 -23.91 -14.53 32.06
C CYS A 117 -23.29 -15.92 32.12
N VAL A 118 -22.03 -15.98 32.52
CA VAL A 118 -21.36 -17.28 32.58
C VAL A 118 -22.06 -18.16 33.62
N SER A 119 -22.34 -17.60 34.79
CA SER A 119 -22.93 -18.37 35.88
C SER A 119 -24.29 -18.92 35.50
N MET A 120 -25.16 -18.08 34.94
CA MET A 120 -26.46 -18.56 34.46
C MET A 120 -26.30 -19.61 33.39
N SER A 121 -25.24 -19.52 32.58
CA SER A 121 -25.01 -20.49 31.52
C SER A 121 -24.67 -21.87 32.06
N GLN A 122 -24.05 -21.92 33.25
CA GLN A 122 -23.57 -23.10 33.94
C GLN A 122 -22.31 -23.66 33.31
N LEU A 123 -21.66 -22.88 32.45
CA LEU A 123 -20.54 -23.38 31.66
C LEU A 123 -19.22 -23.14 32.41
N ARG A 124 -18.47 -24.23 32.61
CA ARG A 124 -17.16 -24.14 33.24
C ARG A 124 -16.09 -23.79 32.21
N GLU A 125 -16.37 -24.14 30.96
CA GLU A 125 -15.59 -23.73 29.80
C GLU A 125 -16.49 -22.94 28.86
N SER A 126 -16.10 -21.68 28.54
CA SER A 126 -17.03 -20.83 27.79
C SER A 126 -16.22 -19.87 26.93
N PHE A 127 -16.86 -19.49 25.82
CA PHE A 127 -16.46 -18.39 24.91
C PHE A 127 -17.41 -17.23 25.23
N VAL A 128 -16.84 -16.10 25.72
CA VAL A 128 -17.61 -14.96 26.22
C VAL A 128 -17.30 -13.74 25.37
N ASN A 129 -18.34 -13.16 24.78
CA ASN A 129 -18.19 -12.06 23.83
C ASN A 129 -18.86 -10.83 24.42
N LEU A 130 -18.16 -9.69 24.39
CA LEU A 130 -18.80 -8.40 24.65
C LEU A 130 -18.70 -7.58 23.38
N THR A 131 -19.82 -7.05 22.90
CA THR A 131 -19.83 -6.23 21.68
C THR A 131 -20.48 -4.90 21.96
N VAL A 132 -19.84 -3.79 21.53
CA VAL A 132 -20.39 -2.45 21.67
C VAL A 132 -20.61 -1.89 20.26
N THR A 133 -21.85 -1.52 19.92
CA THR A 133 -22.18 -1.06 18.57
C THR A 133 -22.75 0.36 18.57
N ARG A 134 -22.68 0.97 17.38
CA ARG A 134 -23.22 2.31 17.16
C ARG A 134 -24.72 2.34 17.40
N GLY A 135 -25.39 1.20 17.26
CA GLY A 135 -26.81 1.15 17.62
C GLY A 135 -27.79 1.62 16.55
N TYR A 136 -28.96 2.06 17.01
CA TYR A 136 -30.04 2.48 16.11
C TYR A 136 -30.86 3.54 16.84
N GLY A 137 -31.75 4.20 16.12
CA GLY A 137 -32.67 5.16 16.73
C GLY A 137 -33.44 4.58 17.90
N LEU A 148 -30.00 8.55 18.70
CA LEU A 148 -29.11 7.42 18.51
C LEU A 148 -28.52 6.85 19.79
N THR A 149 -28.80 5.58 20.04
CA THR A 149 -28.40 4.91 21.26
C THR A 149 -27.49 3.73 20.96
N HIS A 150 -26.28 3.80 21.47
CA HIS A 150 -25.30 2.75 21.29
C HIS A 150 -25.75 1.51 22.06
N GLN A 151 -25.43 0.33 21.54
CA GLN A 151 -25.93 -0.92 22.09
C GLN A 151 -24.76 -1.75 22.58
N VAL A 152 -24.97 -2.46 23.69
CA VAL A 152 -24.00 -3.41 24.24
C VAL A 152 -24.67 -4.79 24.21
N TYR A 153 -23.98 -5.76 23.61
CA TYR A 153 -24.43 -7.14 23.59
C TYR A 153 -23.39 -8.03 24.25
N ILE A 154 -23.84 -8.97 25.11
CA ILE A 154 -22.93 -9.89 25.76
C ILE A 154 -23.48 -11.30 25.64
N TYR A 155 -22.61 -12.28 25.36
CA TYR A 155 -23.08 -13.66 25.43
C TYR A 155 -21.97 -14.58 25.93
N ALA A 156 -22.39 -15.61 26.68
CA ALA A 156 -21.51 -16.67 27.14
C ALA A 156 -22.01 -17.97 26.52
N ILE A 157 -21.16 -18.63 25.73
CA ILE A 157 -21.63 -19.79 24.99
C ILE A 157 -20.59 -20.90 25.19
N PRO A 158 -20.87 -22.14 24.75
CA PRO A 158 -19.88 -23.21 24.92
C PRO A 158 -18.58 -22.85 24.22
N TYR A 159 -17.51 -23.45 24.71
CA TYR A 159 -16.16 -23.12 24.27
C TYR A 159 -16.02 -23.34 22.76
N LEU A 160 -15.32 -22.40 22.09
CA LEU A 160 -15.05 -22.44 20.67
C LEU A 160 -13.54 -22.52 20.42
N TRP A 161 -13.15 -23.28 19.41
CA TRP A 161 -11.72 -23.49 19.12
C TRP A 161 -11.38 -22.91 17.75
N ALA A 162 -10.52 -21.89 17.72
CA ALA A 162 -10.05 -21.43 16.41
C ALA A 162 -9.34 -22.56 15.69
N PHE A 163 -8.60 -23.34 16.46
CA PHE A 163 -7.98 -24.56 16.01
C PHE A 163 -8.41 -25.65 16.97
N PRO A 164 -8.74 -26.82 16.46
CA PRO A 164 -9.24 -27.92 17.33
C PRO A 164 -8.19 -28.36 18.34
N PRO A 165 -8.60 -28.92 19.48
CA PRO A 165 -7.64 -29.37 20.51
C PRO A 165 -6.52 -30.25 19.95
N ALA A 166 -6.81 -31.08 18.96
CA ALA A 166 -5.77 -31.92 18.38
C ALA A 166 -4.67 -31.08 17.73
N GLU A 167 -5.05 -30.00 17.04
CA GLU A 167 -4.06 -29.09 16.45
C GLU A 167 -3.37 -28.26 17.51
N GLN A 168 -4.04 -27.96 18.63
CA GLN A 168 -3.34 -27.26 19.69
C GLN A 168 -2.18 -28.09 20.21
N ILE A 169 -2.39 -29.41 20.33
CA ILE A 169 -1.33 -30.29 20.83
C ILE A 169 -0.35 -30.69 19.72
N PHE A 170 -0.83 -31.04 18.52
CA PHE A 170 0.08 -31.60 17.51
C PHE A 170 0.40 -30.67 16.36
N GLY A 171 -0.20 -29.47 16.32
CA GLY A 171 0.15 -28.45 15.35
C GLY A 171 -0.80 -28.36 14.16
N THR A 172 -0.79 -27.18 13.51
CA THR A 172 -1.65 -26.89 12.38
C THR A 172 -0.77 -26.53 11.17
N THR A 173 -1.39 -26.23 10.03
CA THR A 173 -0.68 -25.90 8.79
C THR A 173 -1.13 -24.53 8.28
N ALA A 174 -0.21 -23.79 7.66
CA ALA A 174 -0.56 -22.45 7.18
C ALA A 174 -0.03 -22.19 5.77
N ILE A 175 -0.65 -21.20 5.09
CA ILE A 175 -0.08 -20.65 3.86
C ILE A 175 0.01 -19.13 4.00
N VAL A 176 0.80 -18.49 3.14
CA VAL A 176 0.73 -17.04 2.97
C VAL A 176 -0.13 -16.82 1.72
N PRO A 177 -1.20 -16.04 1.80
CA PRO A 177 -2.03 -15.87 0.60
C PRO A 177 -1.25 -15.24 -0.54
N ARG A 178 -1.51 -15.76 -1.75
CA ARG A 178 -1.04 -15.14 -2.98
C ARG A 178 -1.86 -13.92 -3.35
N HIS A 179 -3.13 -13.88 -2.93
CA HIS A 179 -4.07 -12.89 -3.46
C HIS A 179 -4.62 -11.90 -2.47
N VAL A 180 -4.33 -12.03 -1.18
CA VAL A 180 -4.95 -11.24 -0.12
C VAL A 180 -3.83 -10.66 0.74
N ARG A 181 -4.06 -9.46 1.30
CA ARG A 181 -3.22 -8.90 2.35
C ARG A 181 -4.13 -8.43 3.48
N ARG A 182 -3.57 -8.21 4.67
CA ARG A 182 -4.39 -7.73 5.79
C ARG A 182 -4.65 -6.23 5.72
N ALA A 183 -5.91 -5.81 5.84
CA ALA A 183 -6.22 -4.37 5.81
C ALA A 183 -5.29 -3.62 6.75
N GLY A 184 -4.85 -2.42 6.29
CA GLY A 184 -3.93 -1.58 7.05
C GLY A 184 -4.59 -0.74 8.13
N ARG A 185 -3.78 -0.26 9.06
CA ARG A 185 -4.30 0.54 10.17
C ARG A 185 -4.96 1.85 9.71
N ASN A 186 -4.66 2.34 8.48
CA ASN A 186 -5.31 3.52 7.95
C ASN A 186 -6.56 3.22 7.13
N THR A 187 -7.02 1.95 7.06
CA THR A 187 -8.23 1.63 6.31
C THR A 187 -9.23 1.08 7.30
N VAL A 188 -9.42 -0.25 7.33
CA VAL A 188 -10.16 -0.93 8.38
C VAL A 188 -9.10 -1.32 9.41
N ASP A 189 -9.07 -0.63 10.54
CA ASP A 189 -7.93 -0.69 11.47
C ASP A 189 -7.88 -2.01 12.25
N PRO A 190 -6.88 -2.85 12.03
CA PRO A 190 -6.84 -4.13 12.75
C PRO A 190 -6.53 -3.95 14.24
N THR A 191 -6.02 -2.77 14.67
CA THR A 191 -5.64 -2.57 16.05
C THR A 191 -6.85 -2.37 16.95
N ILE A 192 -8.03 -2.22 16.37
CA ILE A 192 -9.27 -2.27 17.12
C ILE A 192 -10.03 -3.52 16.74
N1 LLP A 193 -6.17 -11.13 15.76
C2 LLP A 193 -7.45 -11.07 15.41
C2' LLP A 193 -7.80 -10.64 14.03
C3 LLP A 193 -8.45 -11.38 16.35
O3 LLP A 193 -9.73 -11.28 15.97
C4 LLP A 193 -8.10 -11.78 17.64
C4' LLP A 193 -9.15 -12.05 18.61
C5 LLP A 193 -6.73 -11.90 17.96
C6 LLP A 193 -5.82 -11.54 17.00
C5' LLP A 193 -6.26 -12.38 19.31
OP4 LLP A 193 -6.50 -11.45 20.39
P LLP A 193 -6.73 -12.10 21.88
OP1 LLP A 193 -5.52 -12.90 22.22
OP2 LLP A 193 -7.99 -12.89 21.67
OP3 LLP A 193 -6.87 -10.87 22.72
N LLP A 193 -10.35 -4.38 17.74
CA LLP A 193 -10.90 -5.71 17.37
CB LLP A 193 -10.97 -6.63 18.60
CG LLP A 193 -11.14 -8.10 18.25
CD LLP A 193 -11.05 -9.04 19.45
CE LLP A 193 -10.98 -10.52 19.07
NZ LLP A 193 -9.64 -11.08 19.34
C LLP A 193 -12.26 -5.53 16.70
O LLP A 193 -13.05 -4.70 17.23
N ASN A 194 -12.45 -6.11 15.56
CA ASN A 194 -13.63 -5.76 14.80
C ASN A 194 -14.20 -6.97 14.04
N TYR A 195 -15.42 -6.82 13.54
CA TYR A 195 -16.13 -7.90 12.84
C TYR A 195 -15.92 -7.81 11.34
N GLN A 196 -15.01 -6.94 10.89
CA GLN A 196 -14.88 -6.72 9.45
C GLN A 196 -13.85 -7.68 8.92
N TRP A 197 -14.31 -8.88 8.53
CA TRP A 197 -13.36 -9.97 8.23
C TRP A 197 -13.17 -10.21 6.74
N GLY A 198 -13.48 -9.26 5.87
CA GLY A 198 -13.44 -9.55 4.45
C GLY A 198 -12.13 -10.12 3.98
N ASP A 199 -11.00 -9.50 4.40
CA ASP A 199 -9.71 -10.05 4.05
C ASP A 199 -9.44 -11.36 4.76
N LEU A 200 -9.81 -11.45 6.04
CA LEU A 200 -9.55 -12.65 6.82
C LEU A 200 -10.31 -13.87 6.27
N THR A 201 -11.58 -13.67 5.89
CA THR A 201 -12.39 -14.71 5.24
C THR A 201 -11.82 -15.10 3.89
N ALA A 202 -11.46 -14.13 3.07
CA ALA A 202 -10.83 -14.45 1.80
C ALA A 202 -9.53 -15.24 2.03
N ALA A 203 -8.74 -14.88 3.04
CA ALA A 203 -7.48 -15.64 3.26
C ALA A 203 -7.81 -17.07 3.66
N SER A 204 -8.82 -17.23 4.52
CA SER A 204 -9.22 -18.58 4.94
C SER A 204 -9.68 -19.45 3.76
N PHE A 205 -10.48 -18.89 2.86
CA PHE A 205 -10.88 -19.66 1.69
C PHE A 205 -9.68 -20.01 0.81
N GLU A 206 -8.71 -19.11 0.68
CA GLU A 206 -7.51 -19.44 -0.08
C GLU A 206 -6.76 -20.58 0.59
N ALA A 207 -6.66 -20.56 1.93
CA ALA A 207 -5.99 -21.66 2.63
C ALA A 207 -6.73 -22.98 2.40
N LYS A 208 -8.08 -22.94 2.47
CA LYS A 208 -8.85 -24.16 2.22
C LYS A 208 -8.61 -24.68 0.80
N ASP A 209 -8.63 -23.78 -0.18
CA ASP A 209 -8.38 -24.13 -1.59
C ASP A 209 -7.02 -24.80 -1.78
N ARG A 210 -6.02 -24.37 -1.00
CA ARG A 210 -4.67 -24.86 -1.11
C ARG A 210 -4.36 -26.02 -0.17
N GLY A 211 -5.35 -26.49 0.59
CA GLY A 211 -5.18 -27.65 1.45
C GLY A 211 -4.49 -27.37 2.76
N ALA A 212 -4.47 -26.12 3.22
CA ALA A 212 -3.90 -25.72 4.48
C ALA A 212 -5.02 -25.36 5.45
N ARG A 213 -4.70 -25.38 6.74
CA ARG A 213 -5.68 -25.09 7.78
C ARG A 213 -6.07 -23.62 7.83
N THR A 214 -5.09 -22.73 7.67
CA THR A 214 -5.35 -21.30 7.76
C THR A 214 -4.43 -20.45 6.88
N ALA A 215 -4.22 -19.21 7.30
CA ALA A 215 -3.43 -18.24 6.56
C ALA A 215 -2.69 -17.35 7.56
N ILE A 216 -1.46 -16.95 7.20
CA ILE A 216 -0.77 -15.85 7.84
C ILE A 216 -0.72 -14.70 6.81
N LEU A 217 -1.37 -13.57 7.12
CA LEU A 217 -1.42 -12.47 6.15
C LEU A 217 -0.24 -11.50 6.33
N LEU A 218 0.20 -10.88 5.22
CA LEU A 218 1.18 -9.79 5.26
C LEU A 218 0.45 -8.45 5.17
N ASP A 219 1.16 -7.38 5.56
CA ASP A 219 0.66 -6.02 5.34
C ASP A 219 1.21 -5.48 4.02
N SER A 220 0.91 -4.22 3.75
CA SER A 220 1.23 -3.66 2.45
C SER A 220 2.74 -3.58 2.19
N ASP A 221 3.56 -3.54 3.25
CA ASP A 221 5.01 -3.50 3.11
C ASP A 221 5.67 -4.88 3.19
N ASN A 222 4.86 -5.92 3.11
CA ASN A 222 5.29 -7.31 3.20
C ASN A 222 5.84 -7.65 4.59
N CYS A 223 5.40 -6.94 5.64
CA CYS A 223 5.65 -7.40 7.02
C CYS A 223 4.51 -8.31 7.46
N VAL A 224 4.82 -9.19 8.42
CA VAL A 224 3.77 -10.03 8.97
C VAL A 224 2.72 -9.16 9.66
N ALA A 225 1.46 -9.49 9.40
CA ALA A 225 0.35 -8.80 10.02
C ALA A 225 -0.19 -9.75 11.06
N GLU A 226 -1.15 -10.60 10.72
CA GLU A 226 -1.76 -11.54 11.65
C GLU A 226 -2.58 -12.55 10.83
N GLY A 227 -3.26 -13.47 11.52
CA GLY A 227 -4.11 -14.43 10.87
C GLY A 227 -5.58 -14.14 11.11
N PRO A 228 -6.47 -14.97 10.51
CA PRO A 228 -7.92 -14.78 10.72
C PRO A 228 -8.32 -15.20 12.11
N GLY A 229 -8.33 -14.24 13.03
CA GLY A 229 -8.66 -14.45 14.42
C GLY A 229 -7.51 -14.75 15.36
N PHE A 230 -6.24 -14.52 14.96
CA PHE A 230 -5.14 -14.79 15.87
C PHE A 230 -3.93 -13.92 15.55
N ASN A 231 -3.11 -13.65 16.59
CA ASN A 231 -1.80 -13.07 16.36
C ASN A 231 -0.82 -14.20 16.01
N VAL A 232 0.31 -13.83 15.41
CA VAL A 232 1.36 -14.78 15.01
C VAL A 232 2.60 -14.43 15.80
N CYS A 233 3.26 -15.43 16.39
CA CYS A 233 4.53 -15.20 17.07
C CYS A 233 5.59 -16.02 16.32
N ILE A 234 6.78 -15.45 16.16
CA ILE A 234 7.87 -16.01 15.37
C ILE A 234 9.06 -16.24 16.29
N VAL A 235 9.59 -17.47 16.26
CA VAL A 235 10.76 -17.84 17.07
C VAL A 235 11.97 -17.95 16.16
N LYS A 236 13.03 -17.23 16.48
CA LYS A 236 14.27 -17.37 15.72
C LYS A 236 15.46 -17.26 16.67
N ASP A 237 16.34 -18.24 16.63
CA ASP A 237 17.57 -18.17 17.43
C ASP A 237 17.26 -17.90 18.91
N GLY A 238 16.26 -18.58 19.43
CA GLY A 238 15.96 -18.50 20.83
C GLY A 238 15.27 -17.23 21.25
N LYS A 239 14.91 -16.37 20.31
CA LYS A 239 14.17 -15.14 20.59
C LYS A 239 12.75 -15.24 20.04
N LEU A 240 11.82 -14.50 20.66
CA LEU A 240 10.41 -14.48 20.27
C LEU A 240 10.05 -13.08 19.78
N ALA A 241 9.38 -13.02 18.62
CA ALA A 241 8.93 -11.74 18.09
C ALA A 241 7.47 -11.84 17.65
N SER A 242 6.80 -10.69 17.60
CA SER A 242 5.42 -10.64 17.11
C SER A 242 5.17 -9.27 16.49
N PRO A 243 4.39 -9.19 15.42
CA PRO A 243 4.17 -7.88 14.76
C PRO A 243 3.65 -6.80 15.66
N SER A 244 4.16 -5.61 15.46
CA SER A 244 3.73 -4.47 16.25
C SER A 244 2.71 -3.58 15.56
N ARG A 245 2.64 -3.59 14.24
CA ARG A 245 1.80 -2.60 13.57
C ARG A 245 0.41 -3.12 13.19
N ASN A 246 0.30 -3.90 12.13
CA ASN A 246 -1.01 -4.29 11.58
C ASN A 246 -1.48 -5.61 12.18
N ALA A 247 -1.76 -5.55 13.48
CA ALA A 247 -2.17 -6.70 14.27
C ALA A 247 -2.93 -6.21 15.50
N LEU A 248 -3.89 -7.02 15.96
CA LEU A 248 -4.57 -6.69 17.19
C LEU A 248 -3.57 -6.76 18.34
N PRO A 249 -3.65 -5.88 19.29
CA PRO A 249 -2.82 -6.07 20.52
C PRO A 249 -3.47 -7.12 21.41
N GLY A 250 -3.13 -8.37 21.10
CA GLY A 250 -3.83 -9.50 21.69
C GLY A 250 -3.50 -9.70 23.15
N ILE A 251 -4.51 -10.17 23.90
CA ILE A 251 -4.31 -10.54 25.28
C ILE A 251 -3.59 -11.87 25.43
N THR A 252 -3.85 -12.80 24.54
CA THR A 252 -3.06 -14.02 24.56
C THR A 252 -1.62 -13.69 24.23
N ARG A 253 -1.39 -12.82 23.23
CA ARG A 253 -0.05 -12.39 22.95
C ARG A 253 0.61 -11.76 24.17
N LYS A 254 -0.13 -10.89 24.88
CA LYS A 254 0.41 -10.28 26.09
C LYS A 254 0.78 -11.36 27.11
N THR A 255 -0.08 -12.36 27.26
CA THR A 255 0.22 -13.46 28.18
C THR A 255 1.46 -14.26 27.76
N VAL A 256 1.55 -14.56 26.47
CA VAL A 256 2.68 -15.30 25.94
C VAL A 256 3.98 -14.53 26.18
N PHE A 257 3.97 -13.21 26.03
CA PHE A 257 5.19 -12.44 26.29
C PHE A 257 5.58 -12.46 27.78
N GLU A 258 4.58 -12.43 28.67
CA GLU A 258 4.86 -12.55 30.11
C GLU A 258 5.44 -13.90 30.45
N ILE A 259 4.84 -14.96 29.90
CA ILE A 259 5.34 -16.32 30.10
C ILE A 259 6.77 -16.41 29.62
N ALA A 260 7.06 -15.83 28.44
CA ALA A 260 8.42 -15.91 27.94
C ALA A 260 9.36 -15.17 28.85
N ASP A 261 8.99 -13.96 29.27
CA ASP A 261 9.89 -13.20 30.14
C ASP A 261 10.22 -14.01 31.40
N GLN A 262 9.25 -14.75 31.92
CA GLN A 262 9.47 -15.52 33.14
C GLN A 262 10.36 -16.73 32.85
N MET A 263 10.35 -17.20 31.60
CA MET A 263 11.24 -18.26 31.18
C MET A 263 12.63 -17.74 30.83
N GLY A 264 12.83 -16.42 30.88
CA GLY A 264 14.10 -15.87 30.52
C GLY A 264 14.27 -15.72 29.03
N ILE A 265 13.19 -15.81 28.26
CA ILE A 265 13.23 -15.60 26.82
C ILE A 265 12.98 -14.13 26.47
N GLU A 266 13.76 -13.62 25.51
CA GLU A 266 13.58 -12.25 25.04
C GLU A 266 12.42 -12.24 24.05
N ALA A 267 11.41 -11.41 24.32
CA ALA A 267 10.22 -11.30 23.49
C ALA A 267 10.01 -9.85 23.08
N THR A 268 9.85 -9.59 21.76
CA THR A 268 9.85 -8.24 21.24
C THR A 268 8.69 -8.05 20.28
N LEU A 269 7.99 -6.92 20.44
CA LEU A 269 6.96 -6.49 19.52
C LEU A 269 7.69 -5.61 18.52
N ARG A 270 7.67 -6.01 17.24
CA ARG A 270 8.45 -5.32 16.24
C ARG A 270 7.90 -5.72 14.87
N ASP A 271 8.41 -5.04 13.83
CA ASP A 271 8.14 -5.48 12.47
C ASP A 271 8.88 -6.78 12.24
N VAL A 272 8.17 -7.76 11.70
CA VAL A 272 8.75 -9.02 11.29
C VAL A 272 8.59 -9.08 9.76
N THR A 273 9.70 -9.17 9.08
CA THR A 273 9.57 -9.13 7.61
C THR A 273 9.11 -10.48 7.06
N SER A 274 8.68 -10.46 5.77
CA SER A 274 8.32 -11.72 5.15
C SER A 274 9.51 -12.69 5.06
N HIS A 275 10.74 -12.17 4.91
CA HIS A 275 11.91 -13.06 4.97
C HIS A 275 11.98 -13.77 6.31
N GLU A 276 11.80 -13.02 7.40
CA GLU A 276 11.88 -13.63 8.72
C GLU A 276 10.77 -14.66 8.93
N LEU A 277 9.57 -14.41 8.39
CA LEU A 277 8.50 -15.38 8.56
C LEU A 277 8.90 -16.71 7.92
N TYR A 278 9.38 -16.68 6.68
CA TYR A 278 9.74 -17.91 5.99
C TYR A 278 10.96 -18.59 6.60
N ASP A 279 11.83 -17.84 7.26
CA ASP A 279 13.08 -18.38 7.84
C ASP A 279 12.91 -18.77 9.33
N ALA A 280 11.67 -18.74 9.84
CA ALA A 280 11.42 -18.95 11.28
C ALA A 280 11.89 -20.33 11.75
N ASP A 281 12.43 -20.38 12.99
CA ASP A 281 12.67 -21.67 13.61
C ASP A 281 11.36 -22.28 14.09
N GLU A 282 10.43 -21.45 14.56
CA GLU A 282 9.10 -21.90 14.96
C GLU A 282 8.10 -20.80 14.64
N LEU A 283 6.84 -21.20 14.42
CA LEU A 283 5.72 -20.28 14.24
C LEU A 283 4.60 -20.72 15.16
N MET A 284 3.83 -19.76 15.70
CA MET A 284 2.65 -20.15 16.45
C MET A 284 1.55 -19.13 16.26
N ALA A 285 0.34 -19.60 16.42
CA ALA A 285 -0.85 -18.74 16.47
C ALA A 285 -1.30 -18.56 17.93
N VAL A 286 -1.71 -17.35 18.30
CA VAL A 286 -2.12 -17.11 19.69
C VAL A 286 -3.43 -16.35 19.65
N THR A 287 -4.44 -16.87 20.36
CA THR A 287 -5.74 -16.21 20.43
C THR A 287 -6.49 -16.77 21.63
N THR A 288 -7.49 -16.00 22.08
CA THR A 288 -8.25 -16.41 23.26
C THR A 288 -8.98 -17.72 23.05
N ALA A 289 -9.56 -17.95 21.87
CA ALA A 289 -10.36 -19.15 21.64
C ALA A 289 -9.43 -20.30 21.25
N GLY A 290 -8.85 -20.93 22.27
CA GLY A 290 -7.95 -22.07 22.12
C GLY A 290 -6.49 -21.86 22.48
N GLY A 291 -6.03 -20.63 22.71
CA GLY A 291 -4.70 -20.44 23.24
C GLY A 291 -3.56 -20.41 22.23
N VAL A 292 -2.56 -21.28 22.41
CA VAL A 292 -1.31 -21.26 21.68
C VAL A 292 -1.27 -22.46 20.74
N THR A 293 -1.28 -22.22 19.42
CA THR A 293 -1.31 -23.29 18.44
C THR A 293 0.00 -23.37 17.69
N PRO A 294 0.70 -24.49 17.70
CA PRO A 294 1.90 -24.58 16.85
C PRO A 294 1.54 -24.58 15.38
N ILE A 295 2.38 -23.93 14.56
CA ILE A 295 2.19 -24.00 13.10
C ILE A 295 3.35 -24.80 12.52
N ASN A 296 3.05 -26.04 12.11
CA ASN A 296 4.07 -27.00 11.71
C ASN A 296 4.73 -26.68 10.37
N SER A 297 3.97 -26.11 9.44
CA SER A 297 4.49 -25.88 8.08
C SER A 297 3.89 -24.59 7.53
N LEU A 298 4.62 -24.00 6.57
CA LEU A 298 4.20 -22.79 5.88
C LEU A 298 4.34 -23.06 4.40
N ASP A 299 3.28 -22.89 3.64
CA ASP A 299 3.35 -23.11 2.18
C ASP A 299 3.88 -24.52 1.86
N GLY A 300 3.53 -25.47 2.72
CA GLY A 300 3.87 -26.88 2.55
C GLY A 300 5.27 -27.25 2.93
N GLU A 301 6.07 -26.31 3.42
CA GLU A 301 7.44 -26.55 3.82
C GLU A 301 7.49 -26.64 5.34
N ALA A 302 8.20 -27.64 5.86
CA ALA A 302 8.33 -27.74 7.30
C ALA A 302 8.97 -26.49 7.90
N ILE A 303 8.41 -26.05 9.05
CA ILE A 303 9.07 -25.13 9.98
C ILE A 303 9.77 -26.02 11.01
N GLY A 304 11.07 -25.86 11.20
CA GLY A 304 11.78 -26.84 12.02
C GLY A 304 11.60 -28.24 11.46
N ASN A 305 11.24 -29.19 12.33
CA ASN A 305 11.06 -30.56 11.88
C ASN A 305 9.64 -30.82 11.40
N GLY A 306 8.83 -29.78 11.21
CA GLY A 306 7.47 -30.08 10.78
C GLY A 306 6.51 -30.51 11.87
N ALA A 307 6.90 -30.37 13.13
CA ALA A 307 6.12 -30.70 14.31
C ALA A 307 6.29 -29.56 15.31
N PRO A 308 5.49 -29.51 16.36
CA PRO A 308 5.54 -28.37 17.28
C PRO A 308 6.93 -28.11 17.84
N GLY A 309 7.32 -26.86 17.82
CA GLY A 309 8.62 -26.44 18.29
C GLY A 309 8.72 -26.41 19.79
N PRO A 310 9.96 -26.51 20.30
CA PRO A 310 10.13 -26.64 21.75
C PRO A 310 9.70 -25.42 22.52
N MET A 311 10.01 -24.23 22.03
CA MET A 311 9.56 -23.06 22.77
C MET A 311 8.04 -22.96 22.73
N THR A 312 7.43 -23.28 21.57
CA THR A 312 5.97 -23.23 21.48
C THR A 312 5.33 -24.17 22.49
N VAL A 313 5.86 -25.39 22.58
CA VAL A 313 5.31 -26.38 23.50
C VAL A 313 5.42 -25.88 24.94
N ALA A 314 6.58 -25.31 25.30
CA ALA A 314 6.81 -24.81 26.65
C ALA A 314 5.84 -23.69 26.98
N ILE A 315 5.69 -22.74 26.07
CA ILE A 315 4.78 -21.63 26.33
C ILE A 315 3.33 -22.10 26.38
N ARG A 316 2.93 -22.97 25.44
CA ARG A 316 1.55 -23.45 25.42
C ARG A 316 1.23 -24.19 26.71
N ASP A 317 2.15 -25.05 27.15
CA ASP A 317 1.86 -25.79 28.37
C ASP A 317 1.78 -24.87 29.57
N ARG A 318 2.65 -23.86 29.65
CA ARG A 318 2.54 -22.89 30.73
C ARG A 318 1.21 -22.14 30.68
N PHE A 319 0.72 -21.86 29.47
CA PHE A 319 -0.49 -21.07 29.32
C PHE A 319 -1.68 -21.81 29.92
N TRP A 320 -1.79 -23.11 29.65
CA TRP A 320 -2.92 -23.83 30.21
C TRP A 320 -2.80 -23.96 31.73
N ALA A 321 -1.58 -24.05 32.26
CA ALA A 321 -1.36 -24.11 33.70
C ALA A 321 -1.84 -22.84 34.39
N LEU A 322 -1.74 -21.69 33.72
CA LEU A 322 -2.17 -20.43 34.32
C LEU A 322 -3.65 -20.47 34.68
N MET A 323 -4.43 -21.25 33.94
CA MET A 323 -5.87 -21.28 34.12
C MET A 323 -6.26 -21.87 35.48
N ASP A 324 -5.30 -22.50 36.18
CA ASP A 324 -5.61 -23.18 37.42
C ASP A 324 -4.88 -22.59 38.61
N GLU A 325 -3.88 -21.71 38.39
CA GLU A 325 -3.12 -21.14 39.49
C GLU A 325 -3.82 -19.89 39.99
N PRO A 326 -4.16 -19.82 41.28
CA PRO A 326 -4.80 -18.59 41.79
C PRO A 326 -3.84 -17.41 41.65
N GLY A 327 -4.41 -16.24 41.38
CA GLY A 327 -3.62 -15.07 41.17
C GLY A 327 -4.38 -14.00 40.41
N PRO A 328 -3.68 -12.91 40.08
CA PRO A 328 -4.34 -11.77 39.42
C PRO A 328 -4.95 -12.10 38.08
N LEU A 329 -4.41 -13.11 37.35
CA LEU A 329 -4.85 -13.37 35.99
C LEU A 329 -6.20 -14.08 35.96
N ILE A 330 -6.58 -14.76 37.04
CA ILE A 330 -7.81 -15.54 37.01
C ILE A 330 -8.71 -15.19 38.19
N GLU A 331 -10.01 -15.31 37.96
CA GLU A 331 -11.03 -15.15 38.98
C GLU A 331 -12.02 -16.29 38.84
N ALA A 332 -12.43 -16.88 39.97
CA ALA A 332 -13.37 -17.99 39.88
C ALA A 332 -14.79 -17.47 39.73
N ILE A 333 -15.54 -18.04 38.78
CA ILE A 333 -16.95 -17.74 38.64
C ILE A 333 -17.73 -18.43 39.75
N GLU A 334 -18.78 -17.76 40.24
CA GLU A 334 -19.69 -18.32 41.24
C GLU A 334 -20.95 -18.86 40.57
N TYR A 335 -21.08 -20.18 40.53
CA TYR A 335 -22.23 -20.82 39.89
C TYR A 335 -23.35 -21.09 40.92
N THR B 3 10.06 25.79 -12.73
CA THR B 3 11.34 25.63 -13.47
C THR B 3 11.83 24.21 -13.31
N GLY B 4 13.09 23.95 -13.66
CA GLY B 4 13.68 22.60 -13.60
C GLY B 4 14.38 22.35 -12.29
N THR B 5 14.32 23.31 -11.35
CA THR B 5 15.13 23.18 -10.12
C THR B 5 14.27 22.89 -8.90
N SER B 6 14.59 21.81 -8.17
CA SER B 6 13.90 21.43 -6.91
C SER B 6 14.43 22.23 -5.72
N ASN B 7 13.74 22.19 -4.58
CA ASN B 7 14.29 22.84 -3.35
C ASN B 7 15.44 22.02 -2.75
N LEU B 8 15.86 20.90 -3.35
CA LEU B 8 16.97 20.13 -2.80
C LEU B 8 18.31 20.72 -3.19
N VAL B 9 19.24 20.69 -2.24
CA VAL B 9 20.57 21.21 -2.50
C VAL B 9 21.22 20.39 -3.59
N ALA B 10 21.90 21.07 -4.53
CA ALA B 10 22.68 20.35 -5.55
C ALA B 10 23.92 19.74 -4.91
N VAL B 11 24.04 18.43 -5.02
CA VAL B 11 25.21 17.72 -4.43
C VAL B 11 26.37 17.87 -5.42
N GLU B 12 27.12 18.95 -5.30
CA GLU B 12 28.24 19.24 -6.22
C GLU B 12 29.24 20.14 -5.46
N PRO B 13 30.48 20.33 -5.93
CA PRO B 13 31.43 21.15 -5.19
C PRO B 13 30.85 22.55 -5.09
N GLY B 14 31.05 23.20 -3.95
CA GLY B 14 30.40 24.50 -3.66
C GLY B 14 31.34 25.38 -2.88
N ALA B 15 30.90 26.57 -2.48
CA ALA B 15 31.80 27.52 -1.79
C ALA B 15 32.31 26.91 -0.47
N ILE B 16 33.58 27.14 -0.16
CA ILE B 16 34.24 26.56 1.05
C ILE B 16 33.58 27.11 2.33
N ARG B 17 33.02 28.32 2.24
CA ARG B 17 32.37 28.94 3.38
C ARG B 17 31.09 29.62 2.94
N GLU B 18 30.24 29.81 3.94
CA GLU B 18 28.90 30.32 3.75
C GLU B 18 28.54 31.08 5.01
N ASP B 19 27.69 32.09 4.88
CA ASP B 19 27.32 32.89 6.04
C ASP B 19 26.54 32.04 7.03
N THR B 20 26.82 32.24 8.32
CA THR B 20 26.08 31.59 9.38
C THR B 20 25.64 32.64 10.39
N PRO B 21 24.55 32.43 11.12
CA PRO B 21 24.05 33.51 12.02
C PRO B 21 25.07 33.85 13.08
N PRO B 22 25.40 35.14 13.25
CA PRO B 22 26.45 35.51 14.22
C PRO B 22 26.06 35.18 15.64
N GLY B 23 27.02 34.63 16.38
CA GLY B 23 26.77 34.20 17.74
C GLY B 23 26.08 32.86 17.87
N SER B 24 25.66 32.25 16.76
CA SER B 24 24.99 30.95 16.76
C SER B 24 25.99 29.83 16.98
N VAL B 25 25.46 28.64 17.28
CA VAL B 25 26.28 27.47 17.52
C VAL B 25 27.02 27.00 16.25
N ILE B 26 26.62 27.51 15.08
CA ILE B 26 27.21 27.10 13.81
C ILE B 26 28.16 28.15 13.29
N GLN B 27 29.46 27.83 13.30
CA GLN B 27 30.47 28.73 12.73
C GLN B 27 31.51 27.94 11.96
N TYR B 28 31.82 28.38 10.76
CA TYR B 28 32.87 27.78 9.95
C TYR B 28 34.24 28.13 10.54
N SER B 29 35.24 27.44 10.06
CA SER B 29 36.61 27.63 10.46
C SER B 29 37.19 28.80 9.67
N ASP B 30 38.19 29.46 10.26
CA ASP B 30 38.89 30.57 9.58
C ASP B 30 40.23 30.04 9.05
N TYR B 31 40.33 29.79 7.76
CA TYR B 31 41.56 29.20 7.16
C TYR B 31 41.61 29.60 5.69
N GLU B 32 42.77 29.44 5.07
CA GLU B 32 42.91 29.77 3.63
C GLU B 32 43.32 28.51 2.84
N LEU B 33 42.64 28.21 1.74
CA LEU B 33 43.04 27.07 0.88
C LEU B 33 44.36 27.40 0.16
N ASP B 34 45.22 26.41 -0.03
CA ASP B 34 46.44 26.67 -0.83
C ASP B 34 46.19 26.17 -2.26
N HIS B 35 46.01 27.04 -3.21
CA HIS B 35 45.65 26.64 -4.50
C HIS B 35 46.84 26.25 -5.32
N SER B 36 47.99 26.10 -4.67
CA SER B 36 49.17 25.54 -5.31
C SER B 36 48.90 24.07 -5.58
N SER B 37 48.08 23.46 -4.73
CA SER B 37 47.65 22.07 -4.93
C SER B 37 46.44 22.03 -5.84
N PRO B 38 46.44 21.16 -6.85
CA PRO B 38 45.22 21.00 -7.66
C PRO B 38 44.09 20.41 -6.84
N PHE B 39 44.40 19.74 -5.74
CA PHE B 39 43.32 19.13 -4.97
C PHE B 39 42.57 20.09 -4.06
N ALA B 40 43.17 21.20 -3.64
CA ALA B 40 42.53 22.02 -2.61
C ALA B 40 41.11 22.38 -3.03
N GLY B 41 40.15 22.18 -2.12
CA GLY B 41 38.76 22.50 -2.40
C GLY B 41 37.88 21.30 -2.70
N GLY B 42 38.43 20.21 -3.22
CA GLY B 42 37.67 18.98 -3.38
C GLY B 42 38.52 17.83 -3.90
N VAL B 43 38.43 16.63 -3.31
CA VAL B 43 39.19 15.47 -3.77
C VAL B 43 38.21 14.32 -4.01
N ALA B 44 38.35 13.63 -5.14
CA ALA B 44 37.54 12.45 -5.45
C ALA B 44 38.46 11.25 -5.67
N TRP B 45 38.08 10.10 -5.13
CA TRP B 45 38.83 8.86 -5.31
C TRP B 45 37.95 7.88 -6.09
N ILE B 46 38.30 7.67 -7.35
CA ILE B 46 37.56 6.83 -8.27
C ILE B 46 38.57 5.89 -8.90
N GLU B 47 38.34 4.58 -8.76
CA GLU B 47 39.22 3.58 -9.37
C GLU B 47 40.65 3.65 -8.86
N GLY B 48 40.79 3.82 -7.54
CA GLY B 48 42.09 3.80 -6.91
C GLY B 48 42.93 5.02 -7.18
N GLU B 49 42.44 5.99 -7.96
CA GLU B 49 43.19 7.18 -8.35
C GLU B 49 42.51 8.45 -7.81
N PHE B 50 43.22 9.34 -7.17
CA PHE B 50 42.66 10.60 -6.71
C PHE B 50 42.58 11.61 -7.85
N LEU B 51 41.62 12.50 -7.84
CA LEU B 51 41.46 13.48 -8.89
C LEU B 51 40.81 14.76 -8.40
N PRO B 52 41.12 15.89 -9.00
CA PRO B 52 40.42 17.11 -8.59
C PRO B 52 38.92 16.91 -8.80
N ALA B 53 38.07 17.38 -7.90
CA ALA B 53 36.69 17.03 -7.98
C ALA B 53 36.10 17.49 -9.27
N GLU B 54 36.55 18.62 -9.76
CA GLU B 54 36.08 19.10 -11.03
C GLU B 54 36.20 18.06 -12.10
N ASP B 55 37.14 17.14 -11.96
CA ASP B 55 37.35 16.18 -13.02
C ASP B 55 36.73 14.82 -12.77
N ALA B 56 36.18 14.62 -11.58
CA ALA B 56 35.66 13.31 -11.15
C ALA B 56 34.54 12.84 -12.07
N LYS B 57 34.75 11.65 -12.69
CA LYS B 57 33.85 11.08 -13.67
C LYS B 57 33.77 9.58 -13.46
N ILE B 58 32.64 8.99 -13.85
CA ILE B 58 32.44 7.53 -13.76
C ILE B 58 31.95 7.03 -15.11
N SER B 59 32.16 5.73 -15.37
CA SER B 59 31.68 5.16 -16.61
C SER B 59 30.17 5.25 -16.65
N ILE B 60 29.65 5.71 -17.80
CA ILE B 60 28.21 5.76 -18.03
C ILE B 60 27.58 4.37 -17.95
N PHE B 61 28.40 3.32 -18.08
CA PHE B 61 27.94 1.93 -18.07
C PHE B 61 27.94 1.27 -16.70
N ASP B 62 28.37 2.00 -15.63
CA ASP B 62 28.29 1.48 -14.26
C ASP B 62 26.83 1.19 -13.92
N THR B 63 26.56 -0.04 -13.41
CA THR B 63 25.19 -0.43 -13.03
C THR B 63 24.64 0.45 -11.91
N GLY B 64 25.53 1.10 -11.17
CA GLY B 64 25.11 2.12 -10.21
C GLY B 64 24.40 3.28 -10.86
N PHE B 65 24.68 3.54 -12.13
CA PHE B 65 23.91 4.54 -12.87
C PHE B 65 22.64 3.90 -13.44
N GLY B 66 22.80 2.95 -14.38
CA GLY B 66 21.63 2.49 -15.11
C GLY B 66 20.56 1.78 -14.31
N HIS B 67 20.94 1.15 -13.17
CA HIS B 67 19.95 0.53 -12.31
C HIS B 67 19.96 1.15 -10.92
N SER B 68 20.76 2.23 -10.72
CA SER B 68 20.92 2.80 -9.38
C SER B 68 21.22 1.70 -8.36
N ASP B 69 22.03 0.72 -8.78
CA ASP B 69 22.31 -0.46 -7.98
C ASP B 69 23.53 -0.17 -7.12
N LEU B 70 23.28 0.40 -5.93
CA LEU B 70 24.36 0.87 -5.05
C LEU B 70 23.77 1.21 -3.69
N THR B 71 24.67 1.42 -2.70
CA THR B 71 24.36 2.12 -1.47
C THR B 71 25.49 3.11 -1.19
N TYR B 72 25.27 4.01 -0.25
CA TYR B 72 26.26 5.06 0.02
C TYR B 72 26.06 5.56 1.42
N THR B 73 27.05 6.34 1.91
CA THR B 73 26.84 7.06 3.16
C THR B 73 27.53 8.40 3.03
N VAL B 74 27.12 9.33 3.87
CA VAL B 74 27.72 10.66 3.91
C VAL B 74 28.11 10.95 5.35
N ALA B 75 29.36 11.35 5.56
CA ALA B 75 29.82 11.83 6.84
C ALA B 75 30.24 13.30 6.66
N HIS B 76 30.16 14.06 7.73
CA HIS B 76 30.63 15.45 7.68
C HIS B 76 31.89 15.61 8.51
N VAL B 77 32.71 16.56 8.07
CA VAL B 77 33.84 17.07 8.83
C VAL B 77 33.47 18.48 9.28
N TRP B 78 33.67 18.76 10.56
CA TRP B 78 33.42 20.08 11.13
C TRP B 78 34.62 20.44 11.99
N HIS B 79 35.17 21.63 11.77
CA HIS B 79 36.29 22.12 12.58
C HIS B 79 37.47 21.14 12.51
N GLY B 80 37.62 20.53 11.34
CA GLY B 80 38.68 19.56 11.07
C GLY B 80 38.47 18.19 11.68
N ASN B 81 37.30 17.93 12.24
CA ASN B 81 37.03 16.67 12.92
C ASN B 81 35.96 15.93 12.14
N ILE B 82 36.23 14.68 11.84
CA ILE B 82 35.24 13.81 11.19
C ILE B 82 34.35 13.20 12.25
N PHE B 83 33.04 13.13 11.97
CA PHE B 83 32.06 12.73 12.98
C PHE B 83 31.58 11.32 12.68
N ARG B 84 31.74 10.42 13.66
CA ARG B 84 31.18 9.05 13.61
C ARG B 84 31.55 8.29 12.33
N LEU B 85 32.80 8.43 11.89
CA LEU B 85 33.17 7.77 10.64
C LEU B 85 33.00 6.26 10.75
N GLY B 86 33.30 5.69 11.92
CA GLY B 86 33.19 4.26 12.09
C GLY B 86 31.76 3.78 11.98
N ASP B 87 30.82 4.52 12.58
CA ASP B 87 29.39 4.17 12.46
C ASP B 87 28.95 4.22 11.00
N HIS B 88 29.44 5.22 10.24
CA HIS B 88 29.11 5.33 8.81
C HIS B 88 29.67 4.16 8.04
N LEU B 89 30.92 3.80 8.33
CA LEU B 89 31.51 2.65 7.64
C LEU B 89 30.74 1.37 7.99
N ASP B 90 30.36 1.21 9.25
CA ASP B 90 29.57 0.03 9.62
C ASP B 90 28.25 -0.02 8.85
N ARG B 91 27.56 1.13 8.76
CA ARG B 91 26.28 1.17 8.05
C ARG B 91 26.46 0.90 6.57
N LEU B 92 27.49 1.51 5.96
CA LEU B 92 27.73 1.37 4.53
C LEU B 92 28.02 -0.08 4.20
N LEU B 93 28.89 -0.71 4.98
CA LEU B 93 29.24 -2.10 4.74
C LEU B 93 28.07 -3.03 5.00
N ASP B 94 27.25 -2.74 6.00
CA ASP B 94 26.07 -3.57 6.28
C ASP B 94 25.07 -3.50 5.14
N GLY B 95 24.84 -2.29 4.61
CA GLY B 95 23.96 -2.15 3.47
C GLY B 95 24.50 -2.80 2.21
N ALA B 96 25.81 -2.69 1.97
CA ALA B 96 26.39 -3.35 0.81
C ALA B 96 26.20 -4.86 0.91
N ARG B 97 26.34 -5.41 2.11
CA ARG B 97 26.11 -6.84 2.33
C ARG B 97 24.66 -7.19 1.98
N LYS B 98 23.70 -6.36 2.41
CA LYS B 98 22.31 -6.68 2.10
C LYS B 98 22.04 -6.65 0.61
N LEU B 99 22.77 -5.82 -0.13
CA LEU B 99 22.66 -5.73 -1.56
C LEU B 99 23.56 -6.72 -2.30
N ARG B 100 24.28 -7.56 -1.57
CA ARG B 100 25.21 -8.54 -2.16
C ARG B 100 26.29 -7.82 -2.95
N LEU B 101 26.71 -6.67 -2.43
CA LEU B 101 27.78 -5.86 -3.01
C LEU B 101 29.04 -6.06 -2.17
N ASP B 102 30.19 -6.19 -2.83
CA ASP B 102 31.47 -6.31 -2.14
C ASP B 102 32.34 -5.09 -2.45
N ALA B 103 32.60 -4.28 -1.43
CA ALA B 103 33.42 -3.09 -1.62
C ALA B 103 34.83 -3.46 -2.08
N GLY B 104 35.33 -4.63 -1.69
CA GLY B 104 36.69 -5.03 -1.99
C GLY B 104 37.72 -4.41 -1.07
N TYR B 105 37.30 -3.58 -0.13
CA TYR B 105 38.16 -2.91 0.82
C TYR B 105 37.62 -3.17 2.21
N THR B 106 38.53 -3.33 3.17
CA THR B 106 38.11 -3.44 4.55
C THR B 106 37.66 -2.08 5.06
N LYS B 107 37.02 -2.10 6.23
CA LYS B 107 36.57 -0.87 6.87
C LYS B 107 37.76 0.07 7.12
N ASP B 108 38.84 -0.48 7.68
CA ASP B 108 40.03 0.33 7.96
C ASP B 108 40.64 0.92 6.70
N GLU B 109 40.72 0.14 5.62
CA GLU B 109 41.24 0.69 4.38
C GLU B 109 40.37 1.84 3.91
N LEU B 110 39.05 1.69 4.06
CA LEU B 110 38.15 2.75 3.65
C LEU B 110 38.32 3.99 4.53
N ALA B 111 38.46 3.78 5.82
CA ALA B 111 38.63 4.90 6.75
C ALA B 111 39.89 5.67 6.42
N ASP B 112 41.01 4.97 6.18
CA ASP B 112 42.24 5.68 5.81
C ASP B 112 42.08 6.42 4.50
N ILE B 113 41.45 5.81 3.51
CA ILE B 113 41.28 6.46 2.22
C ILE B 113 40.40 7.69 2.39
N THR B 114 39.35 7.58 3.18
CA THR B 114 38.41 8.69 3.33
C THR B 114 39.08 9.88 4.01
N LYS B 115 39.75 9.63 5.13
CA LYS B 115 40.42 10.70 5.86
C LYS B 115 41.49 11.34 4.99
N GLN B 116 42.17 10.54 4.15
CA GLN B 116 43.16 11.09 3.22
C GLN B 116 42.51 12.03 2.24
N CYS B 117 41.30 11.70 1.80
CA CYS B 117 40.61 12.57 0.85
C CYS B 117 40.36 13.93 1.49
N VAL B 118 39.94 13.92 2.74
CA VAL B 118 39.66 15.18 3.42
C VAL B 118 40.93 16.00 3.55
N SER B 119 42.02 15.35 3.97
CA SER B 119 43.28 16.04 4.19
C SER B 119 43.81 16.67 2.92
N MET B 120 43.85 15.91 1.82
CA MET B 120 44.25 16.47 0.54
C MET B 120 43.34 17.61 0.12
N SER B 121 42.06 17.54 0.48
CA SER B 121 41.11 18.60 0.11
C SER B 121 41.41 19.91 0.83
N GLN B 122 42.00 19.83 2.03
CA GLN B 122 42.34 20.94 2.91
C GLN B 122 41.10 21.51 3.59
N LEU B 123 39.99 20.78 3.55
CA LEU B 123 38.72 21.30 4.03
C LEU B 123 38.52 20.97 5.50
N ARG B 124 38.29 21.99 6.32
CA ARG B 124 38.02 21.80 7.74
C ARG B 124 36.53 21.52 7.96
N GLU B 125 35.72 21.97 7.02
CA GLU B 125 34.30 21.64 6.94
C GLU B 125 34.04 20.95 5.59
N SER B 126 33.49 19.72 5.62
CA SER B 126 33.40 18.97 4.37
C SER B 126 32.18 18.06 4.43
N PHE B 127 31.65 17.79 3.23
CA PHE B 127 30.64 16.77 2.93
C PHE B 127 31.39 15.62 2.27
N VAL B 128 31.40 14.44 2.92
CA VAL B 128 32.20 13.28 2.51
C VAL B 128 31.27 12.13 2.17
N ASN B 129 31.39 11.64 0.94
CA ASN B 129 30.49 10.61 0.41
C ASN B 129 31.30 9.36 0.13
N LEU B 130 30.81 8.20 0.58
CA LEU B 130 31.34 6.92 0.12
C LEU B 130 30.22 6.21 -0.62
N THR B 131 30.47 5.76 -1.85
CA THR B 131 29.46 5.06 -2.63
C THR B 131 30.00 3.72 -3.09
N VAL B 132 29.22 2.64 -2.91
CA VAL B 132 29.61 1.31 -3.39
C VAL B 132 28.57 0.88 -4.44
N THR B 133 29.02 0.59 -5.67
CA THR B 133 28.10 0.26 -6.77
C THR B 133 28.37 -1.14 -7.34
N ARG B 134 27.35 -1.65 -8.03
CA ARG B 134 27.43 -2.95 -8.70
C ARG B 134 28.51 -2.95 -9.77
N GLY B 135 28.86 -1.78 -10.29
CA GLY B 135 29.99 -1.71 -11.22
C GLY B 135 29.68 -2.06 -12.67
N TYR B 136 30.73 -2.48 -13.38
CA TYR B 136 30.63 -2.79 -14.81
C TYR B 136 31.65 -3.87 -15.12
N GLY B 137 31.57 -4.44 -16.32
CA GLY B 137 32.55 -5.42 -16.77
C GLY B 137 33.98 -4.92 -16.65
N LEU B 148 32.39 -9.06 -13.72
CA LEU B 148 31.76 -7.94 -13.04
C LEU B 148 32.47 -7.51 -11.76
N THR B 149 32.90 -6.25 -11.74
CA THR B 149 33.67 -5.70 -10.65
C THR B 149 32.94 -4.53 -10.00
N HIS B 150 32.64 -4.70 -8.73
CA HIS B 150 31.96 -3.66 -7.97
C HIS B 150 32.91 -2.49 -7.78
N GLN B 151 32.35 -1.28 -7.74
CA GLN B 151 33.15 -0.06 -7.72
C GLN B 151 32.89 0.70 -6.42
N VAL B 152 33.95 1.29 -5.88
CA VAL B 152 33.85 2.17 -4.71
C VAL B 152 34.28 3.57 -5.14
N TYR B 153 33.45 4.56 -4.87
CA TYR B 153 33.77 5.96 -5.14
C TYR B 153 33.72 6.76 -3.85
N ILE B 154 34.72 7.64 -3.63
CA ILE B 154 34.74 8.46 -2.43
C ILE B 154 35.04 9.89 -2.84
N TYR B 155 34.35 10.86 -2.22
CA TYR B 155 34.74 12.24 -2.45
C TYR B 155 34.54 13.08 -1.20
N ALA B 156 35.45 14.05 -1.02
CA ALA B 156 35.35 15.04 0.04
C ALA B 156 35.20 16.41 -0.61
N ILE B 157 34.09 17.10 -0.34
CA ILE B 157 33.83 18.34 -1.06
C ILE B 157 33.42 19.38 -0.03
N PRO B 158 33.30 20.67 -0.41
CA PRO B 158 32.90 21.68 0.57
C PRO B 158 31.55 21.34 1.18
N TYR B 159 31.34 21.87 2.37
CA TYR B 159 30.16 21.53 3.17
C TYR B 159 28.88 21.86 2.40
N LEU B 160 27.89 20.96 2.51
CA LEU B 160 26.58 21.11 1.89
C LEU B 160 25.48 21.15 2.96
N TRP B 161 24.48 21.99 2.74
CA TRP B 161 23.41 22.17 3.74
C TRP B 161 22.09 21.70 3.16
N ALA B 162 21.49 20.65 3.76
CA ALA B 162 20.15 20.29 3.33
C ALA B 162 19.20 21.46 3.55
N PHE B 163 19.41 22.14 4.67
CA PHE B 163 18.75 23.37 5.00
C PHE B 163 19.83 24.40 5.30
N PRO B 164 19.67 25.61 4.82
CA PRO B 164 20.71 26.65 5.03
C PRO B 164 20.92 26.96 6.50
N PRO B 165 22.11 27.44 6.88
CA PRO B 165 22.37 27.76 8.29
C PRO B 165 21.31 28.65 8.94
N ALA B 166 20.73 29.57 8.18
CA ALA B 166 19.68 30.42 8.75
C ALA B 166 18.47 29.60 9.19
N GLU B 167 18.09 28.60 8.39
CA GLU B 167 16.99 27.71 8.77
C GLU B 167 17.39 26.77 9.88
N GLN B 168 18.67 26.39 9.98
CA GLN B 168 19.07 25.58 11.11
C GLN B 168 18.84 26.33 12.42
N ILE B 169 19.12 27.64 12.42
CA ILE B 169 18.94 28.43 13.64
C ILE B 169 17.50 28.89 13.81
N PHE B 170 16.82 29.36 12.74
CA PHE B 170 15.51 29.97 12.91
C PHE B 170 14.34 29.13 12.42
N GLY B 171 14.62 27.97 11.82
CA GLY B 171 13.57 27.02 11.45
C GLY B 171 13.18 27.07 9.97
N THR B 172 12.60 25.94 9.52
CA THR B 172 12.18 25.78 8.13
C THR B 172 10.67 25.50 8.10
N THR B 173 10.11 25.31 6.90
CA THR B 173 8.69 25.06 6.72
C THR B 173 8.47 23.76 5.95
N ALA B 174 7.39 23.04 6.27
CA ALA B 174 7.15 21.75 5.59
C ALA B 174 5.69 21.60 5.17
N ILE B 175 5.46 20.70 4.20
CA ILE B 175 4.10 20.23 3.90
C ILE B 175 4.09 18.70 3.92
N VAL B 176 2.89 18.11 4.01
CA VAL B 176 2.74 16.69 3.72
C VAL B 176 2.24 16.60 2.29
N PRO B 177 2.89 15.87 1.41
CA PRO B 177 2.42 15.81 0.02
C PRO B 177 1.01 15.26 -0.07
N ARG B 178 0.22 15.89 -0.97
CA ARG B 178 -1.08 15.36 -1.34
C ARG B 178 -0.95 14.20 -2.33
N HIS B 179 0.13 14.18 -3.09
CA HIS B 179 0.21 13.27 -4.25
C HIS B 179 1.29 12.21 -4.18
N VAL B 180 2.17 12.23 -3.18
CA VAL B 180 3.34 11.37 -3.11
C VAL B 180 3.35 10.69 -1.74
N ARG B 181 3.87 9.45 -1.70
CA ARG B 181 4.20 8.77 -0.45
C ARG B 181 5.62 8.24 -0.55
N ARG B 182 6.24 7.89 0.57
CA ARG B 182 7.60 7.35 0.53
C ARG B 182 7.62 5.87 0.18
N ALA B 183 8.44 5.49 -0.81
CA ALA B 183 8.54 4.08 -1.18
C ALA B 183 8.71 3.20 0.06
N GLY B 184 8.03 2.04 0.04
CA GLY B 184 8.04 1.11 1.17
C GLY B 184 9.26 0.20 1.21
N ARG B 185 9.50 -0.38 2.37
CA ARG B 185 10.68 -1.25 2.54
C ARG B 185 10.63 -2.49 1.64
N ASN B 186 9.44 -2.89 1.12
CA ASN B 186 9.33 -4.00 0.19
C ASN B 186 9.44 -3.58 -1.27
N THR B 187 9.71 -2.31 -1.59
CA THR B 187 9.85 -1.87 -2.98
C THR B 187 11.27 -1.37 -3.15
N VAL B 188 11.46 -0.05 -3.19
CA VAL B 188 12.77 0.57 -3.11
C VAL B 188 12.99 0.84 -1.62
N ASP B 189 13.86 0.05 -0.99
CA ASP B 189 13.93 -0.02 0.48
C ASP B 189 14.59 1.23 1.09
N PRO B 190 13.86 2.05 1.84
CA PRO B 190 14.46 3.28 2.39
C PRO B 190 15.47 2.95 3.51
N THR B 191 15.46 1.72 4.07
CA THR B 191 16.35 1.39 5.18
C THR B 191 17.77 1.15 4.72
N ILE B 192 18.00 1.10 3.41
CA ILE B 192 19.33 1.12 2.86
C ILE B 192 19.54 2.43 2.12
N1 LLP B 193 16.83 9.95 5.25
C2 LLP B 193 17.30 9.97 4.01
C2' LLP B 193 16.38 9.67 2.88
C3 LLP B 193 18.67 10.24 3.78
O3 LLP B 193 19.11 10.21 2.51
C4 LLP B 193 19.51 10.51 4.86
C4' LLP B 193 20.93 10.74 4.60
C5 LLP B 193 18.97 10.55 6.15
C6 LLP B 193 17.64 10.25 6.29
C5' LLP B 193 19.78 10.90 7.37
OP4 LLP B 193 20.76 9.88 7.73
P LLP B 193 22.13 10.42 8.48
OP1 LLP B 193 21.72 11.15 9.72
OP2 LLP B 193 22.73 11.27 7.41
OP3 LLP B 193 22.82 9.13 8.76
N LLP B 193 20.57 3.21 2.52
CA LLP B 193 20.68 4.59 1.97
CB LLP B 193 21.74 5.40 2.70
CG LLP B 193 21.63 6.90 2.48
CD LLP B 193 22.59 7.73 3.33
CE LLP B 193 22.30 9.24 3.28
NZ LLP B 193 21.76 9.73 4.56
C LLP B 193 20.94 4.51 0.47
O LLP B 193 21.79 3.66 0.08
N ASN B 194 20.15 5.20 -0.31
CA ASN B 194 20.23 4.95 -1.74
C ASN B 194 20.02 6.24 -2.55
N TYR B 195 20.32 6.18 -3.84
CA TYR B 195 20.23 7.33 -4.75
C TYR B 195 18.91 7.36 -5.45
N GLN B 196 17.96 6.51 -5.06
CA GLN B 196 16.72 6.41 -5.83
C GLN B 196 15.72 7.38 -5.23
N TRP B 197 15.73 8.61 -5.73
CA TRP B 197 14.99 9.69 -5.07
C TRP B 197 13.69 10.06 -5.77
N GLY B 198 13.13 9.18 -6.60
CA GLY B 198 11.99 9.59 -7.39
C GLY B 198 10.85 10.16 -6.56
N ASP B 199 10.50 9.47 -5.46
CA ASP B 199 9.46 10.00 -4.58
C ASP B 199 9.94 11.23 -3.83
N LEU B 200 11.20 11.22 -3.37
CA LEU B 200 11.72 12.35 -2.61
C LEU B 200 11.80 13.63 -3.45
N THR B 201 12.23 13.51 -4.72
CA THR B 201 12.24 14.64 -5.66
C THR B 201 10.84 15.12 -5.98
N ALA B 202 9.91 14.20 -6.25
CA ALA B 202 8.53 14.61 -6.46
C ALA B 202 7.98 15.33 -5.22
N ALA B 203 8.30 14.86 -4.01
CA ALA B 203 7.78 15.55 -2.81
C ALA B 203 8.37 16.95 -2.72
N SER B 204 9.66 17.08 -3.03
CA SER B 204 10.29 18.40 -2.98
C SER B 204 9.66 19.38 -3.98
N PHE B 205 9.40 18.93 -5.21
CA PHE B 205 8.72 19.81 -6.16
C PHE B 205 7.32 20.19 -5.68
N GLU B 206 6.60 19.26 -5.05
CA GLU B 206 5.30 19.62 -4.50
C GLU B 206 5.43 20.68 -3.41
N ALA B 207 6.45 20.54 -2.55
CA ALA B 207 6.68 21.55 -1.51
C ALA B 207 6.99 22.91 -2.14
N LYS B 208 7.84 22.91 -3.19
CA LYS B 208 8.16 24.18 -3.85
C LYS B 208 6.90 24.80 -4.46
N ASP B 209 6.08 24.00 -5.13
CA ASP B 209 4.82 24.45 -5.71
C ASP B 209 3.89 25.09 -4.68
N ARG B 210 3.90 24.56 -3.46
CA ARG B 210 3.03 25.01 -2.39
C ARG B 210 3.67 26.07 -1.51
N GLY B 211 4.89 26.51 -1.82
CA GLY B 211 5.52 27.59 -1.09
C GLY B 211 6.16 27.18 0.23
N ALA B 212 6.46 25.89 0.40
CA ALA B 212 7.11 25.37 1.58
C ALA B 212 8.53 24.97 1.23
N ARG B 213 9.39 24.86 2.24
CA ARG B 213 10.79 24.52 2.04
C ARG B 213 10.99 23.06 1.64
N THR B 214 10.24 22.16 2.27
CA THR B 214 10.39 20.74 1.99
C THR B 214 9.11 19.93 2.15
N ALA B 215 9.26 18.66 2.47
CA ALA B 215 8.15 17.72 2.59
C ALA B 215 8.47 16.72 3.70
N ILE B 216 7.43 16.31 4.45
CA ILE B 216 7.48 15.14 5.29
C ILE B 216 6.57 14.09 4.64
N LEU B 217 7.15 12.96 4.22
CA LEU B 217 6.36 11.94 3.51
C LEU B 217 5.76 10.91 4.49
N LEU B 218 4.57 10.38 4.14
CA LEU B 218 3.97 9.26 4.87
C LEU B 218 4.25 7.96 4.13
N ASP B 219 4.11 6.83 4.83
CA ASP B 219 4.16 5.52 4.19
C ASP B 219 2.75 5.07 3.82
N SER B 220 2.65 3.84 3.32
CA SER B 220 1.38 3.39 2.76
C SER B 220 0.29 3.28 3.83
N ASP B 221 0.64 3.12 5.10
CA ASP B 221 -0.34 3.04 6.20
C ASP B 221 -0.59 4.39 6.87
N ASN B 222 -0.13 5.46 6.27
CA ASN B 222 -0.25 6.82 6.78
C ASN B 222 0.56 7.02 8.06
N CYS B 223 1.64 6.24 8.27
CA CYS B 223 2.61 6.56 9.31
C CYS B 223 3.68 7.48 8.74
N VAL B 224 4.31 8.26 9.62
CA VAL B 224 5.41 9.10 9.15
C VAL B 224 6.56 8.20 8.65
N ALA B 225 7.11 8.59 7.50
CA ALA B 225 8.23 7.89 6.93
C ALA B 225 9.43 8.77 7.18
N GLU B 226 9.78 9.68 6.28
CA GLU B 226 10.93 10.56 6.41
C GLU B 226 10.81 11.66 5.35
N GLY B 227 11.80 12.54 5.28
CA GLY B 227 11.85 13.60 4.28
C GLY B 227 12.89 13.33 3.23
N PRO B 228 12.97 14.24 2.22
CA PRO B 228 13.99 14.09 1.17
C PRO B 228 15.37 14.39 1.69
N GLY B 229 16.06 13.36 2.15
CA GLY B 229 17.38 13.47 2.72
C GLY B 229 17.47 13.64 4.23
N PHE B 230 16.39 13.41 4.98
CA PHE B 230 16.48 13.56 6.44
C PHE B 230 15.47 12.67 7.14
N ASN B 231 15.80 12.30 8.40
CA ASN B 231 14.82 11.68 9.27
C ASN B 231 13.99 12.80 9.95
N VAL B 232 12.84 12.44 10.47
CA VAL B 232 11.93 13.39 11.15
C VAL B 232 11.81 12.93 12.59
N CYS B 233 11.95 13.85 13.53
CA CYS B 233 11.73 13.53 14.95
C CYS B 233 10.54 14.36 15.42
N ILE B 234 9.68 13.76 16.24
CA ILE B 234 8.42 14.36 16.70
C ILE B 234 8.45 14.47 18.21
N VAL B 235 8.17 15.67 18.72
CA VAL B 235 8.15 15.92 20.16
C VAL B 235 6.72 16.08 20.61
N LYS B 236 6.30 15.30 21.60
CA LYS B 236 4.96 15.46 22.16
C LYS B 236 5.02 15.23 23.66
N ASP B 237 4.50 16.17 24.43
CA ASP B 237 4.42 15.99 25.88
C ASP B 237 5.78 15.61 26.49
N GLY B 238 6.83 16.28 26.03
CA GLY B 238 8.13 16.08 26.62
C GLY B 238 8.82 14.81 26.20
N LYS B 239 8.23 14.04 25.30
CA LYS B 239 8.83 12.83 24.78
C LYS B 239 9.24 13.03 23.31
N LEU B 240 10.24 12.26 22.87
CA LEU B 240 10.78 12.33 21.50
C LEU B 240 10.52 10.99 20.81
N ALA B 241 9.99 11.05 19.59
CA ALA B 241 9.77 9.84 18.81
C ALA B 241 10.29 10.03 17.39
N SER B 242 10.59 8.90 16.74
CA SER B 242 11.01 8.95 15.33
C SER B 242 10.60 7.64 14.65
N PRO B 243 10.19 7.68 13.38
CA PRO B 243 9.73 6.45 12.72
C PRO B 243 10.72 5.30 12.74
N SER B 244 10.19 4.12 12.96
CA SER B 244 11.03 2.94 12.98
C SER B 244 11.04 2.14 11.69
N ARG B 245 10.02 2.26 10.85
CA ARG B 245 9.94 1.38 9.69
C ARG B 245 10.47 1.96 8.40
N ASN B 246 9.73 2.84 7.75
CA ASN B 246 10.08 3.32 6.40
C ASN B 246 10.90 4.60 6.48
N ALA B 247 12.11 4.43 7.01
CA ALA B 247 13.05 5.53 7.24
C ALA B 247 14.46 4.97 7.31
N LEU B 248 15.43 5.76 6.88
CA LEU B 248 16.81 5.36 7.03
C LEU B 248 17.15 5.30 8.52
N PRO B 249 17.91 4.33 8.95
CA PRO B 249 18.41 4.39 10.35
C PRO B 249 19.58 5.39 10.43
N GLY B 250 19.19 6.65 10.61
CA GLY B 250 20.12 7.74 10.49
C GLY B 250 21.11 7.80 11.64
N ILE B 251 22.34 8.26 11.30
CA ILE B 251 23.36 8.49 12.31
C ILE B 251 23.12 9.78 13.08
N THR B 252 22.59 10.78 12.41
CA THR B 252 22.19 11.97 13.16
C THR B 252 21.05 11.64 14.10
N ARG B 253 20.08 10.83 13.62
CA ARG B 253 19.03 10.39 14.50
C ARG B 253 19.59 9.62 15.70
N LYS B 254 20.56 8.73 15.46
CA LYS B 254 21.17 8.00 16.57
C LYS B 254 21.83 8.97 17.55
N THR B 255 22.51 9.99 17.03
CA THR B 255 23.13 11.00 17.89
C THR B 255 22.10 11.78 18.70
N VAL B 256 21.02 12.20 18.04
CA VAL B 256 19.96 12.93 18.69
C VAL B 256 19.34 12.10 19.83
N PHE B 257 19.16 10.80 19.62
CA PHE B 257 18.61 9.96 20.69
C PHE B 257 19.58 9.85 21.88
N GLU B 258 20.89 9.78 21.61
CA GLU B 258 21.88 9.76 22.68
C GLU B 258 21.88 11.06 23.46
N ILE B 259 21.84 12.18 22.73
CA ILE B 259 21.76 13.50 23.37
C ILE B 259 20.54 13.58 24.24
N ALA B 260 19.39 13.09 23.73
CA ALA B 260 18.19 13.18 24.53
C ALA B 260 18.32 12.32 25.77
N ASP B 261 18.83 11.08 25.62
CA ASP B 261 18.95 10.24 26.80
C ASP B 261 19.81 10.93 27.87
N GLN B 262 20.84 11.64 27.46
CA GLN B 262 21.72 12.30 28.42
C GLN B 262 21.03 13.50 29.06
N MET B 263 20.05 14.08 28.35
CA MET B 263 19.22 15.14 28.90
C MET B 263 18.09 14.59 29.76
N GLY B 264 17.97 13.28 29.86
CA GLY B 264 16.89 12.72 30.62
C GLY B 264 15.58 12.68 29.87
N ILE B 265 15.61 12.88 28.55
CA ILE B 265 14.42 12.78 27.72
C ILE B 265 14.21 11.37 27.19
N GLU B 266 12.96 10.91 27.23
CA GLU B 266 12.62 9.58 26.68
C GLU B 266 12.52 9.70 25.17
N ALA B 267 13.30 8.89 24.45
CA ALA B 267 13.32 8.90 22.99
C ALA B 267 13.05 7.49 22.48
N THR B 268 12.07 7.36 21.55
CA THR B 268 11.58 6.05 21.13
C THR B 268 11.50 5.99 19.62
N LEU B 269 11.99 4.86 19.06
CA LEU B 269 11.84 4.56 17.66
C LEU B 269 10.56 3.75 17.59
N ARG B 270 9.57 4.24 16.85
CA ARG B 270 8.26 3.62 16.83
C ARG B 270 7.51 4.15 15.62
N ASP B 271 6.34 3.55 15.36
CA ASP B 271 5.42 4.11 14.38
C ASP B 271 4.86 5.40 14.94
N VAL B 272 4.90 6.43 14.12
CA VAL B 272 4.28 7.71 14.45
C VAL B 272 3.16 7.90 13.43
N THR B 273 1.95 8.02 13.93
CA THR B 273 0.85 8.10 12.96
C THR B 273 0.74 9.51 12.36
N SER B 274 -0.04 9.62 11.26
CA SER B 274 -0.28 10.94 10.70
C SER B 274 -0.99 11.87 11.69
N HIS B 275 -1.87 11.32 12.54
CA HIS B 275 -2.48 12.16 13.59
C HIS B 275 -1.40 12.75 14.49
N GLU B 276 -0.46 11.92 14.93
CA GLU B 276 0.59 12.41 15.82
C GLU B 276 1.45 13.46 15.14
N LEU B 277 1.74 13.30 13.83
CA LEU B 277 2.54 14.29 13.14
C LEU B 277 1.86 15.65 13.19
N TYR B 278 0.56 15.70 12.84
CA TYR B 278 -0.14 16.98 12.82
C TYR B 278 -0.35 17.56 14.21
N ASP B 279 -0.37 16.73 15.25
CA ASP B 279 -0.61 17.17 16.64
C ASP B 279 0.71 17.44 17.40
N ALA B 280 1.85 17.42 16.71
CA ALA B 280 3.16 17.51 17.37
C ALA B 280 3.33 18.83 18.14
N ASP B 281 4.01 18.75 19.30
CA ASP B 281 4.43 19.97 19.96
C ASP B 281 5.62 20.58 19.24
N GLU B 282 6.51 19.75 18.71
CA GLU B 282 7.64 20.22 17.90
C GLU B 282 7.92 19.18 16.83
N LEU B 283 8.51 19.65 15.71
CA LEU B 283 8.99 18.77 14.64
C LEU B 283 10.42 19.18 14.31
N MET B 284 11.26 18.20 13.93
CA MET B 284 12.58 18.57 13.46
C MET B 284 13.04 17.61 12.39
N ALA B 285 13.91 18.10 11.54
CA ALA B 285 14.61 17.28 10.54
C ALA B 285 16.03 16.99 11.03
N VAL B 286 16.52 15.77 10.82
CA VAL B 286 17.87 15.43 11.29
C VAL B 286 18.59 14.72 10.16
N THR B 287 19.78 15.22 9.80
CA THR B 287 20.56 14.61 8.75
C THR B 287 22.01 15.08 8.89
N THR B 288 22.93 14.31 8.29
CA THR B 288 24.34 14.65 8.41
C THR B 288 24.67 16.00 7.80
N ALA B 289 24.07 16.34 6.66
CA ALA B 289 24.42 17.59 5.96
C ALA B 289 23.61 18.74 6.59
N GLY B 290 24.12 19.25 7.70
CA GLY B 290 23.52 20.37 8.43
C GLY B 290 22.93 20.08 9.80
N GLY B 291 22.78 18.82 10.21
CA GLY B 291 22.41 18.54 11.58
C GLY B 291 20.93 18.55 11.89
N VAL B 292 20.53 19.37 12.87
CA VAL B 292 19.18 19.37 13.44
C VAL B 292 18.46 20.65 13.01
N THR B 293 17.40 20.51 12.21
CA THR B 293 16.68 21.67 11.70
C THR B 293 15.30 21.76 12.31
N PRO B 294 14.95 22.85 12.96
CA PRO B 294 13.56 22.98 13.45
C PRO B 294 12.59 23.10 12.29
N ILE B 295 11.40 22.50 12.43
CA ILE B 295 10.34 22.70 11.42
C ILE B 295 9.23 23.50 12.07
N ASN B 296 9.14 24.78 11.69
CA ASN B 296 8.25 25.75 12.36
C ASN B 296 6.78 25.52 12.06
N SER B 297 6.45 25.05 10.86
CA SER B 297 5.04 24.92 10.47
C SER B 297 4.89 23.71 9.55
N LEU B 298 3.66 23.17 9.53
CA LEU B 298 3.29 22.04 8.68
C LEU B 298 2.02 22.43 7.96
N ASP B 299 2.04 22.37 6.63
CA ASP B 299 0.84 22.71 5.85
C ASP B 299 0.34 24.12 6.21
N GLY B 300 1.28 25.00 6.50
CA GLY B 300 1.00 26.42 6.78
C GLY B 300 0.49 26.70 8.16
N GLU B 301 0.38 25.68 9.01
CA GLU B 301 -0.10 25.85 10.37
C GLU B 301 1.09 25.81 11.32
N ALA B 302 1.13 26.72 12.28
CA ALA B 302 2.22 26.70 13.23
C ALA B 302 2.27 25.38 14.01
N ILE B 303 3.50 24.87 14.20
CA ILE B 303 3.81 23.85 15.20
C ILE B 303 4.27 24.64 16.44
N GLY B 304 3.64 24.40 17.59
CA GLY B 304 3.92 25.29 18.72
C GLY B 304 3.64 26.73 18.35
N ASN B 305 4.60 27.63 18.65
CA ASN B 305 4.41 29.03 18.35
C ASN B 305 4.88 29.38 16.94
N GLY B 306 5.16 28.38 16.09
CA GLY B 306 5.63 28.77 14.78
C GLY B 306 7.10 29.14 14.68
N ALA B 307 7.88 28.89 15.72
CA ALA B 307 9.31 29.13 15.81
C ALA B 307 9.95 27.91 16.45
N PRO B 308 11.27 27.80 16.42
CA PRO B 308 11.93 26.58 16.91
C PRO B 308 11.53 26.24 18.35
N GLY B 309 11.23 24.97 18.55
CA GLY B 309 10.82 24.47 19.84
C GLY B 309 11.96 24.31 20.80
N PRO B 310 11.64 24.32 22.10
CA PRO B 310 12.71 24.33 23.11
C PRO B 310 13.53 23.05 23.12
N MET B 311 12.89 21.90 22.99
CA MET B 311 13.69 20.68 22.97
C MET B 311 14.56 20.65 21.72
N THR B 312 14.01 21.07 20.57
CA THR B 312 14.80 21.10 19.33
C THR B 312 16.04 21.97 19.50
N VAL B 313 15.85 23.16 20.07
CA VAL B 313 16.97 24.08 20.25
C VAL B 313 18.04 23.46 21.13
N ALA B 314 17.61 22.82 22.23
CA ALA B 314 18.53 22.19 23.18
C ALA B 314 19.32 21.08 22.51
N ILE B 315 18.63 20.23 21.78
CA ILE B 315 19.33 19.13 21.10
C ILE B 315 20.25 19.65 20.00
N ARG B 316 19.77 20.60 19.20
CA ARG B 316 20.59 21.13 18.12
C ARG B 316 21.85 21.76 18.68
N ASP B 317 21.70 22.55 19.74
CA ASP B 317 22.90 23.21 20.29
C ASP B 317 23.87 22.19 20.85
N ARG B 318 23.36 21.14 21.53
CA ARG B 318 24.26 20.10 22.00
C ARG B 318 24.97 19.40 20.84
N PHE B 319 24.27 19.23 19.71
CA PHE B 319 24.82 18.50 18.59
C PHE B 319 26.05 19.22 18.04
N TRP B 320 25.97 20.55 17.89
CA TRP B 320 27.12 21.26 17.37
C TRP B 320 28.27 21.26 18.37
N ALA B 321 27.97 21.27 19.68
CA ALA B 321 29.01 21.19 20.71
C ALA B 321 29.79 19.88 20.63
N LEU B 322 29.14 18.79 20.21
CA LEU B 322 29.82 17.49 20.12
C LEU B 322 30.99 17.55 19.16
N MET B 323 30.90 18.43 18.16
CA MET B 323 31.89 18.50 17.10
C MET B 323 33.23 18.97 17.63
N ASP B 324 33.26 19.51 18.87
CA ASP B 324 34.48 20.09 19.41
C ASP B 324 34.97 19.38 20.66
N GLU B 325 34.16 18.49 21.25
CA GLU B 325 34.57 17.80 22.47
C GLU B 325 35.33 16.54 22.10
N PRO B 326 36.56 16.36 22.58
CA PRO B 326 37.29 15.12 22.28
C PRO B 326 36.55 13.93 22.86
N GLY B 327 36.62 12.81 22.16
CA GLY B 327 35.93 11.63 22.58
C GLY B 327 35.71 10.66 21.44
N PRO B 328 34.98 9.57 21.72
CA PRO B 328 34.79 8.51 20.71
C PRO B 328 34.08 8.99 19.45
N LEU B 329 33.24 10.03 19.54
CA LEU B 329 32.41 10.42 18.40
C LEU B 329 33.22 11.17 17.36
N ILE B 330 34.35 11.78 17.74
CA ILE B 330 35.09 12.60 16.80
C ILE B 330 36.56 12.18 16.74
N GLU B 331 37.13 12.37 15.57
CA GLU B 331 38.56 12.15 15.34
C GLU B 331 39.10 13.33 14.55
N ALA B 332 40.28 13.84 14.93
CA ALA B 332 40.81 14.99 14.20
C ALA B 332 41.50 14.53 12.93
N ILE B 333 41.22 15.20 11.82
CA ILE B 333 41.93 14.97 10.57
C ILE B 333 43.31 15.59 10.66
N GLU B 334 44.30 14.92 10.05
CA GLU B 334 45.66 15.43 9.94
C GLU B 334 45.90 16.06 8.59
N TYR B 335 46.01 17.39 8.57
CA TYR B 335 46.22 18.12 7.32
C TYR B 335 47.71 18.34 7.03
N THR C 3 -21.54 14.03 18.67
CA THR C 3 -20.20 13.56 19.08
C THR C 3 -20.08 12.09 18.77
N GLY C 4 -21.04 11.29 19.26
CA GLY C 4 -21.08 9.87 18.91
C GLY C 4 -21.54 9.71 17.47
N THR C 5 -22.10 10.77 16.87
CA THR C 5 -22.72 10.63 15.53
C THR C 5 -21.87 11.16 14.40
N SER C 6 -21.65 10.33 13.37
CA SER C 6 -20.93 10.72 12.12
C SER C 6 -21.84 11.52 11.19
N ASN C 7 -21.28 12.16 10.16
CA ASN C 7 -22.13 12.87 9.15
C ASN C 7 -22.89 11.88 8.25
N LEU C 8 -22.83 10.57 8.50
CA LEU C 8 -23.59 9.63 7.68
C LEU C 8 -25.02 9.48 8.15
N VAL C 9 -25.94 9.38 7.18
CA VAL C 9 -27.34 9.20 7.48
C VAL C 9 -27.53 7.88 8.22
N ALA C 10 -28.31 7.90 9.28
CA ALA C 10 -28.63 6.68 10.02
C ALA C 10 -29.57 5.81 9.19
N VAL C 11 -29.13 4.60 8.87
CA VAL C 11 -29.94 3.67 8.08
C VAL C 11 -31.09 3.13 8.91
N GLU C 12 -32.07 3.97 9.19
CA GLU C 12 -33.23 3.57 9.98
C GLU C 12 -34.54 3.92 9.26
N PRO C 13 -35.63 3.56 9.89
CA PRO C 13 -36.91 4.05 9.46
C PRO C 13 -37.03 5.46 9.99
N GLY C 14 -37.26 6.39 9.11
CA GLY C 14 -37.44 7.75 9.51
C GLY C 14 -38.72 8.24 8.92
N ALA C 15 -38.75 9.53 8.75
CA ALA C 15 -39.97 10.20 8.30
C ALA C 15 -40.32 9.89 6.85
N ILE C 16 -41.63 9.77 6.58
CA ILE C 16 -42.12 9.39 5.25
C ILE C 16 -41.85 10.49 4.22
N ARG C 17 -41.77 11.74 4.66
CA ARG C 17 -41.55 12.92 3.85
C ARG C 17 -40.62 13.90 4.52
N GLU C 18 -39.99 14.73 3.69
CA GLU C 18 -39.01 15.70 4.14
C GLU C 18 -39.04 16.84 3.14
N ASP C 19 -38.72 18.05 3.61
CA ASP C 19 -38.77 19.19 2.71
C ASP C 19 -37.76 19.05 1.58
N THR C 20 -38.15 19.52 0.40
CA THR C 20 -37.28 19.57 -0.78
C THR C 20 -37.38 20.98 -1.37
N PRO C 21 -36.36 21.44 -2.11
CA PRO C 21 -36.39 22.81 -2.64
C PRO C 21 -37.54 23.03 -3.62
N PRO C 22 -38.32 24.09 -3.43
CA PRO C 22 -39.50 24.31 -4.28
C PRO C 22 -39.12 24.55 -5.73
N GLY C 23 -39.85 23.89 -6.62
CA GLY C 23 -39.56 24.01 -8.03
C GLY C 23 -38.40 23.17 -8.51
N SER C 24 -37.70 22.48 -7.62
CA SER C 24 -36.60 21.61 -7.97
C SER C 24 -37.11 20.32 -8.59
N VAL C 25 -36.18 19.58 -9.22
CA VAL C 25 -36.50 18.29 -9.84
C VAL C 25 -36.92 17.24 -8.79
N ILE C 26 -36.67 17.49 -7.50
CA ILE C 26 -36.92 16.53 -6.42
C ILE C 26 -38.15 16.93 -5.63
N GLN C 27 -39.23 16.15 -5.79
CA GLN C 27 -40.47 16.36 -5.05
C GLN C 27 -41.05 15.01 -4.65
N TYR C 28 -41.44 14.88 -3.39
CA TYR C 28 -42.08 13.67 -2.90
C TYR C 28 -43.50 13.56 -3.45
N SER C 29 -44.02 12.34 -3.42
CA SER C 29 -45.42 12.09 -3.77
C SER C 29 -46.35 12.62 -2.67
N ASP C 30 -47.55 13.03 -3.08
CA ASP C 30 -48.59 13.42 -2.10
C ASP C 30 -49.47 12.22 -1.81
N TYR C 31 -49.53 11.82 -0.54
CA TYR C 31 -50.34 10.67 -0.14
C TYR C 31 -50.26 10.53 1.38
N GLU C 32 -51.02 9.57 1.89
CA GLU C 32 -51.19 9.32 3.32
C GLU C 32 -51.10 7.82 3.55
N LEU C 33 -50.46 7.46 4.64
CA LEU C 33 -50.36 6.06 5.05
C LEU C 33 -51.68 5.63 5.71
N ASP C 34 -52.07 4.38 5.50
CA ASP C 34 -53.24 3.80 6.17
C ASP C 34 -52.74 2.97 7.34
N HIS C 35 -52.85 3.51 8.54
CA HIS C 35 -52.31 2.82 9.69
C HIS C 35 -53.21 1.70 10.19
N SER C 36 -54.29 1.40 9.47
CA SER C 36 -55.01 0.15 9.73
C SER C 36 -54.12 -1.04 9.44
N SER C 37 -53.18 -0.89 8.49
CA SER C 37 -52.19 -1.93 8.29
C SER C 37 -51.02 -1.73 9.27
N PRO C 38 -50.62 -2.76 10.00
CA PRO C 38 -49.42 -2.66 10.84
C PRO C 38 -48.17 -2.46 10.00
N PHE C 39 -48.22 -2.85 8.73
CA PHE C 39 -47.10 -2.77 7.80
C PHE C 39 -46.85 -1.38 7.27
N ALA C 40 -47.84 -0.48 7.34
CA ALA C 40 -47.69 0.83 6.72
C ALA C 40 -46.48 1.57 7.27
N GLY C 41 -45.62 2.08 6.38
CA GLY C 41 -44.48 2.84 6.83
C GLY C 41 -43.16 2.08 6.84
N GLY C 42 -43.19 0.76 7.02
CA GLY C 42 -41.98 -0.04 6.87
C GLY C 42 -42.21 -1.54 6.97
N VAL C 43 -41.62 -2.30 6.05
CA VAL C 43 -41.75 -3.77 6.05
C VAL C 43 -40.37 -4.39 5.96
N ALA C 44 -40.15 -5.42 6.78
CA ALA C 44 -38.93 -6.23 6.75
C ALA C 44 -39.30 -7.68 6.51
N TRP C 45 -38.53 -8.35 5.66
CA TRP C 45 -38.72 -9.76 5.38
C TRP C 45 -37.52 -10.48 5.94
N ILE C 46 -37.71 -11.21 7.04
CA ILE C 46 -36.62 -11.87 7.74
C ILE C 46 -37.04 -13.30 8.01
N GLU C 47 -36.22 -14.27 7.56
CA GLU C 47 -36.48 -15.69 7.82
C GLU C 47 -37.84 -16.10 7.28
N GLY C 48 -38.16 -15.62 6.08
CA GLY C 48 -39.36 -15.98 5.36
C GLY C 48 -40.63 -15.32 5.84
N GLU C 49 -40.58 -14.46 6.85
CA GLU C 49 -41.77 -13.84 7.40
C GLU C 49 -41.74 -12.33 7.18
N PHE C 50 -42.85 -11.78 6.68
CA PHE C 50 -42.97 -10.33 6.52
C PHE C 50 -43.28 -9.72 7.88
N LEU C 51 -42.60 -8.62 8.21
CA LEU C 51 -42.76 -8.04 9.54
C LEU C 51 -42.88 -6.52 9.43
N PRO C 52 -43.51 -5.87 10.41
CA PRO C 52 -43.36 -4.41 10.53
C PRO C 52 -41.91 -4.05 10.82
N ALA C 53 -41.43 -2.97 10.20
CA ALA C 53 -40.00 -2.68 10.23
C ALA C 53 -39.48 -2.51 11.65
N GLU C 54 -40.23 -1.81 12.51
CA GLU C 54 -39.81 -1.64 13.90
C GLU C 54 -39.55 -2.98 14.60
N ASP C 55 -40.16 -4.06 14.13
CA ASP C 55 -39.99 -5.35 14.76
C ASP C 55 -38.79 -6.13 14.20
N ALA C 56 -38.17 -5.64 13.12
CA ALA C 56 -37.18 -6.41 12.38
C ALA C 56 -35.92 -6.68 13.22
N LYS C 57 -35.63 -7.97 13.42
CA LYS C 57 -34.50 -8.38 14.23
C LYS C 57 -33.84 -9.61 13.61
N ILE C 58 -32.53 -9.75 13.86
CA ILE C 58 -31.78 -10.87 13.28
C ILE C 58 -30.98 -11.50 14.41
N SER C 59 -30.60 -12.75 14.22
CA SER C 59 -29.85 -13.45 15.25
C SER C 59 -28.51 -12.76 15.49
N ILE C 60 -28.16 -12.56 16.75
CA ILE C 60 -26.85 -11.97 17.09
C ILE C 60 -25.72 -12.88 16.57
N PHE C 61 -25.99 -14.17 16.36
CA PHE C 61 -25.01 -15.17 15.92
C PHE C 61 -24.90 -15.28 14.41
N ASP C 62 -25.65 -14.53 13.63
CA ASP C 62 -25.44 -14.55 12.19
C ASP C 62 -24.01 -14.12 11.90
N THR C 63 -23.27 -14.91 11.08
CA THR C 63 -21.90 -14.55 10.73
C THR C 63 -21.84 -13.24 9.95
N GLY C 64 -22.94 -12.82 9.34
CA GLY C 64 -23.04 -11.50 8.78
C GLY C 64 -22.88 -10.40 9.80
N PHE C 65 -23.15 -10.67 11.08
CA PHE C 65 -22.82 -9.71 12.14
C PHE C 65 -21.37 -9.87 12.59
N GLY C 66 -21.03 -11.03 13.15
CA GLY C 66 -19.73 -11.22 13.78
C GLY C 66 -18.55 -11.13 12.82
N HIS C 67 -18.75 -11.48 11.55
CA HIS C 67 -17.66 -11.35 10.57
C HIS C 67 -18.02 -10.40 9.43
N SER C 68 -19.19 -9.72 9.48
CA SER C 68 -19.64 -8.90 8.37
C SER C 68 -19.52 -9.68 7.05
N ASP C 69 -19.87 -10.98 7.11
CA ASP C 69 -19.72 -11.88 5.98
C ASP C 69 -20.99 -11.87 5.15
N LEU C 70 -21.04 -10.94 4.21
CA LEU C 70 -22.29 -10.66 3.49
C LEU C 70 -21.99 -9.73 2.32
N THR C 71 -23.00 -9.60 1.45
CA THR C 71 -23.08 -8.51 0.51
C THR C 71 -24.52 -8.01 0.51
N TYR C 72 -24.73 -6.86 -0.14
CA TYR C 72 -26.06 -6.28 -0.14
C TYR C 72 -26.22 -5.34 -1.31
N THR C 73 -27.48 -4.93 -1.53
CA THR C 73 -27.73 -3.85 -2.47
C THR C 73 -28.89 -3.00 -1.95
N VAL C 74 -28.97 -1.80 -2.50
CA VAL C 74 -30.04 -0.86 -2.18
C VAL C 74 -30.65 -0.35 -3.47
N ALA C 75 -31.98 -0.45 -3.57
CA ALA C 75 -32.68 0.15 -4.68
C ALA C 75 -33.60 1.22 -4.10
N HIS C 76 -33.90 2.23 -4.89
CA HIS C 76 -34.83 3.25 -4.43
C HIS C 76 -36.15 3.16 -5.21
N VAL C 77 -37.22 3.51 -4.50
CA VAL C 77 -38.56 3.67 -5.07
C VAL C 77 -38.85 5.16 -5.08
N TRP C 78 -39.27 5.70 -6.22
CA TRP C 78 -39.62 7.12 -6.33
C TRP C 78 -40.93 7.23 -7.10
N HIS C 79 -41.91 7.93 -6.52
CA HIS C 79 -43.22 8.12 -7.16
C HIS C 79 -43.86 6.77 -7.48
N GLY C 80 -43.65 5.80 -6.59
CA GLY C 80 -44.20 4.46 -6.73
C GLY C 80 -43.49 3.57 -7.72
N ASN C 81 -42.34 3.98 -8.24
CA ASN C 81 -41.58 3.21 -9.22
C ASN C 81 -40.27 2.76 -8.61
N ILE C 82 -40.01 1.47 -8.67
CA ILE C 82 -38.70 0.93 -8.28
C ILE C 82 -37.76 1.07 -9.45
N PHE C 83 -36.50 1.46 -9.17
CA PHE C 83 -35.57 1.87 -10.23
C PHE C 83 -34.50 0.79 -10.45
N ARG C 84 -34.45 0.24 -11.67
CA ARG C 84 -33.41 -0.72 -12.09
C ARG C 84 -33.29 -1.92 -11.13
N LEU C 85 -34.44 -2.44 -10.69
CA LEU C 85 -34.40 -3.54 -9.72
C LEU C 85 -33.64 -4.73 -10.28
N GLY C 86 -33.81 -5.01 -11.58
CA GLY C 86 -33.14 -6.14 -12.20
C GLY C 86 -31.64 -6.00 -12.18
N ASP C 87 -31.14 -4.77 -12.41
CA ASP C 87 -29.70 -4.52 -12.33
C ASP C 87 -29.20 -4.76 -10.92
N HIS C 88 -30.00 -4.35 -9.92
CA HIS C 88 -29.64 -4.53 -8.52
C HIS C 88 -29.62 -6.00 -8.14
N LEU C 89 -30.60 -6.78 -8.60
CA LEU C 89 -30.57 -8.20 -8.30
C LEU C 89 -29.39 -8.90 -8.95
N ASP C 90 -29.06 -8.53 -10.19
CA ASP C 90 -27.92 -9.10 -10.89
C ASP C 90 -26.63 -8.83 -10.12
N ARG C 91 -26.47 -7.60 -9.62
CA ARG C 91 -25.25 -7.27 -8.86
C ARG C 91 -25.19 -8.02 -7.55
N LEU C 92 -26.32 -8.06 -6.85
CA LEU C 92 -26.38 -8.72 -5.55
C LEU C 92 -25.99 -10.19 -5.68
N LEU C 93 -26.58 -10.86 -6.66
CA LEU C 93 -26.31 -12.28 -6.86
C LEU C 93 -24.87 -12.51 -7.34
N ASP C 94 -24.35 -11.63 -8.19
CA ASP C 94 -22.98 -11.78 -8.68
C ASP C 94 -21.98 -11.65 -7.53
N GLY C 95 -22.19 -10.67 -6.66
CA GLY C 95 -21.33 -10.54 -5.50
C GLY C 95 -21.46 -11.71 -4.54
N ALA C 96 -22.69 -12.21 -4.38
CA ALA C 96 -22.88 -13.34 -3.48
C ALA C 96 -22.11 -14.56 -3.98
N ARG C 97 -22.11 -14.77 -5.30
CA ARG C 97 -21.35 -15.85 -5.92
C ARG C 97 -19.88 -15.69 -5.63
N LYS C 98 -19.36 -14.47 -5.76
CA LYS C 98 -17.96 -14.22 -5.47
C LYS C 98 -17.62 -14.53 -4.02
N LEU C 99 -18.56 -14.32 -3.11
CA LEU C 99 -18.37 -14.64 -1.70
C LEU C 99 -18.76 -16.07 -1.34
N ARG C 100 -19.13 -16.88 -2.32
CA ARG C 100 -19.54 -18.27 -2.09
C ARG C 100 -20.78 -18.34 -1.21
N LEU C 101 -21.66 -17.37 -1.38
CA LEU C 101 -22.91 -17.32 -0.63
C LEU C 101 -24.03 -17.77 -1.58
N ASP C 102 -24.93 -18.57 -1.07
CA ASP C 102 -26.10 -19.04 -1.83
C ASP C 102 -27.35 -18.43 -1.20
N ALA C 103 -27.97 -17.51 -1.92
CA ALA C 103 -29.18 -16.89 -1.42
C ALA C 103 -30.29 -17.91 -1.19
N GLY C 104 -30.31 -18.99 -1.99
CA GLY C 104 -31.36 -19.97 -1.94
C GLY C 104 -32.63 -19.54 -2.64
N TYR C 105 -32.65 -18.33 -3.20
CA TYR C 105 -33.80 -17.78 -3.90
C TYR C 105 -33.33 -17.34 -5.27
N THR C 106 -34.20 -17.50 -6.28
CA THR C 106 -33.95 -17.04 -7.62
C THR C 106 -34.10 -15.53 -7.73
N LYS C 107 -33.57 -14.99 -8.83
CA LYS C 107 -33.67 -13.55 -9.10
C LYS C 107 -35.14 -13.12 -9.16
N ASP C 108 -35.96 -13.83 -9.94
CA ASP C 108 -37.38 -13.53 -10.04
C ASP C 108 -38.07 -13.71 -8.69
N GLU C 109 -37.67 -14.71 -7.93
CA GLU C 109 -38.25 -14.89 -6.60
C GLU C 109 -37.96 -13.68 -5.72
N LEU C 110 -36.71 -13.21 -5.73
CA LEU C 110 -36.36 -12.06 -4.90
C LEU C 110 -37.09 -10.81 -5.39
N ALA C 111 -37.24 -10.67 -6.70
CA ALA C 111 -37.94 -9.51 -7.26
C ALA C 111 -39.35 -9.40 -6.70
N ASP C 112 -40.11 -10.50 -6.71
CA ASP C 112 -41.48 -10.45 -6.19
C ASP C 112 -41.51 -10.16 -4.69
N ILE C 113 -40.64 -10.79 -3.91
CA ILE C 113 -40.61 -10.48 -2.47
C ILE C 113 -40.22 -9.03 -2.26
N THR C 114 -39.29 -8.51 -3.07
CA THR C 114 -38.86 -7.11 -2.91
C THR C 114 -40.01 -6.16 -3.20
N LYS C 115 -40.67 -6.36 -4.35
CA LYS C 115 -41.81 -5.53 -4.73
C LYS C 115 -42.97 -5.70 -3.74
N GLN C 116 -43.19 -6.93 -3.27
CA GLN C 116 -44.21 -7.12 -2.25
C GLN C 116 -43.90 -6.32 -0.99
N CYS C 117 -42.61 -6.25 -0.60
CA CYS C 117 -42.28 -5.46 0.58
C CYS C 117 -42.63 -3.99 0.38
N VAL C 118 -42.34 -3.45 -0.80
CA VAL C 118 -42.65 -2.05 -1.07
C VAL C 118 -44.15 -1.82 -1.03
N SER C 119 -44.92 -2.69 -1.70
CA SER C 119 -46.37 -2.52 -1.76
C SER C 119 -46.96 -2.57 -0.36
N MET C 120 -46.58 -3.57 0.43
CA MET C 120 -47.04 -3.65 1.81
C MET C 120 -46.67 -2.43 2.64
N SER C 121 -45.50 -1.82 2.37
CA SER C 121 -45.10 -0.64 3.11
C SER C 121 -45.99 0.56 2.80
N GLN C 122 -46.58 0.60 1.61
CA GLN C 122 -47.39 1.69 1.07
C GLN C 122 -46.52 2.91 0.72
N LEU C 123 -45.20 2.76 0.72
CA LEU C 123 -44.32 3.90 0.56
C LEU C 123 -44.12 4.14 -0.92
N ARG C 124 -44.41 5.37 -1.36
CA ARG C 124 -44.19 5.74 -2.75
C ARG C 124 -42.75 6.15 -2.96
N GLU C 125 -42.08 6.61 -1.89
CA GLU C 125 -40.65 6.89 -1.89
C GLU C 125 -40.01 6.00 -0.82
N SER C 126 -39.05 5.17 -1.21
CA SER C 126 -38.56 4.17 -0.26
C SER C 126 -37.09 3.84 -0.51
N PHE C 127 -36.42 3.45 0.58
CA PHE C 127 -35.07 2.91 0.57
C PHE C 127 -35.22 1.40 0.78
N VAL C 128 -34.80 0.62 -0.19
CA VAL C 128 -35.05 -0.83 -0.20
C VAL C 128 -33.72 -1.58 -0.18
N ASN C 129 -33.55 -2.45 0.81
CA ASN C 129 -32.29 -3.15 1.05
C ASN C 129 -32.52 -4.65 0.86
N LEU C 130 -31.61 -5.29 0.13
CA LEU C 130 -31.51 -6.75 0.06
C LEU C 130 -30.11 -7.12 0.60
N THR C 131 -30.07 -7.99 1.61
CA THR C 131 -28.83 -8.43 2.24
C THR C 131 -28.75 -9.94 2.26
N VAL C 132 -27.60 -10.49 1.84
CA VAL C 132 -27.36 -11.94 1.83
C VAL C 132 -26.17 -12.19 2.75
N THR C 133 -26.34 -13.00 3.79
CA THR C 133 -25.31 -13.23 4.79
C THR C 133 -24.93 -14.71 4.83
N ARG C 134 -23.75 -14.99 5.37
CA ARG C 134 -23.32 -16.36 5.63
C ARG C 134 -24.23 -17.08 6.63
N GLY C 135 -24.95 -16.34 7.45
CA GLY C 135 -25.98 -16.99 8.23
C GLY C 135 -25.44 -17.69 9.45
N TYR C 136 -26.16 -18.71 9.89
CA TYR C 136 -25.82 -19.43 11.10
C TYR C 136 -26.42 -20.82 11.00
N GLY C 137 -26.02 -21.70 11.90
CA GLY C 137 -26.50 -23.08 11.89
C GLY C 137 -28.01 -23.30 11.85
N LEU C 148 -25.07 -25.02 8.42
CA LEU C 148 -24.99 -23.57 8.19
C LEU C 148 -25.92 -23.15 7.06
N THR C 149 -26.85 -22.25 7.37
CA THR C 149 -27.84 -21.80 6.40
C THR C 149 -27.64 -20.32 6.17
N HIS C 150 -27.33 -19.96 4.93
CA HIS C 150 -27.19 -18.55 4.55
C HIS C 150 -28.55 -17.89 4.62
N GLN C 151 -28.56 -16.59 4.97
CA GLN C 151 -29.78 -15.84 5.24
C GLN C 151 -29.96 -14.72 4.22
N VAL C 152 -31.21 -14.46 3.85
CA VAL C 152 -31.55 -13.32 3.01
C VAL C 152 -32.48 -12.45 3.82
N TYR C 153 -32.15 -11.16 3.91
CA TYR C 153 -32.96 -10.17 4.62
C TYR C 153 -33.31 -9.06 3.65
N ILE C 154 -34.57 -8.61 3.67
CA ILE C 154 -35.05 -7.52 2.83
C ILE C 154 -35.86 -6.58 3.68
N TYR C 155 -35.69 -5.26 3.44
CA TYR C 155 -36.57 -4.28 4.06
C TYR C 155 -36.82 -3.12 3.10
N ALA C 156 -38.03 -2.56 3.18
CA ALA C 156 -38.42 -1.36 2.48
C ALA C 156 -38.82 -0.34 3.53
N ILE C 157 -38.09 0.77 3.60
CA ILE C 157 -38.29 1.76 4.67
C ILE C 157 -38.38 3.14 4.04
N PRO C 158 -38.78 4.17 4.80
CA PRO C 158 -38.91 5.52 4.22
C PRO C 158 -37.59 5.99 3.63
N TYR C 159 -37.69 6.87 2.63
CA TYR C 159 -36.55 7.27 1.82
C TYR C 159 -35.45 7.87 2.70
N LEU C 160 -34.21 7.51 2.36
CA LEU C 160 -33.04 8.01 3.08
C LEU C 160 -32.14 8.78 2.12
N TRP C 161 -31.55 9.86 2.61
CA TRP C 161 -30.73 10.76 1.80
C TRP C 161 -29.28 10.72 2.29
N ALA C 162 -28.38 10.27 1.42
CA ALA C 162 -26.97 10.33 1.78
C ALA C 162 -26.56 11.79 1.95
N PHE C 163 -27.14 12.66 1.14
CA PHE C 163 -27.01 14.10 1.26
C PHE C 163 -28.42 14.69 1.25
N PRO C 164 -28.68 15.71 2.04
CA PRO C 164 -30.05 16.24 2.13
C PRO C 164 -30.52 16.78 0.79
N PRO C 165 -31.84 16.82 0.56
CA PRO C 165 -32.36 17.34 -0.71
C PRO C 165 -31.81 18.74 -1.07
N ALA C 166 -31.60 19.63 -0.08
CA ALA C 166 -31.06 20.95 -0.34
C ALA C 166 -29.65 20.87 -0.94
N GLU C 167 -28.83 19.92 -0.46
CA GLU C 167 -27.50 19.70 -1.01
C GLU C 167 -27.55 19.05 -2.40
N GLN C 168 -28.60 18.22 -2.69
CA GLN C 168 -28.71 17.69 -4.04
C GLN C 168 -28.88 18.83 -5.03
N ILE C 169 -29.64 19.86 -4.65
CA ILE C 169 -29.90 20.97 -5.56
C ILE C 169 -28.77 22.00 -5.54
N PHE C 170 -28.30 22.37 -4.34
CA PHE C 170 -27.37 23.48 -4.22
C PHE C 170 -25.93 23.09 -3.93
N GLY C 171 -25.64 21.81 -3.76
CA GLY C 171 -24.25 21.35 -3.65
C GLY C 171 -23.84 21.11 -2.21
N THR C 172 -22.77 20.29 -2.07
CA THR C 172 -22.24 19.86 -0.78
C THR C 172 -20.76 20.18 -0.73
N THR C 173 -20.13 19.84 0.37
CA THR C 173 -18.71 20.14 0.60
C THR C 173 -17.95 18.85 0.93
N ALA C 174 -16.70 18.77 0.46
CA ALA C 174 -15.90 17.57 0.71
C ALA C 174 -14.49 17.92 1.16
N ILE C 175 -13.84 16.94 1.83
CA ILE C 175 -12.41 16.97 2.06
C ILE C 175 -11.78 15.64 1.59
N VAL C 176 -10.47 15.66 1.37
CA VAL C 176 -9.69 14.43 1.17
C VAL C 176 -9.08 14.10 2.53
N PRO C 177 -9.31 12.92 3.10
CA PRO C 177 -8.79 12.68 4.47
C PRO C 177 -7.28 12.72 4.53
N ARG C 178 -6.76 13.33 5.61
CA ARG C 178 -5.34 13.26 5.90
C ARG C 178 -4.92 11.92 6.46
N HIS C 179 -5.82 11.21 7.13
CA HIS C 179 -5.45 10.05 7.94
C HIS C 179 -5.99 8.73 7.50
N VAL C 180 -6.86 8.71 6.49
CA VAL C 180 -7.57 7.51 6.06
C VAL C 180 -7.39 7.33 4.56
N ARG C 181 -7.39 6.06 4.12
CA ARG C 181 -7.48 5.73 2.71
C ARG C 181 -8.56 4.66 2.56
N ARG C 182 -9.07 4.47 1.33
CA ARG C 182 -10.02 3.38 1.11
C ARG C 182 -9.32 2.02 1.17
N ALA C 183 -10.00 1.03 1.78
CA ALA C 183 -9.52 -0.36 1.69
C ALA C 183 -9.40 -0.82 0.24
N GLY C 184 -8.33 -1.54 -0.05
CA GLY C 184 -8.04 -2.00 -1.42
C GLY C 184 -8.79 -3.29 -1.78
N ARG C 185 -8.82 -3.56 -3.08
CA ARG C 185 -9.52 -4.73 -3.59
C ARG C 185 -8.91 -6.05 -3.08
N ASN C 186 -7.63 -6.04 -2.66
CA ASN C 186 -7.02 -7.23 -2.09
C ASN C 186 -7.18 -7.34 -0.57
N THR C 187 -7.92 -6.45 0.07
CA THR C 187 -8.11 -6.54 1.50
C THR C 187 -9.60 -6.74 1.74
N VAL C 188 -10.31 -5.69 2.14
CA VAL C 188 -11.77 -5.72 2.19
C VAL C 188 -12.23 -5.11 0.86
N ASP C 189 -12.71 -5.96 -0.06
CA ASP C 189 -12.83 -5.58 -1.48
C ASP C 189 -13.99 -4.59 -1.72
N PRO C 190 -13.70 -3.34 -2.12
CA PRO C 190 -14.79 -2.37 -2.32
C PRO C 190 -15.62 -2.69 -3.55
N THR C 191 -15.17 -3.60 -4.43
CA THR C 191 -15.96 -3.90 -5.63
C THR C 191 -17.16 -4.82 -5.36
N ILE C 192 -17.28 -5.35 -4.17
CA ILE C 192 -18.46 -6.03 -3.68
C ILE C 192 -19.09 -5.19 -2.57
N1 LLP C 193 -19.85 3.27 -3.09
C2 LLP C 193 -20.20 2.73 -1.93
C2' LLP C 193 -19.15 2.47 -0.90
C3 LLP C 193 -21.53 2.37 -1.69
O3 LLP C 193 -21.85 1.82 -0.51
C4 LLP C 193 -22.50 2.62 -2.65
C4' LLP C 193 -23.85 2.20 -2.35
C5 LLP C 193 -22.13 3.24 -3.85
C6 LLP C 193 -20.80 3.53 -4.03
C5' LLP C 193 -23.11 3.59 -4.94
OP4 LLP C 193 -23.66 2.43 -5.63
P LLP C 193 -25.16 2.56 -6.29
OP1 LLP C 193 -25.12 3.74 -7.22
OP2 LLP C 193 -26.07 2.66 -5.15
OP3 LLP C 193 -25.27 1.26 -7.06
N LLP C 193 -20.36 -4.80 -2.76
CA LLP C 193 -21.01 -3.85 -1.82
CB LLP C 193 -22.35 -3.34 -2.37
CG LLP C 193 -22.86 -2.10 -1.64
CD LLP C 193 -24.10 -1.43 -2.22
CE LLP C 193 -24.34 -0.03 -1.60
NZ LLP C 193 -24.23 1.02 -2.63
C LLP C 193 -21.14 -4.52 -0.46
O LLP C 193 -21.60 -5.69 -0.42
N ASN C 194 -20.64 -3.86 0.58
CA ASN C 194 -20.49 -4.55 1.86
C ASN C 194 -20.73 -3.56 3.01
N TYR C 195 -20.88 -4.10 4.24
CA TYR C 195 -21.16 -3.34 5.46
C TYR C 195 -19.88 -2.97 6.23
N GLN C 196 -18.71 -3.23 5.67
CA GLN C 196 -17.46 -3.02 6.39
C GLN C 196 -17.01 -1.60 6.14
N TRP C 197 -17.51 -0.68 6.98
CA TRP C 197 -17.34 0.75 6.75
C TRP C 197 -16.24 1.41 7.62
N GLY C 198 -15.33 0.61 8.19
CA GLY C 198 -14.33 1.19 9.11
C GLY C 198 -13.64 2.40 8.56
N ASP C 199 -13.16 2.30 7.31
CA ASP C 199 -12.52 3.45 6.67
C ASP C 199 -13.52 4.54 6.30
N LEU C 200 -14.69 4.14 5.81
CA LEU C 200 -15.70 5.15 5.41
C LEU C 200 -16.20 5.93 6.62
N THR C 201 -16.44 5.25 7.74
CA THR C 201 -16.87 5.93 8.97
C THR C 201 -15.77 6.83 9.50
N ALA C 202 -14.52 6.33 9.52
CA ALA C 202 -13.43 7.19 9.94
C ALA C 202 -13.30 8.44 9.05
N ALA C 203 -13.46 8.29 7.73
CA ALA C 203 -13.35 9.43 6.83
C ALA C 203 -14.48 10.42 7.08
N SER C 204 -15.70 9.90 7.38
CA SER C 204 -16.84 10.78 7.67
C SER C 204 -16.60 11.60 8.95
N PHE C 205 -16.06 10.95 9.99
CA PHE C 205 -15.72 11.69 11.21
C PHE C 205 -14.63 12.72 10.94
N GLU C 206 -13.66 12.41 10.07
CA GLU C 206 -12.64 13.43 9.75
C GLU C 206 -13.25 14.62 9.03
N ALA C 207 -14.16 14.37 8.08
CA ALA C 207 -14.85 15.45 7.40
C ALA C 207 -15.62 16.30 8.41
N LYS C 208 -16.33 15.66 9.34
CA LYS C 208 -17.09 16.42 10.33
C LYS C 208 -16.20 17.26 11.19
N ASP C 209 -15.07 16.69 11.62
CA ASP C 209 -14.12 17.46 12.41
C ASP C 209 -13.64 18.69 11.67
N ARG C 210 -13.49 18.59 10.34
CA ARG C 210 -12.94 19.64 9.51
C ARG C 210 -14.01 20.57 8.94
N GLY C 211 -15.25 20.37 9.34
CA GLY C 211 -16.30 21.26 8.92
C GLY C 211 -16.84 21.02 7.55
N ALA C 212 -16.62 19.83 6.99
CA ALA C 212 -17.13 19.42 5.69
C ALA C 212 -18.20 18.35 5.83
N ARG C 213 -19.09 18.26 4.83
CA ARG C 213 -20.14 17.25 4.84
C ARG C 213 -19.56 15.84 4.64
N THR C 214 -18.62 15.69 3.72
CA THR C 214 -18.22 14.36 3.28
C THR C 214 -16.74 14.29 2.91
N ALA C 215 -16.31 13.06 2.58
CA ALA C 215 -14.94 12.76 2.26
C ALA C 215 -14.89 12.08 0.90
N ILE C 216 -13.84 12.38 0.14
CA ILE C 216 -13.45 11.59 -1.03
C ILE C 216 -12.15 10.90 -0.70
N LEU C 217 -12.18 9.54 -0.69
CA LEU C 217 -11.00 8.76 -0.26
C LEU C 217 -10.13 8.40 -1.46
N LEU C 218 -8.82 8.35 -1.24
CA LEU C 218 -7.86 7.83 -2.23
C LEU C 218 -7.55 6.37 -1.93
N ASP C 219 -6.98 5.67 -2.92
CA ASP C 219 -6.49 4.33 -2.71
C ASP C 219 -4.99 4.38 -2.39
N SER C 220 -4.37 3.20 -2.27
CA SER C 220 -2.97 3.19 -1.80
C SER C 220 -2.00 3.85 -2.80
N ASP C 221 -2.41 3.98 -4.05
CA ASP C 221 -1.58 4.60 -5.07
C ASP C 221 -1.95 6.06 -5.34
N ASN C 222 -2.71 6.64 -4.42
CA ASN C 222 -3.15 8.02 -4.48
C ASN C 222 -4.08 8.23 -5.70
N CYS C 223 -4.74 7.18 -6.16
CA CYS C 223 -5.81 7.36 -7.12
C CYS C 223 -7.13 7.55 -6.38
N VAL C 224 -8.07 8.24 -7.02
CA VAL C 224 -9.37 8.39 -6.39
C VAL C 224 -10.03 7.04 -6.22
N ALA C 225 -10.64 6.82 -5.06
CA ALA C 225 -11.34 5.57 -4.81
C ALA C 225 -12.83 5.89 -4.87
N GLU C 226 -13.46 6.23 -3.76
CA GLU C 226 -14.88 6.53 -3.69
C GLU C 226 -15.11 7.21 -2.35
N GLY C 227 -16.34 7.56 -2.10
CA GLY C 227 -16.74 8.16 -0.84
C GLY C 227 -17.48 7.20 0.05
N PRO C 228 -17.86 7.69 1.25
CA PRO C 228 -18.66 6.88 2.16
C PRO C 228 -20.08 6.70 1.66
N GLY C 229 -20.30 5.63 0.92
CA GLY C 229 -21.61 5.33 0.35
C GLY C 229 -21.88 5.87 -1.05
N PHE C 230 -20.88 6.34 -1.78
CA PHE C 230 -21.11 6.88 -3.11
C PHE C 230 -19.87 6.78 -3.99
N ASN C 231 -20.10 6.73 -5.31
CA ASN C 231 -19.04 6.87 -6.30
C ASN C 231 -18.81 8.35 -6.55
N VAL C 232 -17.64 8.67 -7.07
CA VAL C 232 -17.27 10.04 -7.39
C VAL C 232 -17.02 10.13 -8.89
N CYS C 233 -17.59 11.15 -9.54
CA CYS C 233 -17.34 11.43 -10.94
C CYS C 233 -16.66 12.78 -11.04
N ILE C 234 -15.68 12.86 -11.92
CA ILE C 234 -14.80 14.01 -12.11
C ILE C 234 -15.01 14.51 -13.54
N VAL C 235 -15.30 15.81 -13.66
CA VAL C 235 -15.52 16.46 -14.95
C VAL C 235 -14.30 17.33 -15.20
N LYS C 236 -13.64 17.13 -16.34
CA LYS C 236 -12.54 17.98 -16.77
C LYS C 236 -12.61 18.19 -18.28
N ASP C 237 -12.58 19.45 -18.72
CA ASP C 237 -12.53 19.76 -20.17
C ASP C 237 -13.65 19.07 -20.94
N GLY C 238 -14.84 19.06 -20.36
CA GLY C 238 -16.01 18.54 -21.04
C GLY C 238 -16.10 17.04 -21.10
N LYS C 239 -15.14 16.33 -20.46
CA LYS C 239 -15.10 14.88 -20.35
C LYS C 239 -15.44 14.48 -18.90
N LEU C 240 -16.02 13.30 -18.75
CA LEU C 240 -16.44 12.76 -17.47
C LEU C 240 -15.67 11.47 -17.21
N ALA C 241 -15.11 11.33 -16.00
CA ALA C 241 -14.39 10.11 -15.62
C ALA C 241 -14.84 9.67 -14.23
N SER C 242 -14.67 8.38 -13.95
CA SER C 242 -14.92 7.85 -12.63
C SER C 242 -13.99 6.68 -12.37
N PRO C 243 -13.51 6.48 -11.12
CA PRO C 243 -12.55 5.41 -10.84
C PRO C 243 -13.02 4.02 -11.24
N SER C 244 -12.07 3.27 -11.78
CA SER C 244 -12.33 1.90 -12.24
C SER C 244 -11.90 0.83 -11.23
N ARG C 245 -10.93 1.12 -10.35
CA ARG C 245 -10.39 0.04 -9.52
C ARG C 245 -11.06 -0.07 -8.13
N ASN C 246 -10.71 0.83 -7.19
CA ASN C 246 -11.14 0.69 -5.80
C ASN C 246 -12.44 1.46 -5.53
N ALA C 247 -13.51 1.00 -6.19
CA ALA C 247 -14.81 1.65 -6.15
C ALA C 247 -15.82 0.61 -6.50
N LEU C 248 -17.01 0.76 -5.90
CA LEU C 248 -18.13 -0.10 -6.24
C LEU C 248 -18.56 0.19 -7.67
N PRO C 249 -18.91 -0.83 -8.44
CA PRO C 249 -19.56 -0.55 -9.74
C PRO C 249 -21.02 -0.15 -9.55
N GLY C 250 -21.21 1.14 -9.29
CA GLY C 250 -22.50 1.64 -8.86
C GLY C 250 -23.51 1.63 -9.99
N ILE C 251 -24.77 1.43 -9.61
CA ILE C 251 -25.89 1.53 -10.55
C ILE C 251 -26.21 2.99 -10.90
N THR C 252 -26.08 3.88 -9.90
CA THR C 252 -26.24 5.30 -10.22
C THR C 252 -25.16 5.76 -11.18
N ARG C 253 -23.91 5.34 -10.94
CA ARG C 253 -22.85 5.68 -11.87
C ARG C 253 -23.14 5.15 -13.28
N LYS C 254 -23.60 3.89 -13.38
CA LYS C 254 -23.95 3.32 -14.66
C LYS C 254 -25.02 4.16 -15.35
N THR C 255 -26.04 4.58 -14.58
CA THR C 255 -27.10 5.48 -15.09
C THR C 255 -26.52 6.82 -15.56
N VAL C 256 -25.63 7.42 -14.76
CA VAL C 256 -25.01 8.68 -15.13
C VAL C 256 -24.19 8.55 -16.41
N PHE C 257 -23.51 7.41 -16.58
CA PHE C 257 -22.74 7.21 -17.81
C PHE C 257 -23.66 7.06 -19.02
N GLU C 258 -24.83 6.42 -18.82
CA GLU C 258 -25.79 6.30 -19.90
C GLU C 258 -26.36 7.66 -20.28
N ILE C 259 -26.69 8.49 -19.28
CA ILE C 259 -27.17 9.84 -19.56
C ILE C 259 -26.10 10.62 -20.31
N ALA C 260 -24.83 10.51 -19.87
CA ALA C 260 -23.76 11.25 -20.53
C ALA C 260 -23.62 10.84 -21.99
N ASP C 261 -23.61 9.53 -22.26
CA ASP C 261 -23.49 9.06 -23.63
C ASP C 261 -24.60 9.63 -24.49
N GLN C 262 -25.83 9.71 -23.95
CA GLN C 262 -26.93 10.20 -24.75
C GLN C 262 -26.81 11.70 -24.98
N MET C 263 -26.17 12.40 -24.05
CA MET C 263 -25.85 13.81 -24.20
C MET C 263 -24.64 14.06 -25.10
N GLY C 264 -23.99 13.00 -25.60
CA GLY C 264 -22.80 13.21 -26.41
C GLY C 264 -21.53 13.50 -25.63
N ILE C 265 -21.55 13.30 -24.29
CA ILE C 265 -20.38 13.47 -23.44
C ILE C 265 -19.59 12.18 -23.39
N GLU C 266 -18.25 12.29 -23.48
CA GLU C 266 -17.39 11.12 -23.34
C GLU C 266 -17.20 10.84 -21.86
N ALA C 267 -17.59 9.64 -21.44
CA ALA C 267 -17.52 9.20 -20.04
C ALA C 267 -16.71 7.92 -19.97
N THR C 268 -15.68 7.89 -19.10
CA THR C 268 -14.71 6.81 -19.06
C THR C 268 -14.45 6.34 -17.63
N LEU C 269 -14.42 5.03 -17.47
CA LEU C 269 -14.01 4.41 -16.21
C LEU C 269 -12.49 4.21 -16.30
N ARG C 270 -11.75 4.85 -15.40
CA ARG C 270 -10.31 4.85 -15.50
C ARG C 270 -9.73 5.25 -14.15
N ASP C 271 -8.41 5.09 -14.06
CA ASP C 271 -7.71 5.66 -12.91
C ASP C 271 -7.76 7.17 -13.00
N VAL C 272 -8.17 7.81 -11.92
CA VAL C 272 -8.17 9.26 -11.80
C VAL C 272 -7.19 9.58 -10.68
N THR C 273 -6.14 10.34 -11.00
CA THR C 273 -5.08 10.60 -10.02
C THR C 273 -5.52 11.68 -9.03
N SER C 274 -4.78 11.77 -7.92
CA SER C 274 -5.09 12.82 -6.97
C SER C 274 -4.89 14.19 -7.60
N HIS C 275 -3.93 14.32 -8.53
CA HIS C 275 -3.78 15.58 -9.25
C HIS C 275 -5.05 15.96 -9.96
N GLU C 276 -5.62 15.00 -10.70
CA GLU C 276 -6.86 15.27 -11.44
C GLU C 276 -8.02 15.60 -10.53
N LEU C 277 -8.11 14.95 -9.34
CA LEU C 277 -9.19 15.27 -8.42
C LEU C 277 -9.15 16.74 -8.01
N TYR C 278 -7.96 17.23 -7.63
CA TYR C 278 -7.83 18.60 -7.17
C TYR C 278 -7.99 19.62 -8.29
N ASP C 279 -7.69 19.22 -9.54
CA ASP C 279 -7.75 20.09 -10.71
C ASP C 279 -9.10 20.01 -11.44
N ALA C 280 -10.12 19.34 -10.86
CA ALA C 280 -11.39 19.09 -11.53
C ALA C 280 -12.16 20.37 -11.88
N ASP C 281 -12.87 20.35 -13.02
CA ASP C 281 -13.83 21.42 -13.29
C ASP C 281 -15.13 21.24 -12.50
N GLU C 282 -15.56 19.99 -12.32
CA GLU C 282 -16.74 19.71 -11.52
C GLU C 282 -16.50 18.38 -10.81
N LEU C 283 -17.09 18.23 -9.63
CA LEU C 283 -17.07 16.99 -8.88
C LEU C 283 -18.50 16.67 -8.47
N MET C 284 -18.84 15.39 -8.47
CA MET C 284 -20.16 14.97 -8.02
C MET C 284 -20.08 13.63 -7.33
N ALA C 285 -20.99 13.43 -6.42
CA ALA C 285 -21.23 12.15 -5.76
C ALA C 285 -22.44 11.48 -6.39
N VAL C 286 -22.36 10.17 -6.62
CA VAL C 286 -23.51 9.47 -7.20
C VAL C 286 -23.80 8.24 -6.38
N THR C 287 -25.04 8.09 -5.93
CA THR C 287 -25.43 6.92 -5.17
C THR C 287 -26.94 6.75 -5.25
N THR C 288 -27.42 5.54 -4.91
CA THR C 288 -28.86 5.25 -5.02
C THR C 288 -29.69 6.13 -4.10
N ALA C 289 -29.21 6.36 -2.87
CA ALA C 289 -29.96 7.11 -1.84
C ALA C 289 -29.71 8.60 -2.05
N GLY C 290 -30.49 9.20 -2.96
CA GLY C 290 -30.45 10.64 -3.27
C GLY C 290 -29.89 11.00 -4.63
N GLY C 291 -29.31 10.07 -5.36
CA GLY C 291 -28.94 10.40 -6.71
C GLY C 291 -27.62 11.10 -6.94
N VAL C 292 -27.66 12.26 -7.59
CA VAL C 292 -26.50 12.94 -8.12
C VAL C 292 -26.31 14.21 -7.30
N THR C 293 -25.23 14.29 -6.52
CA THR C 293 -25.00 15.44 -5.62
C THR C 293 -23.82 16.29 -6.11
N PRO C 294 -24.00 17.57 -6.43
CA PRO C 294 -22.85 18.39 -6.81
C PRO C 294 -21.94 18.60 -5.61
N ILE C 295 -20.63 18.59 -5.85
CA ILE C 295 -19.64 18.91 -4.80
C ILE C 295 -19.01 20.27 -5.09
N ASN C 296 -19.40 21.26 -4.30
CA ASN C 296 -19.02 22.65 -4.55
C ASN C 296 -17.57 22.94 -4.25
N SER C 297 -16.99 22.29 -3.24
CA SER C 297 -15.66 22.66 -2.79
C SER C 297 -14.93 21.40 -2.32
N LEU C 298 -13.59 21.43 -2.40
CA LEU C 298 -12.74 20.35 -1.92
C LEU C 298 -11.67 20.96 -1.02
N ASP C 299 -11.57 20.48 0.22
CA ASP C 299 -10.60 21.02 1.18
C ASP C 299 -10.78 22.53 1.36
N GLY C 300 -12.02 23.00 1.26
CA GLY C 300 -12.32 24.41 1.45
C GLY C 300 -12.06 25.29 0.23
N GLU C 301 -11.64 24.73 -0.89
CA GLU C 301 -11.40 25.49 -2.12
C GLU C 301 -12.53 25.25 -3.11
N ALA C 302 -13.05 26.33 -3.68
CA ALA C 302 -14.13 26.16 -4.62
C ALA C 302 -13.69 25.28 -5.80
N ILE C 303 -14.63 24.43 -6.23
CA ILE C 303 -14.54 23.75 -7.51
C ILE C 303 -15.32 24.61 -8.50
N GLY C 304 -14.66 25.00 -9.59
CA GLY C 304 -15.31 25.92 -10.49
C GLY C 304 -15.69 27.19 -9.76
N ASN C 305 -16.96 27.60 -9.88
CA ASN C 305 -17.41 28.83 -9.24
C ASN C 305 -17.90 28.58 -7.82
N GLY C 306 -17.71 27.36 -7.30
CA GLY C 306 -18.19 27.09 -5.98
C GLY C 306 -19.66 26.78 -5.93
N ALA C 307 -20.30 26.57 -7.06
CA ALA C 307 -21.71 26.21 -7.15
C ALA C 307 -21.82 25.02 -8.09
N PRO C 308 -22.97 24.35 -8.11
CA PRO C 308 -23.10 23.14 -8.96
C PRO C 308 -22.72 23.41 -10.40
N GLY C 309 -21.89 22.53 -10.96
CA GLY C 309 -21.38 22.67 -12.30
C GLY C 309 -22.43 22.36 -13.34
N PRO C 310 -22.23 22.90 -14.55
CA PRO C 310 -23.24 22.77 -15.62
C PRO C 310 -23.48 21.33 -16.05
N MET C 311 -22.43 20.53 -16.24
CA MET C 311 -22.67 19.12 -16.56
C MET C 311 -23.37 18.40 -15.40
N THR C 312 -22.96 18.69 -14.17
CA THR C 312 -23.60 18.01 -13.04
C THR C 312 -25.09 18.30 -13.00
N VAL C 313 -25.47 19.57 -13.18
CA VAL C 313 -26.88 19.95 -13.12
C VAL C 313 -27.66 19.26 -14.24
N ALA C 314 -27.12 19.24 -15.46
CA ALA C 314 -27.80 18.59 -16.58
C ALA C 314 -28.02 17.10 -16.30
N ILE C 315 -26.98 16.41 -15.81
CA ILE C 315 -27.11 14.98 -15.55
C ILE C 315 -28.06 14.71 -14.39
N ARG C 316 -27.95 15.49 -13.31
CA ARG C 316 -28.82 15.28 -12.16
C ARG C 316 -30.28 15.48 -12.56
N ASP C 317 -30.56 16.57 -13.29
CA ASP C 317 -31.94 16.86 -13.68
C ASP C 317 -32.49 15.75 -14.59
N ARG C 318 -31.69 15.30 -15.55
CA ARG C 318 -32.13 14.18 -16.39
C ARG C 318 -32.38 12.92 -15.55
N PHE C 319 -31.53 12.68 -14.55
CA PHE C 319 -31.64 11.46 -13.74
C PHE C 319 -32.96 11.42 -13.01
N TRP C 320 -33.43 12.55 -12.49
CA TRP C 320 -34.70 12.58 -11.78
C TRP C 320 -35.88 12.43 -12.73
N ALA C 321 -35.77 12.94 -13.96
CA ALA C 321 -36.84 12.76 -14.95
C ALA C 321 -37.06 11.28 -15.23
N LEU C 322 -35.99 10.46 -15.15
CA LEU C 322 -36.14 9.04 -15.47
C LEU C 322 -37.13 8.34 -14.55
N MET C 323 -37.30 8.84 -13.33
CA MET C 323 -38.17 8.23 -12.35
C MET C 323 -39.63 8.30 -12.75
N ASP C 324 -39.96 9.15 -13.71
CA ASP C 324 -41.35 9.36 -14.10
C ASP C 324 -41.67 8.85 -15.50
N GLU C 325 -40.66 8.49 -16.30
CA GLU C 325 -40.90 8.05 -17.66
C GLU C 325 -41.06 6.53 -17.72
N PRO C 326 -42.21 6.01 -18.14
CA PRO C 326 -42.36 4.55 -18.23
C PRO C 326 -41.35 3.97 -19.21
N GLY C 327 -40.85 2.78 -18.89
CA GLY C 327 -39.75 2.20 -19.64
C GLY C 327 -38.98 1.14 -18.89
N PRO C 328 -37.90 0.63 -19.51
CA PRO C 328 -37.15 -0.51 -18.94
C PRO C 328 -36.52 -0.22 -17.59
N LEU C 329 -36.18 1.04 -17.32
CA LEU C 329 -35.45 1.43 -16.12
C LEU C 329 -36.35 1.42 -14.89
N ILE C 330 -37.66 1.51 -15.04
CA ILE C 330 -38.56 1.60 -13.91
C ILE C 330 -39.72 0.63 -14.02
N GLU C 331 -40.24 0.20 -12.87
CA GLU C 331 -41.45 -0.60 -12.82
C GLU C 331 -42.38 -0.04 -11.74
N ALA C 332 -43.67 0.04 -12.02
CA ALA C 332 -44.58 0.62 -11.05
C ALA C 332 -44.97 -0.41 -10.02
N ILE C 333 -44.97 -0.03 -8.77
CA ILE C 333 -45.35 -0.92 -7.71
C ILE C 333 -46.86 -0.90 -7.69
N GLU C 334 -47.52 -2.02 -7.79
CA GLU C 334 -48.93 -1.93 -7.54
C GLU C 334 -49.19 -2.14 -6.11
N TYR C 335 -49.75 -1.12 -5.50
CA TYR C 335 -50.13 -1.10 -4.10
C TYR C 335 -51.59 -1.58 -3.92
N THR D 3 27.66 -14.62 -4.55
CA THR D 3 27.82 -13.90 -5.83
C THR D 3 26.97 -12.65 -5.82
N GLY D 4 27.52 -11.52 -6.28
CA GLY D 4 26.77 -10.26 -6.34
C GLY D 4 26.28 -9.98 -7.73
N THR D 5 26.13 -11.02 -8.56
CA THR D 5 25.54 -10.84 -9.90
C THR D 5 24.10 -11.29 -9.93
N SER D 6 23.20 -10.41 -10.36
CA SER D 6 21.77 -10.76 -10.55
C SER D 6 21.56 -11.50 -11.87
N ASN D 7 20.33 -11.95 -12.13
CA ASN D 7 20.01 -12.53 -13.46
C ASN D 7 19.73 -11.41 -14.48
N LEU D 8 19.96 -10.13 -14.13
CA LEU D 8 19.77 -9.09 -15.13
C LEU D 8 21.01 -8.89 -16.01
N VAL D 9 20.77 -8.65 -17.31
CA VAL D 9 21.88 -8.42 -18.23
C VAL D 9 22.64 -7.17 -17.84
N ALA D 10 23.97 -7.25 -17.88
CA ALA D 10 24.79 -6.06 -17.64
C ALA D 10 24.70 -5.11 -18.83
N VAL D 11 24.24 -3.89 -18.56
CA VAL D 11 24.10 -2.91 -19.63
C VAL D 11 25.48 -2.28 -19.85
N GLU D 12 26.27 -2.91 -20.72
CA GLU D 12 27.59 -2.45 -21.14
C GLU D 12 27.76 -2.96 -22.56
N PRO D 13 28.85 -2.52 -23.17
CA PRO D 13 29.18 -2.94 -24.52
C PRO D 13 29.63 -4.38 -24.43
N GLY D 14 29.06 -5.20 -25.27
CA GLY D 14 29.38 -6.59 -25.28
C GLY D 14 29.78 -6.99 -26.67
N ALA D 15 29.34 -8.17 -27.01
CA ALA D 15 29.72 -8.72 -28.29
C ALA D 15 28.80 -8.34 -29.40
N ILE D 16 29.37 -8.15 -30.58
CA ILE D 16 28.60 -7.75 -31.75
C ILE D 16 27.55 -8.74 -32.22
N ARG D 17 27.79 -10.00 -31.94
CA ARG D 17 26.82 -11.01 -32.27
C ARG D 17 27.01 -12.13 -31.30
N GLU D 18 25.99 -12.93 -31.19
CA GLU D 18 26.06 -14.11 -30.43
C GLU D 18 25.06 -15.07 -30.92
N ASP D 19 25.18 -16.30 -30.51
CA ASP D 19 24.47 -17.36 -31.13
C ASP D 19 22.98 -17.21 -30.91
N THR D 20 22.24 -17.51 -31.94
CA THR D 20 20.77 -17.60 -31.95
C THR D 20 20.32 -18.94 -32.52
N PRO D 21 19.14 -19.44 -32.17
CA PRO D 21 18.76 -20.80 -32.62
C PRO D 21 18.71 -20.87 -34.13
N PRO D 22 19.34 -21.87 -34.73
CA PRO D 22 19.36 -21.96 -36.20
C PRO D 22 17.96 -22.16 -36.76
N GLY D 23 17.66 -21.44 -37.85
CA GLY D 23 16.35 -21.50 -38.48
C GLY D 23 15.29 -20.68 -37.79
N SER D 24 15.60 -20.07 -36.63
CA SER D 24 14.65 -19.25 -35.91
C SER D 24 14.48 -17.88 -36.57
N VAL D 25 13.42 -17.17 -36.14
CA VAL D 25 13.10 -15.83 -36.63
C VAL D 25 14.16 -14.80 -36.24
N ILE D 26 15.04 -15.11 -35.31
CA ILE D 26 16.08 -14.21 -34.83
C ILE D 26 17.43 -14.59 -35.42
N GLN D 27 17.98 -13.74 -36.30
CA GLN D 27 19.33 -13.97 -36.82
C GLN D 27 20.08 -12.64 -36.88
N TYR D 28 21.33 -12.63 -36.40
CA TYR D 28 22.15 -11.45 -36.52
C TYR D 28 22.53 -11.22 -37.98
N SER D 29 22.88 -9.97 -38.29
CA SER D 29 23.44 -9.63 -39.61
C SER D 29 24.84 -10.20 -39.71
N ASP D 30 25.26 -10.57 -40.92
CA ASP D 30 26.64 -11.03 -41.13
C ASP D 30 27.45 -9.87 -41.76
N TYR D 31 28.53 -9.53 -41.10
CA TYR D 31 29.37 -8.43 -41.47
C TYR D 31 30.55 -8.33 -40.55
N GLU D 32 31.41 -7.42 -40.86
CA GLU D 32 32.63 -7.29 -40.12
C GLU D 32 32.69 -5.84 -39.71
N LEU D 33 33.43 -5.54 -38.68
CA LEU D 33 33.59 -4.17 -38.29
C LEU D 33 34.93 -3.70 -38.78
N ASP D 34 35.00 -2.43 -39.13
CA ASP D 34 36.23 -1.82 -39.55
C ASP D 34 36.91 -1.13 -38.42
N HIS D 35 37.86 -1.79 -37.83
CA HIS D 35 38.49 -1.27 -36.67
C HIS D 35 39.52 -0.28 -36.98
N SER D 36 39.52 0.23 -38.20
CA SER D 36 40.27 1.45 -38.49
C SER D 36 39.62 2.65 -37.82
N SER D 37 38.30 2.62 -37.68
CA SER D 37 37.63 3.68 -36.95
C SER D 37 37.73 3.39 -35.45
N PRO D 38 38.13 4.36 -34.63
CA PRO D 38 38.11 4.16 -33.17
C PRO D 38 36.70 3.96 -32.65
N PHE D 39 35.72 4.43 -33.41
CA PHE D 39 34.31 4.38 -33.04
C PHE D 39 33.70 2.99 -33.24
N ALA D 40 34.24 2.18 -34.14
CA ALA D 40 33.58 0.95 -34.51
C ALA D 40 33.31 0.09 -33.28
N GLY D 41 32.06 -0.37 -33.15
CA GLY D 41 31.63 -1.24 -32.07
C GLY D 41 30.83 -0.52 -31.00
N GLY D 42 31.09 0.76 -30.77
CA GLY D 42 30.24 1.50 -29.86
C GLY D 42 30.51 2.99 -29.83
N VAL D 43 29.47 3.81 -29.86
CA VAL D 43 29.60 5.26 -29.85
C VAL D 43 28.74 5.86 -28.74
N ALA D 44 29.32 6.79 -27.99
CA ALA D 44 28.62 7.52 -26.94
C ALA D 44 28.71 9.00 -27.25
N TRP D 45 27.60 9.71 -27.06
CA TRP D 45 27.51 11.16 -27.25
C TRP D 45 27.21 11.79 -25.89
N ILE D 46 28.22 12.44 -25.30
CA ILE D 46 28.16 13.00 -23.94
C ILE D 46 28.76 14.41 -23.94
N GLU D 47 28.05 15.38 -23.36
CA GLU D 47 28.53 16.76 -23.25
C GLU D 47 28.92 17.23 -24.64
N GLY D 48 28.13 16.82 -25.58
CA GLY D 48 28.26 17.27 -26.94
C GLY D 48 29.26 16.67 -27.91
N GLU D 49 30.18 15.83 -27.44
CA GLU D 49 31.20 15.16 -28.26
C GLU D 49 30.94 13.70 -28.59
N PHE D 50 30.97 13.27 -29.85
CA PHE D 50 30.87 11.84 -30.11
C PHE D 50 32.10 11.18 -29.63
N LEU D 51 32.00 9.97 -29.11
CA LEU D 51 33.22 9.36 -28.56
C LEU D 51 33.15 7.84 -28.54
N PRO D 52 34.30 7.19 -28.37
CA PRO D 52 34.24 5.72 -28.31
C PRO D 52 33.60 5.21 -27.00
N ALA D 53 32.67 4.27 -27.10
CA ALA D 53 31.85 3.88 -25.96
C ALA D 53 32.69 3.52 -24.80
N GLU D 54 33.76 2.85 -25.05
CA GLU D 54 34.67 2.47 -24.04
C GLU D 54 35.18 3.61 -23.22
N ASP D 55 35.02 4.81 -23.73
CA ASP D 55 35.51 5.94 -22.99
C ASP D 55 34.44 6.67 -22.26
N ALA D 56 33.19 6.37 -22.57
CA ALA D 56 32.06 7.19 -22.13
C ALA D 56 31.99 7.34 -20.61
N LYS D 57 32.03 8.58 -20.16
CA LYS D 57 32.03 8.89 -18.73
C LYS D 57 31.15 10.11 -18.48
N ILE D 58 30.61 10.20 -17.26
CA ILE D 58 29.75 11.31 -16.85
C ILE D 58 30.25 11.81 -15.49
N SER D 59 29.95 13.09 -15.17
CA SER D 59 30.37 13.63 -13.90
C SER D 59 29.71 12.87 -12.75
N ILE D 60 30.51 12.51 -11.74
CA ILE D 60 29.95 11.83 -10.57
C ILE D 60 28.93 12.73 -9.89
N PHE D 61 29.01 14.04 -10.11
CA PHE D 61 28.11 15.00 -9.47
C PHE D 61 26.83 15.25 -10.27
N ASP D 62 26.62 14.61 -11.43
CA ASP D 62 25.33 14.72 -12.11
C ASP D 62 24.24 14.22 -11.15
N THR D 63 23.20 15.02 -10.92
CA THR D 63 22.08 14.62 -10.06
C THR D 63 21.34 13.40 -10.62
N GLY D 64 21.51 13.11 -11.89
CA GLY D 64 21.02 11.85 -12.41
C GLY D 64 21.67 10.65 -11.78
N PHE D 65 22.88 10.81 -11.23
CA PHE D 65 23.51 9.76 -10.43
C PHE D 65 23.03 9.85 -8.97
N GLY D 66 23.35 10.96 -8.28
CA GLY D 66 23.12 11.02 -6.84
C GLY D 66 21.66 10.95 -6.43
N HIS D 67 20.75 11.37 -7.31
CA HIS D 67 19.31 11.27 -7.01
C HIS D 67 18.55 10.46 -8.05
N SER D 68 19.26 9.83 -9.00
CA SER D 68 18.64 9.10 -10.10
C SER D 68 17.56 9.96 -10.75
N ASP D 69 17.85 11.27 -10.84
CA ASP D 69 16.85 12.24 -11.31
C ASP D 69 16.97 12.36 -12.82
N LEU D 70 16.25 11.51 -13.53
CA LEU D 70 16.39 11.37 -14.97
C LEU D 70 15.23 10.55 -15.51
N THR D 71 15.10 10.54 -16.86
CA THR D 71 14.34 9.53 -17.55
C THR D 71 15.17 9.11 -18.75
N TYR D 72 14.76 8.03 -19.40
CA TYR D 72 15.55 7.50 -20.52
C TYR D 72 14.63 6.66 -21.38
N THR D 73 15.14 6.32 -22.57
CA THR D 73 14.48 5.32 -23.39
C THR D 73 15.56 4.53 -24.11
N VAL D 74 15.16 3.34 -24.58
CA VAL D 74 16.02 2.43 -25.33
C VAL D 74 15.31 2.06 -26.63
N ALA D 75 16.01 2.23 -27.75
CA ALA D 75 15.54 1.75 -29.03
C ALA D 75 16.56 0.71 -29.50
N HIS D 76 16.09 -0.25 -30.32
CA HIS D 76 16.98 -1.29 -30.86
C HIS D 76 17.16 -1.09 -32.36
N VAL D 77 18.37 -1.42 -32.80
CA VAL D 77 18.71 -1.52 -34.22
C VAL D 77 18.85 -3.00 -34.53
N TRP D 78 18.18 -3.45 -35.59
CA TRP D 78 18.26 -4.82 -36.07
C TRP D 78 18.42 -4.80 -37.58
N HIS D 79 19.46 -5.48 -38.07
CA HIS D 79 19.73 -5.57 -39.51
C HIS D 79 19.89 -4.18 -40.11
N GLY D 80 20.52 -3.29 -39.35
CA GLY D 80 20.79 -1.94 -39.81
C GLY D 80 19.59 -1.02 -39.80
N ASN D 81 18.47 -1.44 -39.21
CA ASN D 81 17.26 -0.65 -39.13
C ASN D 81 16.95 -0.31 -37.67
N ILE D 82 16.66 0.98 -37.39
CA ILE D 82 16.19 1.44 -36.07
C ILE D 82 14.67 1.33 -36.01
N PHE D 83 14.12 0.87 -34.86
CA PHE D 83 12.70 0.54 -34.75
C PHE D 83 11.96 1.61 -33.92
N ARG D 84 10.94 2.22 -34.52
CA ARG D 84 10.01 3.15 -33.85
C ARG D 84 10.71 4.26 -33.09
N LEU D 85 11.77 4.80 -33.69
CA LEU D 85 12.56 5.83 -33.02
C LEU D 85 11.71 7.04 -32.67
N GLY D 86 10.77 7.41 -33.55
CA GLY D 86 9.93 8.57 -33.28
C GLY D 86 9.05 8.37 -32.07
N ASP D 87 8.49 7.16 -31.92
CA ASP D 87 7.68 6.86 -30.74
C ASP D 87 8.52 6.94 -29.48
N HIS D 88 9.76 6.48 -29.54
CA HIS D 88 10.65 6.55 -28.38
C HIS D 88 10.94 7.99 -28.01
N LEU D 89 11.27 8.80 -29.01
CA LEU D 89 11.55 10.21 -28.73
C LEU D 89 10.33 10.91 -28.16
N ASP D 90 9.14 10.60 -28.66
CA ASP D 90 7.91 11.16 -28.09
C ASP D 90 7.76 10.77 -26.62
N ARG D 91 8.02 9.50 -26.30
CA ARG D 91 7.93 9.06 -24.91
C ARG D 91 8.98 9.72 -24.05
N LEU D 92 10.23 9.75 -24.52
CA LEU D 92 11.33 10.32 -23.76
C LEU D 92 11.07 11.77 -23.43
N LEU D 93 10.63 12.55 -24.43
CA LEU D 93 10.33 13.96 -24.21
C LEU D 93 9.11 14.15 -23.32
N ASP D 94 8.09 13.29 -23.45
CA ASP D 94 6.91 13.43 -22.60
C ASP D 94 7.25 13.18 -21.13
N GLY D 95 8.05 12.15 -20.83
CA GLY D 95 8.48 11.92 -19.45
C GLY D 95 9.42 13.00 -18.93
N ALA D 96 10.28 13.53 -19.79
CA ALA D 96 11.14 14.62 -19.38
C ALA D 96 10.31 15.84 -18.98
N ARG D 97 9.21 16.11 -19.71
CA ARG D 97 8.30 17.19 -19.34
C ARG D 97 7.64 16.92 -17.99
N LYS D 98 7.22 15.67 -17.73
CA LYS D 98 6.62 15.33 -16.44
C LYS D 98 7.59 15.55 -15.28
N LEU D 99 8.89 15.37 -15.51
CA LEU D 99 9.97 15.56 -14.55
C LEU D 99 10.50 16.99 -14.50
N ARG D 100 9.92 17.90 -15.29
CA ARG D 100 10.42 19.30 -15.37
C ARG D 100 11.87 19.31 -15.85
N LEU D 101 12.19 18.42 -16.77
CA LEU D 101 13.52 18.30 -17.34
C LEU D 101 13.45 18.88 -18.75
N ASP D 102 14.44 19.67 -19.12
CA ASP D 102 14.51 20.22 -20.48
C ASP D 102 15.76 19.66 -21.16
N ALA D 103 15.56 18.79 -22.16
CA ALA D 103 16.68 18.21 -22.86
C ALA D 103 17.53 19.27 -23.54
N GLY D 104 16.90 20.38 -23.97
CA GLY D 104 17.60 21.41 -24.70
C GLY D 104 17.81 21.12 -26.17
N TYR D 105 17.37 19.95 -26.65
CA TYR D 105 17.48 19.57 -28.04
C TYR D 105 16.08 19.19 -28.50
N THR D 106 15.75 19.50 -29.76
CA THR D 106 14.45 19.14 -30.30
C THR D 106 14.42 17.66 -30.62
N LYS D 107 13.21 17.17 -30.92
CA LYS D 107 13.05 15.76 -31.29
C LYS D 107 13.88 15.45 -32.54
N ASP D 108 13.72 16.28 -33.59
CA ASP D 108 14.48 16.04 -34.82
C ASP D 108 15.98 16.09 -34.54
N GLU D 109 16.43 17.02 -33.70
CA GLU D 109 17.84 17.09 -33.34
C GLU D 109 18.31 15.79 -32.69
N LEU D 110 17.54 15.29 -31.72
CA LEU D 110 17.93 14.05 -31.03
C LEU D 110 17.93 12.86 -31.99
N ALA D 111 16.94 12.79 -32.87
CA ALA D 111 16.86 11.71 -33.85
C ALA D 111 18.11 11.69 -34.74
N ASP D 112 18.52 12.85 -35.26
CA ASP D 112 19.73 12.87 -36.11
C ASP D 112 20.96 12.48 -35.32
N ILE D 113 21.08 12.96 -34.08
CA ILE D 113 22.26 12.59 -33.30
C ILE D 113 22.23 11.09 -33.02
N THR D 114 21.04 10.54 -32.78
CA THR D 114 20.91 9.12 -32.43
C THR D 114 21.32 8.24 -33.60
N LYS D 115 20.79 8.52 -34.79
CA LYS D 115 21.16 7.77 -36.01
C LYS D 115 22.62 7.90 -36.33
N GLN D 116 23.20 9.08 -36.14
CA GLN D 116 24.63 9.23 -36.37
C GLN D 116 25.43 8.34 -35.43
N CYS D 117 24.97 8.20 -34.18
CA CYS D 117 25.68 7.34 -33.24
C CYS D 117 25.70 5.90 -33.73
N VAL D 118 24.56 5.44 -34.26
CA VAL D 118 24.49 4.08 -34.79
C VAL D 118 25.40 3.96 -36.00
N SER D 119 25.31 4.94 -36.91
CA SER D 119 26.07 4.91 -38.15
C SER D 119 27.55 4.86 -37.86
N MET D 120 28.02 5.74 -36.98
CA MET D 120 29.42 5.72 -36.57
C MET D 120 29.81 4.41 -35.88
N SER D 121 28.89 3.79 -35.16
CA SER D 121 29.21 2.53 -34.49
C SER D 121 29.45 1.40 -35.48
N GLN D 122 28.79 1.45 -36.63
CA GLN D 122 28.80 0.41 -37.68
C GLN D 122 28.02 -0.82 -37.26
N LEU D 123 27.26 -0.68 -36.19
CA LEU D 123 26.56 -1.81 -35.63
C LEU D 123 25.28 -1.94 -36.37
N ARG D 124 24.98 -3.14 -36.83
CA ARG D 124 23.73 -3.36 -37.55
C ARG D 124 22.65 -3.72 -36.56
N GLU D 125 23.09 -4.42 -35.51
CA GLU D 125 22.26 -4.80 -34.37
C GLU D 125 22.77 -4.00 -33.17
N SER D 126 21.89 -3.20 -32.53
CA SER D 126 22.40 -2.31 -31.51
C SER D 126 21.35 -2.04 -30.44
N PHE D 127 21.85 -1.76 -29.24
CA PHE D 127 21.06 -1.26 -28.12
C PHE D 127 21.40 0.22 -28.02
N VAL D 128 20.38 1.07 -28.20
CA VAL D 128 20.54 2.53 -28.29
C VAL D 128 19.80 3.18 -27.11
N ASN D 129 20.53 3.93 -26.29
CA ASN D 129 19.97 4.54 -25.08
C ASN D 129 20.01 6.06 -25.21
N LEU D 130 18.90 6.72 -24.91
CA LEU D 130 18.88 8.18 -24.75
C LEU D 130 18.47 8.46 -23.32
N THR D 131 19.30 9.22 -22.61
CA THR D 131 19.03 9.55 -21.21
C THR D 131 19.04 11.06 -21.03
N VAL D 132 18.06 11.59 -20.30
CA VAL D 132 18.03 13.02 -19.95
C VAL D 132 18.08 13.15 -18.43
N THR D 133 19.05 13.92 -17.91
CA THR D 133 19.26 14.03 -16.46
C THR D 133 19.11 15.48 -16.01
N ARG D 134 18.90 15.63 -14.70
CA ARG D 134 18.88 16.93 -14.02
C ARG D 134 20.22 17.63 -14.13
N GLY D 135 21.29 16.88 -14.29
CA GLY D 135 22.58 17.50 -14.57
C GLY D 135 23.30 18.04 -13.35
N TYR D 136 24.13 19.06 -13.61
CA TYR D 136 24.96 19.63 -12.57
C TYR D 136 25.26 21.08 -12.93
N GLY D 137 25.81 21.80 -11.96
CA GLY D 137 26.28 23.17 -12.15
C GLY D 137 27.32 23.28 -13.26
N LEU D 148 22.16 25.54 -13.28
CA LEU D 148 21.89 24.10 -13.37
C LEU D 148 21.57 23.71 -14.78
N THR D 149 22.38 22.83 -15.35
CA THR D 149 22.25 22.48 -16.72
C THR D 149 21.92 21.03 -16.88
N HIS D 150 20.76 20.77 -17.38
CA HIS D 150 20.30 19.39 -17.61
C HIS D 150 21.18 18.75 -18.69
N GLN D 151 21.40 17.44 -18.58
CA GLN D 151 22.33 16.75 -19.47
C GLN D 151 21.62 15.69 -20.30
N VAL D 152 22.02 15.56 -21.56
CA VAL D 152 21.55 14.50 -22.44
C VAL D 152 22.74 13.62 -22.79
N TYR D 153 22.57 12.31 -22.59
CA TYR D 153 23.58 11.33 -22.95
C TYR D 153 22.93 10.33 -23.89
N ILE D 154 23.64 9.97 -24.98
CA ILE D 154 23.15 8.97 -25.95
C ILE D 154 24.28 7.96 -26.20
N TYR D 155 23.94 6.66 -26.31
CA TYR D 155 24.94 5.68 -26.75
C TYR D 155 24.28 4.60 -27.59
N ALA D 156 25.05 4.11 -28.58
CA ALA D 156 24.71 2.95 -29.40
C ALA D 156 25.76 1.88 -29.15
N ILE D 157 25.33 0.72 -28.66
CA ILE D 157 26.28 -0.31 -28.26
C ILE D 157 25.79 -1.65 -28.79
N PRO D 158 26.60 -2.71 -28.74
CA PRO D 158 26.13 -4.00 -29.30
C PRO D 158 24.85 -4.47 -28.61
N TYR D 159 24.08 -5.27 -29.35
CA TYR D 159 22.73 -5.65 -28.92
C TYR D 159 22.77 -6.36 -27.56
N LEU D 160 21.79 -6.03 -26.72
CA LEU D 160 21.67 -6.61 -25.38
C LEU D 160 20.35 -7.36 -25.26
N TRP D 161 20.40 -8.48 -24.55
CA TRP D 161 19.24 -9.36 -24.43
C TRP D 161 18.75 -9.43 -23.00
N ALA D 162 17.53 -8.96 -22.77
CA ALA D 162 16.95 -9.13 -21.44
C ALA D 162 16.81 -10.61 -21.14
N PHE D 163 16.50 -11.37 -22.16
CA PHE D 163 16.51 -12.81 -22.09
C PHE D 163 17.29 -13.29 -23.30
N PRO D 164 18.10 -14.31 -23.15
CA PRO D 164 18.94 -14.79 -24.26
C PRO D 164 18.11 -15.26 -25.43
N PRO D 165 18.66 -15.23 -26.65
CA PRO D 165 17.87 -15.69 -27.81
C PRO D 165 17.27 -17.08 -27.66
N ALA D 166 17.95 -17.99 -26.98
CA ALA D 166 17.39 -19.33 -26.77
C ALA D 166 16.10 -19.27 -25.94
N GLU D 167 16.05 -18.40 -24.95
CA GLU D 167 14.80 -18.23 -24.19
C GLU D 167 13.73 -17.49 -25.00
N GLN D 168 14.11 -16.61 -25.95
CA GLN D 168 13.08 -16.01 -26.77
C GLN D 168 12.33 -17.04 -27.61
N ILE D 169 13.07 -18.03 -28.12
CA ILE D 169 12.48 -19.06 -28.96
C ILE D 169 11.83 -20.15 -28.10
N PHE D 170 12.50 -20.60 -27.03
CA PHE D 170 12.01 -21.75 -26.29
C PHE D 170 11.39 -21.43 -24.93
N GLY D 171 11.42 -20.17 -24.51
CA GLY D 171 10.72 -19.73 -23.31
C GLY D 171 11.63 -19.61 -22.09
N THR D 172 11.15 -18.81 -21.12
CA THR D 172 11.85 -18.54 -19.88
C THR D 172 10.96 -18.97 -18.71
N THR D 173 11.46 -18.76 -17.50
CA THR D 173 10.78 -19.16 -16.28
C THR D 173 10.65 -17.96 -15.36
N ALA D 174 9.55 -17.94 -14.60
CA ALA D 174 9.33 -16.78 -13.71
C ALA D 174 8.83 -17.24 -12.34
N ILE D 175 8.98 -16.34 -11.36
CA ILE D 175 8.30 -16.48 -10.07
C ILE D 175 7.59 -15.16 -9.74
N VAL D 176 6.64 -15.23 -8.80
CA VAL D 176 6.09 -14.01 -8.19
C VAL D 176 6.84 -13.82 -6.88
N PRO D 177 7.49 -12.67 -6.64
CA PRO D 177 8.24 -12.53 -5.38
C PRO D 177 7.36 -12.66 -4.16
N ARG D 178 7.89 -13.37 -3.16
CA ARG D 178 7.29 -13.44 -1.84
C ARG D 178 7.54 -12.19 -1.05
N HIS D 179 8.62 -11.47 -1.36
CA HIS D 179 9.11 -10.40 -0.47
C HIS D 179 9.17 -9.03 -1.05
N VAL D 180 8.85 -8.89 -2.34
CA VAL D 180 9.03 -7.64 -3.10
C VAL D 180 7.74 -7.32 -3.83
N ARG D 181 7.44 -6.00 -3.96
CA ARG D 181 6.35 -5.55 -4.79
C ARG D 181 6.91 -4.42 -5.66
N ARG D 182 6.24 -4.13 -6.78
CA ARG D 182 6.67 -2.98 -7.60
C ARG D 182 6.34 -1.67 -6.92
N ALA D 183 7.28 -0.71 -7.02
CA ALA D 183 6.98 0.66 -6.57
C ALA D 183 5.75 1.21 -7.27
N GLY D 184 4.90 1.93 -6.51
CA GLY D 184 3.67 2.48 -7.06
C GLY D 184 3.86 3.81 -7.79
N ARG D 185 2.84 4.13 -8.58
CA ARG D 185 2.88 5.37 -9.34
C ARG D 185 2.98 6.62 -8.45
N ASN D 186 2.56 6.54 -7.18
CA ASN D 186 2.68 7.67 -6.26
C ASN D 186 4.01 7.68 -5.47
N THR D 187 4.94 6.77 -5.76
CA THR D 187 6.21 6.76 -5.07
C THR D 187 7.29 7.03 -6.10
N VAL D 188 8.01 6.01 -6.51
CA VAL D 188 8.92 6.06 -7.67
C VAL D 188 8.09 5.57 -8.86
N ASP D 189 7.67 6.49 -9.74
CA ASP D 189 6.59 6.26 -10.69
C ASP D 189 7.04 5.34 -11.83
N PRO D 190 6.47 4.15 -11.96
CA PRO D 190 6.87 3.23 -13.04
C PRO D 190 6.42 3.70 -14.41
N THR D 191 5.47 4.65 -14.49
CA THR D 191 4.99 5.10 -15.80
C THR D 191 5.98 6.04 -16.51
N ILE D 192 7.05 6.45 -15.85
CA ILE D 192 8.18 7.15 -16.47
C ILE D 192 9.41 6.29 -16.39
N1 LLP D 193 9.10 -2.05 -18.03
C2 LLP D 193 10.26 -1.59 -17.59
C2' LLP D 193 10.46 -1.44 -16.12
C3 LLP D 193 11.26 -1.19 -18.48
O3 LLP D 193 12.42 -0.69 -18.02
C4 LLP D 193 11.03 -1.32 -19.87
C4' LLP D 193 12.06 -0.87 -20.79
C5 LLP D 193 9.81 -1.88 -20.31
C6 LLP D 193 8.88 -2.21 -19.36
C5' LLP D 193 9.51 -2.12 -21.78
OP4 LLP D 193 9.32 -0.87 -22.52
P LLP D 193 9.73 -0.89 -24.12
OP1 LLP D 193 8.90 -2.02 -24.72
OP2 LLP D 193 11.18 -1.09 -24.06
OP3 LLP D 193 9.32 0.51 -24.55
N LLP D 193 9.93 5.88 -17.55
CA LLP D 193 11.04 4.90 -17.56
CB LLP D 193 11.42 4.52 -19.01
CG LLP D 193 12.29 3.27 -19.10
CD LLP D 193 12.49 2.74 -20.53
CE LLP D 193 13.07 1.31 -20.58
NZ LLP D 193 12.09 0.37 -21.13
C LLP D 193 12.23 5.45 -16.78
O LLP D 193 12.61 6.65 -17.01
N ASN D 194 12.78 4.68 -15.86
CA ASN D 194 13.75 5.26 -14.95
C ASN D 194 14.76 4.22 -14.55
N TYR D 195 15.83 4.68 -13.91
CA TYR D 195 16.97 3.87 -13.50
C TYR D 195 16.83 3.39 -12.08
N GLN D 196 15.68 3.63 -11.47
CA GLN D 196 15.54 3.31 -10.04
C GLN D 196 15.04 1.88 -9.89
N TRP D 197 16.00 0.95 -9.89
CA TRP D 197 15.64 -0.46 -9.99
C TRP D 197 15.68 -1.22 -8.67
N GLY D 198 15.60 -0.52 -7.53
CA GLY D 198 15.76 -1.21 -6.27
C GLY D 198 14.84 -2.40 -6.12
N ASP D 199 13.55 -2.20 -6.43
CA ASP D 199 12.60 -3.32 -6.33
C ASP D 199 12.86 -4.36 -7.42
N LEU D 200 13.20 -3.90 -8.63
CA LEU D 200 13.45 -4.81 -9.77
C LEU D 200 14.67 -5.66 -9.53
N THR D 201 15.76 -5.06 -9.04
CA THR D 201 16.95 -5.81 -8.70
C THR D 201 16.66 -6.81 -7.56
N ALA D 202 15.94 -6.37 -6.52
CA ALA D 202 15.59 -7.30 -5.45
C ALA D 202 14.76 -8.49 -5.97
N ALA D 203 13.79 -8.22 -6.85
CA ALA D 203 12.93 -9.28 -7.40
C ALA D 203 13.75 -10.24 -8.24
N SER D 204 14.71 -9.69 -9.03
CA SER D 204 15.60 -10.53 -9.85
C SER D 204 16.48 -11.46 -8.99
N PHE D 205 17.02 -10.93 -7.89
CA PHE D 205 17.79 -11.76 -6.97
C PHE D 205 16.93 -12.84 -6.34
N GLU D 206 15.67 -12.51 -5.99
CA GLU D 206 14.78 -13.52 -5.42
C GLU D 206 14.51 -14.62 -6.44
N ALA D 207 14.29 -14.24 -7.70
CA ALA D 207 14.12 -15.23 -8.78
C ALA D 207 15.33 -16.14 -8.87
N LYS D 208 16.52 -15.54 -8.91
CA LYS D 208 17.75 -16.30 -9.01
C LYS D 208 17.89 -17.29 -7.86
N ASP D 209 17.53 -16.84 -6.66
CA ASP D 209 17.63 -17.69 -5.47
C ASP D 209 16.67 -18.87 -5.54
N ARG D 210 15.50 -18.66 -6.15
CA ARG D 210 14.50 -19.70 -6.29
C ARG D 210 14.67 -20.53 -7.55
N GLY D 211 15.71 -20.28 -8.32
CA GLY D 211 15.98 -21.07 -9.51
C GLY D 211 15.17 -20.71 -10.73
N ALA D 212 14.58 -19.52 -10.76
CA ALA D 212 13.84 -19.03 -11.90
C ALA D 212 14.65 -17.95 -12.59
N ARG D 213 14.40 -17.74 -13.89
CA ARG D 213 15.12 -16.66 -14.59
C ARG D 213 14.66 -15.28 -14.19
N THR D 214 13.34 -15.09 -13.97
CA THR D 214 12.85 -13.73 -13.79
C THR D 214 11.69 -13.68 -12.80
N ALA D 215 11.22 -12.46 -12.57
CA ALA D 215 10.15 -12.14 -11.64
C ALA D 215 9.03 -11.39 -12.35
N ILE D 216 7.79 -11.64 -11.97
CA ILE D 216 6.65 -10.80 -12.30
C ILE D 216 6.21 -10.19 -10.99
N LEU D 217 6.29 -8.86 -10.87
CA LEU D 217 5.92 -8.18 -9.63
C LEU D 217 4.45 -7.77 -9.63
N LEU D 218 3.83 -7.78 -8.44
CA LEU D 218 2.48 -7.25 -8.16
C LEU D 218 2.57 -5.84 -7.61
N ASP D 219 1.46 -5.11 -7.69
CA ASP D 219 1.41 -3.80 -7.04
C ASP D 219 0.77 -3.95 -5.67
N SER D 220 0.56 -2.83 -5.01
CA SER D 220 0.09 -2.89 -3.63
C SER D 220 -1.31 -3.50 -3.51
N ASP D 221 -2.12 -3.49 -4.57
CA ASP D 221 -3.44 -4.10 -4.52
C ASP D 221 -3.46 -5.53 -5.04
N ASN D 222 -2.27 -6.13 -5.23
CA ASN D 222 -2.11 -7.47 -5.78
C ASN D 222 -2.56 -7.54 -7.24
N CYS D 223 -2.52 -6.42 -7.96
CA CYS D 223 -2.64 -6.48 -9.42
C CYS D 223 -1.27 -6.67 -10.05
N VAL D 224 -1.24 -7.27 -11.25
CA VAL D 224 0.06 -7.41 -11.93
C VAL D 224 0.60 -6.01 -12.27
N ALA D 225 1.88 -5.81 -12.02
CA ALA D 225 2.56 -4.58 -12.36
C ALA D 225 3.39 -4.87 -13.59
N GLU D 226 4.63 -5.29 -13.46
CA GLU D 226 5.51 -5.54 -14.59
C GLU D 226 6.71 -6.33 -14.04
N GLY D 227 7.66 -6.63 -14.91
CA GLY D 227 8.88 -7.28 -14.50
C GLY D 227 10.11 -6.39 -14.53
N PRO D 228 11.25 -6.95 -14.19
CA PRO D 228 12.49 -6.15 -14.22
C PRO D 228 12.98 -5.92 -15.63
N GLY D 229 12.56 -4.77 -16.17
CA GLY D 229 12.87 -4.38 -17.53
C GLY D 229 11.88 -4.78 -18.61
N PHE D 230 10.67 -5.21 -18.27
CA PHE D 230 9.74 -5.61 -19.32
C PHE D 230 8.28 -5.50 -18.89
N ASN D 231 7.38 -5.32 -19.86
CA ASN D 231 5.97 -5.45 -19.55
C ASN D 231 5.57 -6.91 -19.60
N VAL D 232 4.44 -7.22 -18.99
CA VAL D 232 3.91 -8.59 -18.96
C VAL D 232 2.56 -8.60 -19.70
N CYS D 233 2.38 -9.57 -20.58
CA CYS D 233 1.09 -9.73 -21.24
C CYS D 233 0.52 -11.08 -20.87
N ILE D 234 -0.79 -11.13 -20.63
CA ILE D 234 -1.51 -12.31 -20.13
C ILE D 234 -2.56 -12.71 -21.14
N VAL D 235 -2.56 -13.99 -21.52
CA VAL D 235 -3.49 -14.54 -22.52
C VAL D 235 -4.45 -15.44 -21.77
N LYS D 236 -5.75 -15.19 -21.94
CA LYS D 236 -6.75 -16.06 -21.35
C LYS D 236 -7.94 -16.14 -22.30
N ASP D 237 -8.31 -17.37 -22.66
CA ASP D 237 -9.50 -17.59 -23.48
C ASP D 237 -9.45 -16.77 -24.76
N GLY D 238 -8.28 -16.71 -25.37
CA GLY D 238 -8.08 -16.11 -26.68
C GLY D 238 -8.03 -14.60 -26.70
N LYS D 239 -8.05 -13.98 -25.51
CA LYS D 239 -7.92 -12.54 -25.36
C LYS D 239 -6.56 -12.19 -24.78
N LEU D 240 -6.08 -10.99 -25.07
CA LEU D 240 -4.79 -10.55 -24.56
C LEU D 240 -4.98 -9.35 -23.64
N ALA D 241 -4.31 -9.36 -22.49
CA ALA D 241 -4.42 -8.22 -21.57
C ALA D 241 -3.04 -7.85 -21.05
N SER D 242 -2.90 -6.59 -20.62
CA SER D 242 -1.67 -6.12 -20.03
C SER D 242 -2.00 -5.05 -19.01
N PRO D 243 -1.27 -4.99 -17.89
CA PRO D 243 -1.55 -3.97 -16.85
C PRO D 243 -1.55 -2.54 -17.38
N SER D 244 -2.53 -1.77 -16.90
CA SER D 244 -2.66 -0.36 -17.25
C SER D 244 -2.07 0.61 -16.21
N ARG D 245 -1.90 0.20 -14.96
CA ARG D 245 -1.54 1.17 -13.91
C ARG D 245 -0.03 1.24 -13.63
N ASN D 246 0.48 0.28 -12.85
CA ASN D 246 1.87 0.33 -12.39
C ASN D 246 2.80 -0.40 -13.35
N ALA D 247 2.90 0.16 -14.56
CA ALA D 247 3.71 -0.44 -15.61
C ALA D 247 4.14 0.67 -16.57
N LEU D 248 5.31 0.52 -17.14
CA LEU D 248 5.71 1.44 -18.19
C LEU D 248 4.78 1.27 -19.39
N PRO D 249 4.40 2.36 -20.07
CA PRO D 249 3.74 2.21 -21.39
C PRO D 249 4.77 1.86 -22.46
N GLY D 250 5.04 0.56 -22.57
CA GLY D 250 6.14 0.08 -23.41
C GLY D 250 5.80 0.21 -24.89
N ILE D 251 6.87 0.46 -25.64
CA ILE D 251 6.81 0.51 -27.11
C ILE D 251 6.66 -0.89 -27.70
N THR D 252 7.31 -1.87 -27.09
CA THR D 252 7.11 -3.28 -27.48
C THR D 252 5.67 -3.72 -27.22
N ARG D 253 5.12 -3.37 -26.04
CA ARG D 253 3.72 -3.68 -25.73
C ARG D 253 2.80 -3.05 -26.76
N LYS D 254 3.09 -1.80 -27.12
CA LYS D 254 2.31 -1.10 -28.12
C LYS D 254 2.36 -1.87 -29.44
N THR D 255 3.54 -2.31 -29.81
CA THR D 255 3.70 -3.08 -31.05
C THR D 255 2.94 -4.41 -30.98
N VAL D 256 3.08 -5.11 -29.86
CA VAL D 256 2.37 -6.37 -29.66
C VAL D 256 0.86 -6.17 -29.75
N PHE D 257 0.36 -5.04 -29.23
CA PHE D 257 -1.08 -4.78 -29.31
C PHE D 257 -1.50 -4.49 -30.75
N GLU D 258 -0.66 -3.81 -31.51
CA GLU D 258 -0.93 -3.58 -32.92
C GLU D 258 -0.93 -4.88 -33.68
N ILE D 259 0.06 -5.73 -33.46
CA ILE D 259 0.05 -7.07 -34.02
C ILE D 259 -1.22 -7.83 -33.73
N ALA D 260 -1.67 -7.85 -32.48
CA ALA D 260 -2.87 -8.54 -32.13
C ALA D 260 -4.14 -8.09 -32.83
N ASP D 261 -4.30 -6.78 -32.98
CA ASP D 261 -5.45 -6.23 -33.69
C ASP D 261 -5.34 -6.59 -35.16
N GLN D 262 -4.11 -6.78 -35.62
CA GLN D 262 -3.86 -7.20 -37.00
C GLN D 262 -4.21 -8.67 -37.16
N MET D 263 -4.19 -9.40 -36.06
CA MET D 263 -4.54 -10.81 -36.08
C MET D 263 -5.96 -11.06 -35.70
N GLY D 264 -6.67 -10.01 -35.37
CA GLY D 264 -8.04 -10.10 -34.94
C GLY D 264 -8.23 -10.47 -33.48
N ILE D 265 -7.16 -10.40 -32.68
CA ILE D 265 -7.25 -10.70 -31.25
C ILE D 265 -7.62 -9.43 -30.47
N GLU D 266 -8.50 -9.57 -29.49
CA GLU D 266 -8.84 -8.46 -28.62
C GLU D 266 -7.73 -8.28 -27.59
N ALA D 267 -7.14 -7.08 -27.56
CA ALA D 267 -6.04 -6.76 -26.65
C ALA D 267 -6.47 -5.55 -25.82
N THR D 268 -6.43 -5.67 -24.49
CA THR D 268 -6.97 -4.65 -23.60
C THR D 268 -5.96 -4.27 -22.53
N LEU D 269 -5.84 -2.97 -22.26
CA LEU D 269 -5.03 -2.49 -21.15
C LEU D 269 -5.96 -2.34 -19.95
N ARG D 270 -5.67 -3.06 -18.87
CA ARG D 270 -6.60 -3.12 -17.77
C ARG D 270 -5.85 -3.63 -16.55
N ASP D 271 -6.50 -3.53 -15.39
CA ASP D 271 -5.99 -4.22 -14.22
C ASP D 271 -6.15 -5.71 -14.43
N VAL D 272 -5.08 -6.44 -14.16
CA VAL D 272 -5.05 -7.89 -14.21
C VAL D 272 -4.77 -8.35 -12.79
N THR D 273 -5.68 -9.11 -12.20
CA THR D 273 -5.54 -9.49 -10.79
C THR D 273 -4.51 -10.61 -10.62
N SER D 274 -4.07 -10.81 -9.36
CA SER D 274 -3.17 -11.93 -9.16
C SER D 274 -3.83 -13.26 -9.47
N HIS D 275 -5.14 -13.37 -9.25
CA HIS D 275 -5.85 -14.59 -9.66
C HIS D 275 -5.67 -14.83 -11.14
N GLU D 276 -5.85 -13.79 -11.94
CA GLU D 276 -5.75 -13.92 -13.39
C GLU D 276 -4.33 -14.29 -13.83
N LEU D 277 -3.31 -13.73 -13.17
CA LEU D 277 -1.94 -14.09 -13.50
C LEU D 277 -1.73 -15.58 -13.33
N TYR D 278 -2.13 -16.12 -12.18
CA TYR D 278 -1.90 -17.54 -11.93
C TYR D 278 -2.74 -18.45 -12.81
N ASP D 279 -3.90 -17.98 -13.25
CA ASP D 279 -4.84 -18.77 -14.07
C ASP D 279 -4.60 -18.57 -15.59
N ALA D 280 -3.52 -17.90 -16.00
CA ALA D 280 -3.34 -17.54 -17.41
C ALA D 280 -3.20 -18.78 -18.29
N ASP D 281 -3.70 -18.68 -19.52
CA ASP D 281 -3.37 -19.68 -20.54
C ASP D 281 -1.98 -19.49 -21.10
N GLU D 282 -1.52 -18.24 -21.23
CA GLU D 282 -0.17 -17.94 -21.68
C GLU D 282 0.30 -16.68 -20.99
N LEU D 283 1.62 -16.58 -20.81
CA LEU D 283 2.27 -15.39 -20.29
C LEU D 283 3.44 -15.02 -21.18
N MET D 284 3.73 -13.72 -21.33
CA MET D 284 4.93 -13.35 -22.09
C MET D 284 5.50 -12.08 -21.51
N ALA D 285 6.79 -11.90 -21.70
CA ALA D 285 7.51 -10.67 -21.37
C ALA D 285 7.77 -9.87 -22.64
N VAL D 286 7.59 -8.56 -22.60
CA VAL D 286 7.78 -7.78 -23.84
C VAL D 286 8.66 -6.59 -23.50
N THR D 287 9.73 -6.39 -24.26
CA THR D 287 10.62 -5.27 -24.04
C THR D 287 11.48 -5.03 -25.27
N THR D 288 12.02 -3.81 -25.38
CA THR D 288 12.79 -3.48 -26.60
C THR D 288 14.01 -4.38 -26.76
N ALA D 289 14.72 -4.70 -25.66
CA ALA D 289 15.96 -5.45 -25.73
C ALA D 289 15.62 -6.94 -25.76
N GLY D 290 15.32 -7.43 -26.95
CA GLY D 290 15.01 -8.83 -27.21
C GLY D 290 13.60 -9.16 -27.61
N GLY D 291 12.64 -8.25 -27.50
CA GLY D 291 11.31 -8.47 -28.01
C GLY D 291 10.33 -9.22 -27.15
N VAL D 292 9.79 -10.33 -27.64
CA VAL D 292 8.68 -11.06 -27.07
C VAL D 292 9.23 -12.39 -26.55
N THR D 293 9.19 -12.59 -25.23
CA THR D 293 9.72 -13.79 -24.57
C THR D 293 8.59 -14.60 -23.98
N PRO D 294 8.41 -15.85 -24.39
CA PRO D 294 7.39 -16.69 -23.74
C PRO D 294 7.83 -16.98 -22.32
N ILE D 295 6.87 -17.02 -21.38
CA ILE D 295 7.14 -17.42 -19.99
C ILE D 295 6.43 -18.77 -19.77
N ASN D 296 7.24 -19.83 -19.72
CA ASN D 296 6.74 -21.21 -19.73
C ASN D 296 6.08 -21.61 -18.41
N SER D 297 6.57 -21.06 -17.30
CA SER D 297 6.12 -21.52 -15.99
C SER D 297 6.11 -20.35 -15.03
N LEU D 298 5.27 -20.48 -13.99
CA LEU D 298 5.17 -19.47 -12.94
C LEU D 298 5.23 -20.21 -11.61
N ASP D 299 6.21 -19.86 -10.77
CA ASP D 299 6.35 -20.53 -9.47
C ASP D 299 6.49 -22.06 -9.66
N GLY D 300 7.16 -22.48 -10.74
CA GLY D 300 7.39 -23.89 -10.99
C GLY D 300 6.21 -24.63 -11.56
N GLU D 301 5.09 -23.97 -11.80
CA GLU D 301 3.92 -24.65 -12.37
C GLU D 301 3.86 -24.30 -13.86
N ALA D 302 3.61 -25.29 -14.69
CA ALA D 302 3.48 -25.00 -16.10
C ALA D 302 2.34 -24.02 -16.36
N ILE D 303 2.61 -23.09 -17.28
CA ILE D 303 1.57 -22.27 -17.91
C ILE D 303 1.25 -22.98 -19.22
N GLY D 304 -0.03 -23.32 -19.45
CA GLY D 304 -0.30 -24.18 -20.62
C GLY D 304 0.46 -25.47 -20.50
N ASN D 305 1.15 -25.88 -21.57
CA ASN D 305 1.87 -27.14 -21.53
C ASN D 305 3.32 -26.94 -21.05
N GLY D 306 3.66 -25.76 -20.50
CA GLY D 306 5.02 -25.59 -20.06
C GLY D 306 5.99 -25.20 -21.15
N ALA D 307 5.49 -24.87 -22.32
CA ALA D 307 6.30 -24.43 -23.45
C ALA D 307 5.60 -23.23 -24.08
N PRO D 308 6.26 -22.52 -25.00
CA PRO D 308 5.64 -21.29 -25.54
C PRO D 308 4.24 -21.50 -26.10
N GLY D 309 3.35 -20.60 -25.72
CA GLY D 309 1.97 -20.66 -26.13
C GLY D 309 1.79 -20.21 -27.57
N PRO D 310 0.69 -20.67 -28.17
CA PRO D 310 0.49 -20.43 -29.61
C PRO D 310 0.32 -18.96 -29.95
N MET D 311 -0.43 -18.21 -29.15
CA MET D 311 -0.53 -16.79 -29.45
C MET D 311 0.81 -16.09 -29.27
N THR D 312 1.59 -16.45 -28.22
CA THR D 312 2.91 -15.84 -28.02
C THR D 312 3.84 -16.08 -29.21
N VAL D 313 3.88 -17.32 -29.70
CA VAL D 313 4.74 -17.64 -30.83
C VAL D 313 4.35 -16.84 -32.07
N ALA D 314 3.06 -16.75 -32.32
CA ALA D 314 2.60 -16.03 -33.51
C ALA D 314 2.97 -14.57 -33.42
N ILE D 315 2.75 -13.97 -32.24
CA ILE D 315 3.07 -12.55 -32.05
C ILE D 315 4.57 -12.31 -32.13
N ARG D 316 5.39 -13.13 -31.47
CA ARG D 316 6.83 -12.96 -31.51
C ARG D 316 7.35 -13.07 -32.94
N ASP D 317 6.89 -14.08 -33.67
CA ASP D 317 7.39 -14.24 -35.02
C ASP D 317 7.00 -13.07 -35.90
N ARG D 318 5.76 -12.61 -35.80
CA ARG D 318 5.35 -11.41 -36.53
C ARG D 318 6.17 -10.20 -36.12
N PHE D 319 6.57 -10.11 -34.84
CA PHE D 319 7.36 -8.98 -34.39
C PHE D 319 8.73 -8.96 -35.05
N TRP D 320 9.39 -10.11 -35.17
CA TRP D 320 10.71 -10.13 -35.80
C TRP D 320 10.60 -9.85 -37.30
N ALA D 321 9.50 -10.26 -37.92
CA ALA D 321 9.32 -9.99 -39.35
C ALA D 321 9.28 -8.49 -39.61
N LEU D 322 8.78 -7.72 -38.64
CA LEU D 322 8.67 -6.28 -38.79
C LEU D 322 10.04 -5.64 -39.03
N MET D 323 11.11 -6.24 -38.50
CA MET D 323 12.43 -5.62 -38.55
C MET D 323 13.03 -5.60 -39.96
N ASP D 324 12.52 -6.40 -40.86
CA ASP D 324 13.16 -6.51 -42.15
C ASP D 324 12.23 -6.04 -43.21
N GLU D 325 10.98 -5.74 -42.87
CA GLU D 325 10.07 -5.26 -43.91
C GLU D 325 10.07 -3.74 -43.95
N PRO D 326 10.75 -3.15 -44.92
CA PRO D 326 10.79 -1.70 -45.07
C PRO D 326 9.41 -1.06 -44.87
N GLY D 327 9.22 -0.37 -43.77
CA GLY D 327 7.96 0.31 -43.48
C GLY D 327 8.17 1.52 -42.59
N PRO D 328 7.09 2.17 -42.18
CA PRO D 328 7.21 3.35 -41.30
C PRO D 328 7.90 3.05 -39.97
N LEU D 329 7.79 1.82 -39.44
CA LEU D 329 8.28 1.50 -38.11
C LEU D 329 9.78 1.35 -38.09
N ILE D 330 10.42 1.23 -39.25
CA ILE D 330 11.85 1.05 -39.24
C ILE D 330 12.47 2.07 -40.19
N GLU D 331 13.70 2.46 -39.89
CA GLU D 331 14.46 3.33 -40.77
C GLU D 331 15.89 2.82 -40.87
N ALA D 332 16.49 2.87 -42.08
CA ALA D 332 17.83 2.32 -42.23
C ALA D 332 18.89 3.32 -41.79
N ILE D 333 19.85 2.84 -41.01
CA ILE D 333 20.99 3.67 -40.65
C ILE D 333 21.90 3.79 -41.88
N GLU D 334 22.50 4.96 -42.06
CA GLU D 334 23.48 5.17 -43.13
C GLU D 334 24.89 5.05 -42.58
N TYR D 335 25.55 3.94 -42.91
CA TYR D 335 26.87 3.68 -42.34
C TYR D 335 27.99 4.22 -43.24
#